data_1JW3
#
_entry.id   1JW3
#
_cell.length_a   ?
_cell.length_b   ?
_cell.length_c   ?
_cell.angle_alpha   ?
_cell.angle_beta   ?
_cell.angle_gamma   ?
#
_entity_poly.entity_id   1
_entity_poly.type   'polypeptide(L)'
_entity_poly.pdbx_seq_one_letter_code
;MKGFEFFDVTADAGFWAYGHDLEEVFENAALAMFEVMTDTSLVEAAEERRVEITSEDRVSLLYDWLDELLFIHDTEFILF
SKFKVKIDEKDDGLHLTGTAMGEEIKEGHERRDEVKAVTFHMMEILDEDGLIKARVILDL
;
_entity_poly.pdbx_strand_id   A
#
# COMPACT_ATOMS: atom_id res chain seq x y z
N MET A 1 3.38 15.08 -9.58
CA MET A 1 3.69 13.86 -10.35
C MET A 1 4.00 12.68 -9.41
N LYS A 2 4.58 12.99 -8.27
CA LYS A 2 4.93 11.96 -7.29
C LYS A 2 3.68 11.31 -6.73
N GLY A 3 2.75 12.13 -6.27
CA GLY A 3 1.51 11.62 -5.72
C GLY A 3 1.70 10.97 -4.36
N PHE A 4 2.88 11.11 -3.79
CA PHE A 4 3.18 10.53 -2.48
C PHE A 4 4.07 11.47 -1.65
N GLU A 5 3.76 11.58 -0.36
CA GLU A 5 4.54 12.44 0.54
C GLU A 5 4.58 11.84 1.94
N PHE A 6 5.78 11.70 2.49
CA PHE A 6 5.94 11.12 3.82
C PHE A 6 6.40 12.15 4.85
N PHE A 7 5.96 11.97 6.09
CA PHE A 7 6.34 12.85 7.18
C PHE A 7 7.28 12.13 8.14
N ASP A 8 8.12 12.89 8.85
CA ASP A 8 9.09 12.29 9.77
C ASP A 8 8.53 12.11 11.17
N VAL A 9 8.17 10.87 11.50
CA VAL A 9 7.66 10.54 12.82
C VAL A 9 8.72 9.78 13.61
N THR A 10 8.68 9.92 14.92
CA THR A 10 9.62 9.22 15.77
C THR A 10 8.99 7.91 16.27
N ALA A 11 9.50 6.78 15.79
CA ALA A 11 8.96 5.45 16.14
C ALA A 11 8.21 4.90 14.96
N ASP A 12 7.38 5.75 14.37
CA ASP A 12 6.59 5.36 13.22
C ASP A 12 6.85 6.29 12.03
N ALA A 13 6.35 5.90 10.87
CA ALA A 13 6.50 6.71 9.67
C ALA A 13 5.29 6.53 8.76
N GLY A 14 4.60 7.63 8.47
CA GLY A 14 3.43 7.54 7.60
C GLY A 14 3.60 8.31 6.32
N PHE A 15 3.20 7.68 5.23
CA PHE A 15 3.28 8.28 3.92
C PHE A 15 1.91 8.70 3.45
N TRP A 16 1.87 9.67 2.56
CA TRP A 16 0.62 10.17 2.02
C TRP A 16 0.51 9.78 0.56
N ALA A 17 -0.62 9.21 0.19
CA ALA A 17 -0.84 8.79 -1.18
C ALA A 17 -2.01 9.51 -1.77
N TYR A 18 -1.94 9.69 -3.07
CA TYR A 18 -2.95 10.42 -3.78
C TYR A 18 -3.72 9.49 -4.72
N GLY A 19 -4.91 9.93 -5.09
CA GLY A 19 -5.75 9.13 -5.96
C GLY A 19 -5.95 9.70 -7.32
N HIS A 20 -7.08 9.33 -7.85
CA HIS A 20 -7.50 9.69 -9.18
C HIS A 20 -8.88 9.11 -9.44
N ASP A 21 -9.16 7.98 -8.80
CA ASP A 21 -10.44 7.30 -8.94
C ASP A 21 -10.75 6.46 -7.71
N LEU A 22 -10.23 6.91 -6.57
CA LEU A 22 -10.41 6.20 -5.30
C LEU A 22 -9.49 5.00 -5.23
N GLU A 23 -9.61 4.11 -6.22
CA GLU A 23 -8.76 2.94 -6.27
C GLU A 23 -7.30 3.37 -6.30
N GLU A 24 -7.05 4.51 -6.94
CA GLU A 24 -5.70 5.05 -7.07
C GLU A 24 -5.00 5.21 -5.72
N VAL A 25 -5.68 5.80 -4.75
CA VAL A 25 -5.07 6.02 -3.43
C VAL A 25 -4.71 4.73 -2.71
N PHE A 26 -5.63 3.77 -2.71
CA PHE A 26 -5.41 2.50 -2.03
C PHE A 26 -4.15 1.78 -2.51
N GLU A 27 -4.03 1.55 -3.82
CA GLU A 27 -2.85 0.88 -4.37
C GLU A 27 -1.60 1.72 -4.20
N ASN A 28 -1.77 3.04 -4.25
CA ASN A 28 -0.65 3.96 -4.08
C ASN A 28 -0.09 3.85 -2.66
N ALA A 29 -0.94 3.48 -1.71
CA ALA A 29 -0.53 3.33 -0.32
C ALA A 29 0.54 2.27 -0.16
N ALA A 30 0.37 1.15 -0.87
CA ALA A 30 1.32 0.04 -0.79
C ALA A 30 2.72 0.49 -1.23
N LEU A 31 2.77 1.32 -2.27
CA LEU A 31 4.04 1.81 -2.79
C LEU A 31 4.82 2.57 -1.73
N ALA A 32 4.10 3.31 -0.88
CA ALA A 32 4.72 4.10 0.18
C ALA A 32 5.65 3.25 1.04
N MET A 33 5.15 2.09 1.46
CA MET A 33 5.94 1.19 2.29
C MET A 33 7.05 0.51 1.50
N PHE A 34 6.70 -0.03 0.34
CA PHE A 34 7.67 -0.71 -0.51
C PHE A 34 8.79 0.21 -0.95
N GLU A 35 8.43 1.41 -1.42
CA GLU A 35 9.42 2.38 -1.89
C GLU A 35 10.47 2.66 -0.83
N VAL A 36 10.10 2.55 0.44
CA VAL A 36 11.03 2.81 1.53
C VAL A 36 11.52 1.52 2.19
N MET A 37 10.72 0.45 2.08
CA MET A 37 11.08 -0.82 2.67
C MET A 37 12.15 -1.51 1.83
N THR A 38 12.21 -1.16 0.55
CA THR A 38 13.19 -1.74 -0.37
C THR A 38 13.28 -0.94 -1.66
N ASP A 39 13.93 -1.52 -2.67
CA ASP A 39 14.08 -0.85 -3.95
C ASP A 39 13.57 -1.72 -5.09
N THR A 40 12.28 -1.62 -5.39
CA THR A 40 11.68 -2.40 -6.46
C THR A 40 12.20 -1.95 -7.83
N SER A 41 12.70 -0.72 -7.89
CA SER A 41 13.25 -0.18 -9.14
C SER A 41 14.44 -1.00 -9.62
N LEU A 42 14.15 -2.14 -10.22
CA LEU A 42 15.19 -3.03 -10.73
C LEU A 42 14.57 -4.33 -11.22
N VAL A 43 13.54 -4.77 -10.51
CA VAL A 43 12.83 -6.00 -10.84
C VAL A 43 11.59 -5.71 -11.67
N GLU A 44 11.39 -6.49 -12.73
CA GLU A 44 10.24 -6.31 -13.61
C GLU A 44 8.99 -6.95 -13.03
N ALA A 45 8.86 -8.26 -13.22
CA ALA A 45 7.70 -9.00 -12.71
C ALA A 45 7.76 -10.46 -13.16
N ALA A 46 8.13 -11.34 -12.24
CA ALA A 46 8.24 -12.76 -12.54
C ALA A 46 7.00 -13.54 -12.13
N GLU A 47 6.25 -12.99 -11.18
CA GLU A 47 5.04 -13.64 -10.69
C GLU A 47 3.91 -12.66 -10.53
N GLU A 48 2.71 -13.19 -10.28
CA GLU A 48 1.54 -12.34 -10.10
C GLU A 48 0.63 -12.89 -9.00
N ARG A 49 0.05 -11.99 -8.22
CA ARG A 49 -0.85 -12.37 -7.13
C ARG A 49 -2.03 -11.40 -7.05
N ARG A 50 -3.18 -11.91 -6.65
CA ARG A 50 -4.39 -11.09 -6.54
C ARG A 50 -4.96 -11.16 -5.13
N VAL A 51 -5.48 -10.04 -4.66
CA VAL A 51 -6.08 -9.96 -3.32
C VAL A 51 -7.51 -9.42 -3.39
N GLU A 52 -8.36 -9.89 -2.49
CA GLU A 52 -9.75 -9.45 -2.46
C GLU A 52 -10.10 -8.95 -1.07
N ILE A 53 -10.87 -7.86 -1.01
CA ILE A 53 -11.24 -7.29 0.27
C ILE A 53 -12.69 -6.82 0.30
N THR A 54 -13.29 -6.85 1.48
CA THR A 54 -14.66 -6.39 1.67
C THR A 54 -14.70 -5.26 2.69
N SER A 55 -15.04 -4.06 2.25
CA SER A 55 -15.10 -2.89 3.11
C SER A 55 -16.51 -2.29 3.10
N GLU A 56 -16.80 -1.44 4.07
CA GLU A 56 -18.10 -0.80 4.15
C GLU A 56 -17.99 0.58 4.77
N ASP A 57 -16.95 1.31 4.40
CA ASP A 57 -16.73 2.65 4.93
C ASP A 57 -15.68 3.44 4.14
N ARG A 58 -15.21 2.88 3.03
CA ARG A 58 -14.21 3.54 2.19
C ARG A 58 -12.90 3.76 2.95
N VAL A 59 -12.93 4.66 3.92
CA VAL A 59 -11.75 4.96 4.72
C VAL A 59 -11.18 3.69 5.35
N SER A 60 -12.07 2.78 5.72
CA SER A 60 -11.67 1.52 6.33
C SER A 60 -11.01 0.61 5.30
N LEU A 61 -11.41 0.75 4.03
CA LEU A 61 -10.83 -0.05 2.97
C LEU A 61 -9.32 0.09 2.97
N LEU A 62 -8.85 1.31 3.22
CA LEU A 62 -7.42 1.57 3.27
C LEU A 62 -6.80 0.84 4.46
N TYR A 63 -7.43 0.99 5.62
CA TYR A 63 -6.95 0.35 6.84
C TYR A 63 -6.86 -1.16 6.66
N ASP A 64 -7.78 -1.72 5.88
CA ASP A 64 -7.82 -3.15 5.62
C ASP A 64 -7.03 -3.51 4.36
N TRP A 65 -6.81 -2.53 3.50
CA TRP A 65 -6.07 -2.77 2.27
C TRP A 65 -4.58 -2.97 2.54
N LEU A 66 -3.98 -2.03 3.24
CA LEU A 66 -2.56 -2.11 3.55
C LEU A 66 -2.29 -3.20 4.58
N ASP A 67 -3.16 -3.30 5.59
CA ASP A 67 -3.01 -4.34 6.61
C ASP A 67 -2.93 -5.70 5.94
N GLU A 68 -3.66 -5.84 4.83
CA GLU A 68 -3.67 -7.08 4.07
C GLU A 68 -2.29 -7.31 3.50
N LEU A 69 -1.64 -6.23 3.09
CA LEU A 69 -0.30 -6.29 2.53
C LEU A 69 0.70 -6.77 3.58
N LEU A 70 0.44 -6.42 4.83
CA LEU A 70 1.31 -6.80 5.93
C LEU A 70 1.48 -8.32 6.03
N PHE A 71 0.38 -9.05 5.94
CA PHE A 71 0.42 -10.51 6.04
C PHE A 71 1.05 -11.14 4.81
N ILE A 72 0.56 -10.77 3.62
CA ILE A 72 1.08 -11.30 2.37
C ILE A 72 2.56 -11.01 2.22
N HIS A 73 3.02 -9.87 2.72
CA HIS A 73 4.42 -9.48 2.62
C HIS A 73 5.33 -10.62 3.06
N ASP A 74 5.08 -11.18 4.24
CA ASP A 74 5.89 -12.28 4.75
C ASP A 74 5.56 -13.55 4.00
N THR A 75 4.33 -13.65 3.52
CA THR A 75 3.92 -14.81 2.75
C THR A 75 4.72 -14.87 1.45
N GLU A 76 5.30 -13.72 1.09
CA GLU A 76 6.12 -13.62 -0.09
C GLU A 76 6.90 -12.32 -0.11
N PHE A 77 7.85 -12.22 0.81
CA PHE A 77 8.70 -11.02 0.89
C PHE A 77 9.51 -10.87 -0.38
N ILE A 78 9.00 -10.06 -1.31
CA ILE A 78 9.68 -9.84 -2.58
C ILE A 78 10.21 -8.41 -2.71
N LEU A 79 11.27 -8.26 -3.50
CA LEU A 79 11.92 -6.97 -3.72
C LEU A 79 11.02 -5.98 -4.44
N PHE A 80 10.37 -6.43 -5.51
CA PHE A 80 9.50 -5.55 -6.29
C PHE A 80 8.07 -6.04 -6.31
N SER A 81 7.15 -5.09 -6.37
CA SER A 81 5.73 -5.41 -6.42
C SER A 81 4.94 -4.29 -7.09
N LYS A 82 4.11 -4.68 -8.06
CA LYS A 82 3.26 -3.73 -8.76
C LYS A 82 1.93 -3.60 -8.05
N PHE A 83 1.33 -2.42 -8.06
CA PHE A 83 0.05 -2.23 -7.37
C PHE A 83 -1.07 -1.87 -8.32
N LYS A 84 -2.10 -2.72 -8.29
CA LYS A 84 -3.30 -2.54 -9.07
C LYS A 84 -4.48 -2.78 -8.14
N VAL A 85 -5.49 -1.95 -8.18
CA VAL A 85 -6.63 -2.11 -7.28
C VAL A 85 -7.96 -2.04 -8.02
N LYS A 86 -8.92 -2.77 -7.46
CA LYS A 86 -10.25 -2.87 -8.01
C LYS A 86 -11.29 -2.59 -6.91
N ILE A 87 -12.10 -1.55 -7.09
CA ILE A 87 -13.12 -1.24 -6.10
C ILE A 87 -14.52 -1.39 -6.69
N ASP A 88 -15.34 -2.20 -6.05
CA ASP A 88 -16.70 -2.43 -6.51
C ASP A 88 -17.70 -2.30 -5.38
N GLU A 89 -18.67 -1.40 -5.55
CA GLU A 89 -19.70 -1.20 -4.55
C GLU A 89 -20.69 -2.34 -4.65
N LYS A 90 -20.74 -3.14 -3.61
CA LYS A 90 -21.63 -4.28 -3.57
C LYS A 90 -23.06 -3.83 -3.34
N ASP A 91 -23.94 -4.78 -3.07
CA ASP A 91 -25.33 -4.46 -2.85
C ASP A 91 -25.51 -3.47 -1.69
N ASP A 92 -24.41 -2.97 -1.13
CA ASP A 92 -24.47 -2.01 -0.02
C ASP A 92 -23.07 -1.78 0.55
N GLY A 93 -22.25 -2.82 0.51
CA GLY A 93 -20.90 -2.72 1.03
C GLY A 93 -19.88 -2.29 -0.01
N LEU A 94 -18.63 -2.61 0.25
CA LEU A 94 -17.53 -2.24 -0.64
C LEU A 94 -16.57 -3.42 -0.84
N HIS A 95 -16.01 -3.53 -2.04
CA HIS A 95 -15.06 -4.60 -2.34
C HIS A 95 -13.77 -4.03 -2.92
N LEU A 96 -12.65 -4.66 -2.57
CA LEU A 96 -11.34 -4.22 -3.04
C LEU A 96 -10.57 -5.38 -3.67
N THR A 97 -10.12 -5.21 -4.90
CA THR A 97 -9.35 -6.25 -5.58
C THR A 97 -8.02 -5.68 -6.06
N GLY A 98 -6.94 -6.23 -5.57
CA GLY A 98 -5.62 -5.75 -5.93
C GLY A 98 -4.70 -6.83 -6.47
N THR A 99 -3.80 -6.43 -7.38
CA THR A 99 -2.85 -7.37 -8.00
C THR A 99 -1.40 -6.99 -7.69
N ALA A 100 -0.56 -8.01 -7.50
CA ALA A 100 0.86 -7.79 -7.23
C ALA A 100 1.72 -8.74 -8.07
N MET A 101 2.74 -8.20 -8.71
CA MET A 101 3.63 -9.01 -9.55
C MET A 101 5.09 -8.76 -9.21
N GLY A 102 5.96 -9.74 -9.51
CA GLY A 102 7.36 -9.59 -9.22
C GLY A 102 7.74 -10.26 -7.92
N GLU A 103 7.61 -11.58 -7.88
CA GLU A 103 7.92 -12.34 -6.67
C GLU A 103 9.19 -13.17 -6.85
N GLU A 104 10.21 -12.86 -6.05
CA GLU A 104 11.49 -13.57 -6.10
C GLU A 104 12.49 -12.93 -5.15
N ILE A 105 12.48 -13.35 -3.89
CA ILE A 105 13.39 -12.81 -2.90
C ILE A 105 14.78 -13.44 -3.01
N LYS A 106 15.80 -12.62 -2.88
CA LYS A 106 17.18 -13.09 -2.97
C LYS A 106 17.81 -13.16 -1.58
N GLU A 107 18.96 -13.82 -1.49
CA GLU A 107 19.65 -13.96 -0.21
C GLU A 107 20.01 -12.59 0.36
N GLY A 108 20.51 -11.71 -0.50
CA GLY A 108 20.88 -10.37 -0.05
C GLY A 108 19.88 -9.32 -0.51
N HIS A 109 18.66 -9.43 0.01
CA HIS A 109 17.60 -8.48 -0.34
C HIS A 109 17.96 -7.06 0.06
N GLU A 110 17.55 -6.09 -0.75
CA GLU A 110 17.83 -4.68 -0.47
C GLU A 110 16.82 -4.11 0.51
N ARG A 111 17.28 -3.85 1.74
CA ARG A 111 16.41 -3.30 2.77
C ARG A 111 16.78 -1.85 3.08
N ARG A 112 15.77 -1.00 3.23
CA ARG A 112 15.99 0.41 3.52
C ARG A 112 15.45 0.76 4.90
N ASP A 113 14.13 0.90 5.02
CA ASP A 113 13.51 1.23 6.29
C ASP A 113 13.12 -0.04 7.05
N GLU A 114 12.95 0.09 8.37
CA GLU A 114 12.59 -1.05 9.20
C GLU A 114 11.28 -0.80 9.94
N VAL A 115 10.26 -1.58 9.58
CA VAL A 115 8.95 -1.47 10.22
C VAL A 115 8.65 -2.71 11.05
N LYS A 116 8.27 -2.49 12.29
CA LYS A 116 7.95 -3.60 13.20
C LYS A 116 6.49 -4.00 13.08
N ALA A 117 5.65 -3.10 12.55
CA ALA A 117 4.23 -3.39 12.40
C ALA A 117 3.43 -2.17 11.97
N VAL A 118 2.14 -2.40 11.70
CA VAL A 118 1.23 -1.32 11.32
C VAL A 118 0.11 -1.22 12.34
N THR A 119 0.15 -0.17 13.15
CA THR A 119 -0.85 0.03 14.21
C THR A 119 -1.70 1.28 13.96
N PHE A 120 -2.96 1.08 13.51
CA PHE A 120 -3.89 2.20 13.25
C PHE A 120 -3.13 3.52 13.13
N HIS A 121 -2.14 3.51 12.25
CA HIS A 121 -1.27 4.65 12.03
C HIS A 121 -2.05 5.92 11.67
N MET A 122 -3.02 5.76 10.78
CA MET A 122 -3.86 6.85 10.32
C MET A 122 -5.00 6.25 9.53
N MET A 123 -4.65 5.61 8.41
CA MET A 123 -5.62 4.93 7.57
C MET A 123 -6.84 5.81 7.31
N GLU A 124 -6.60 7.10 7.10
CA GLU A 124 -7.69 8.04 6.84
C GLU A 124 -7.57 8.60 5.43
N ILE A 125 -8.68 8.64 4.71
CA ILE A 125 -8.68 9.15 3.35
C ILE A 125 -9.33 10.52 3.28
N LEU A 126 -8.51 11.53 2.97
CA LEU A 126 -9.00 12.90 2.85
C LEU A 126 -9.13 13.29 1.39
N ASP A 127 -10.23 13.96 1.05
CA ASP A 127 -10.47 14.37 -0.33
C ASP A 127 -10.35 15.88 -0.49
N GLU A 128 -9.46 16.31 -1.38
CA GLU A 128 -9.26 17.73 -1.65
C GLU A 128 -9.43 18.03 -3.14
N ASP A 129 -10.27 19.01 -3.46
CA ASP A 129 -10.49 19.39 -4.85
C ASP A 129 -11.04 18.21 -5.65
N GLY A 130 -11.61 17.24 -4.96
CA GLY A 130 -12.16 16.06 -5.61
C GLY A 130 -11.13 14.96 -5.73
N LEU A 131 -9.92 15.20 -5.22
CA LEU A 131 -8.85 14.21 -5.26
C LEU A 131 -8.77 13.48 -3.92
N ILE A 132 -8.43 12.20 -3.96
CA ILE A 132 -8.33 11.41 -2.73
C ILE A 132 -6.90 11.25 -2.28
N LYS A 133 -6.71 11.30 -0.97
CA LYS A 133 -5.39 11.12 -0.38
C LYS A 133 -5.49 10.17 0.80
N ALA A 134 -4.52 9.26 0.91
CA ALA A 134 -4.50 8.28 2.00
C ALA A 134 -3.27 8.47 2.90
N ARG A 135 -3.42 8.15 4.19
CA ARG A 135 -2.31 8.28 5.15
C ARG A 135 -2.00 6.99 5.87
N VAL A 136 -0.78 6.51 5.71
CA VAL A 136 -0.34 5.29 6.37
C VAL A 136 1.01 5.44 7.09
N ILE A 137 0.97 5.33 8.41
CA ILE A 137 2.16 5.37 9.27
C ILE A 137 2.51 3.97 9.73
N LEU A 138 3.80 3.69 9.78
CA LEU A 138 4.27 2.36 10.13
C LEU A 138 5.03 2.35 11.44
N ASP A 139 4.99 1.21 12.12
CA ASP A 139 5.64 1.08 13.43
C ASP A 139 7.14 0.79 13.29
N LEU A 140 7.93 1.41 14.18
CA LEU A 140 9.39 1.27 14.17
C LEU A 140 9.82 -0.18 13.95
N MET A 1 8.48 12.64 -7.05
CA MET A 1 7.07 12.80 -6.60
C MET A 1 6.13 11.90 -7.39
N LYS A 2 6.01 10.65 -6.96
CA LYS A 2 5.14 9.68 -7.63
C LYS A 2 3.79 9.58 -6.93
N GLY A 3 3.30 10.72 -6.45
CA GLY A 3 2.02 10.75 -5.77
C GLY A 3 2.12 10.30 -4.32
N PHE A 4 3.32 10.34 -3.76
CA PHE A 4 3.54 9.94 -2.38
C PHE A 4 4.56 10.85 -1.70
N GLU A 5 4.31 11.21 -0.44
CA GLU A 5 5.22 12.08 0.29
C GLU A 5 5.24 11.74 1.78
N PHE A 6 6.44 11.65 2.35
CA PHE A 6 6.61 11.32 3.77
C PHE A 6 6.80 12.60 4.60
N PHE A 7 6.33 12.58 5.84
CA PHE A 7 6.47 13.74 6.72
C PHE A 7 7.51 13.49 7.82
N ASP A 8 8.31 14.51 8.12
CA ASP A 8 9.36 14.41 9.13
C ASP A 8 8.80 14.04 10.50
N VAL A 9 8.95 12.78 10.86
CA VAL A 9 8.47 12.27 12.14
C VAL A 9 9.60 11.98 13.12
N THR A 10 9.27 12.06 14.41
CA THR A 10 10.24 11.78 15.47
C THR A 10 9.95 10.42 16.11
N ALA A 11 9.93 9.34 15.32
CA ALA A 11 9.68 7.99 15.85
C ALA A 11 8.98 7.15 14.81
N ASP A 12 7.81 7.58 14.39
CA ASP A 12 7.05 6.83 13.36
C ASP A 12 6.71 7.70 12.17
N ALA A 13 7.12 7.26 11.01
CA ALA A 13 6.90 8.01 9.78
C ALA A 13 5.71 7.51 8.97
N GLY A 14 4.84 8.45 8.64
CA GLY A 14 3.69 8.13 7.81
C GLY A 14 3.86 8.75 6.44
N PHE A 15 3.35 8.07 5.42
CA PHE A 15 3.48 8.58 4.07
C PHE A 15 2.16 9.13 3.58
N TRP A 16 2.25 10.06 2.65
CA TRP A 16 1.07 10.68 2.06
C TRP A 16 0.95 10.24 0.63
N ALA A 17 -0.21 9.70 0.27
CA ALA A 17 -0.43 9.21 -1.08
C ALA A 17 -1.58 9.96 -1.70
N TYR A 18 -1.62 9.88 -3.01
CA TYR A 18 -2.61 10.56 -3.78
C TYR A 18 -3.45 9.60 -4.59
N GLY A 19 -4.64 10.05 -4.98
CA GLY A 19 -5.54 9.22 -5.74
C GLY A 19 -5.81 9.70 -7.13
N HIS A 20 -6.58 8.90 -7.80
CA HIS A 20 -6.98 9.15 -9.16
C HIS A 20 -8.39 8.61 -9.41
N ASP A 21 -9.01 8.11 -8.35
CA ASP A 21 -10.37 7.56 -8.41
C ASP A 21 -10.60 6.61 -7.23
N LEU A 22 -10.01 6.94 -6.08
CA LEU A 22 -10.13 6.11 -4.88
C LEU A 22 -9.32 4.83 -5.04
N GLU A 23 -9.50 4.13 -6.15
CA GLU A 23 -8.76 2.90 -6.39
C GLU A 23 -7.26 3.19 -6.37
N GLU A 24 -6.87 4.29 -7.01
CA GLU A 24 -5.46 4.67 -7.08
C GLU A 24 -4.77 4.74 -5.72
N VAL A 25 -5.40 5.39 -4.74
CA VAL A 25 -4.79 5.54 -3.41
C VAL A 25 -4.64 4.21 -2.67
N PHE A 26 -5.56 3.28 -2.90
CA PHE A 26 -5.50 1.99 -2.23
C PHE A 26 -4.21 1.25 -2.54
N GLU A 27 -3.93 1.06 -3.82
CA GLU A 27 -2.72 0.38 -4.25
C GLU A 27 -1.48 1.21 -3.91
N ASN A 28 -1.63 2.52 -3.99
CA ASN A 28 -0.54 3.43 -3.65
C ASN A 28 -0.20 3.30 -2.17
N ALA A 29 -1.21 2.91 -1.39
CA ALA A 29 -1.05 2.71 0.05
C ALA A 29 -0.19 1.49 0.34
N ALA A 30 0.01 0.66 -0.68
CA ALA A 30 0.84 -0.53 -0.54
C ALA A 30 2.24 -0.27 -1.07
N LEU A 31 2.41 0.83 -1.80
CA LEU A 31 3.71 1.19 -2.38
C LEU A 31 4.53 2.04 -1.40
N ALA A 32 3.86 2.87 -0.61
CA ALA A 32 4.55 3.74 0.35
C ALA A 32 5.56 2.94 1.16
N MET A 33 5.15 1.78 1.65
CA MET A 33 6.01 0.93 2.45
C MET A 33 7.09 0.27 1.58
N PHE A 34 6.72 -0.09 0.35
CA PHE A 34 7.66 -0.73 -0.56
C PHE A 34 8.72 0.25 -1.06
N GLU A 35 8.28 1.42 -1.49
CA GLU A 35 9.19 2.45 -1.98
C GLU A 35 10.27 2.74 -0.96
N VAL A 36 9.92 2.58 0.32
CA VAL A 36 10.85 2.81 1.41
C VAL A 36 11.64 1.56 1.75
N MET A 37 10.93 0.45 1.91
CA MET A 37 11.56 -0.83 2.26
C MET A 37 12.77 -1.10 1.38
N THR A 38 12.59 -0.94 0.06
CA THR A 38 13.68 -1.17 -0.90
C THR A 38 13.12 -1.27 -2.31
N ASP A 39 14.01 -1.27 -3.30
CA ASP A 39 13.61 -1.36 -4.71
C ASP A 39 13.67 -2.81 -5.19
N THR A 40 12.94 -3.09 -6.28
CA THR A 40 12.91 -4.43 -6.85
C THR A 40 14.32 -4.89 -7.24
N SER A 41 15.18 -3.94 -7.55
CA SER A 41 16.55 -4.24 -7.94
C SER A 41 16.60 -4.91 -9.32
N LEU A 42 16.00 -6.09 -9.44
CA LEU A 42 15.99 -6.80 -10.71
C LEU A 42 14.78 -7.73 -10.83
N VAL A 43 13.66 -7.33 -10.23
CA VAL A 43 12.45 -8.15 -10.30
C VAL A 43 11.42 -7.51 -11.24
N GLU A 44 11.31 -8.06 -12.43
CA GLU A 44 10.37 -7.56 -13.42
C GLU A 44 9.17 -8.47 -13.56
N ALA A 45 8.14 -8.17 -12.78
CA ALA A 45 6.89 -8.95 -12.81
C ALA A 45 7.16 -10.45 -12.90
N ALA A 46 7.85 -10.99 -11.91
CA ALA A 46 8.17 -12.41 -11.87
C ALA A 46 6.93 -13.21 -11.50
N GLU A 47 5.99 -12.56 -10.84
CA GLU A 47 4.76 -13.21 -10.41
C GLU A 47 3.60 -12.24 -10.38
N GLU A 48 2.41 -12.77 -10.19
CA GLU A 48 1.22 -11.94 -10.10
C GLU A 48 0.26 -12.50 -9.05
N ARG A 49 -0.07 -11.69 -8.05
CA ARG A 49 -0.98 -12.12 -6.99
C ARG A 49 -2.20 -11.21 -6.92
N ARG A 50 -3.36 -11.80 -6.66
CA ARG A 50 -4.60 -11.04 -6.57
C ARG A 50 -5.18 -11.05 -5.16
N VAL A 51 -5.76 -9.92 -4.76
CA VAL A 51 -6.35 -9.78 -3.44
C VAL A 51 -7.76 -9.20 -3.54
N GLU A 52 -8.65 -9.66 -2.66
CA GLU A 52 -10.02 -9.17 -2.66
C GLU A 52 -10.41 -8.66 -1.29
N ILE A 53 -11.12 -7.54 -1.25
CA ILE A 53 -11.52 -6.95 0.02
C ILE A 53 -12.94 -6.40 -0.02
N THR A 54 -13.66 -6.53 1.09
CA THR A 54 -15.03 -6.02 1.16
C THR A 54 -15.18 -5.01 2.30
N SER A 55 -15.41 -3.76 1.93
CA SER A 55 -15.61 -2.69 2.90
C SER A 55 -16.95 -2.00 2.68
N GLU A 56 -17.42 -1.25 3.66
CA GLU A 56 -18.69 -0.55 3.53
C GLU A 56 -18.61 0.85 4.12
N ASP A 57 -17.44 1.48 3.99
CA ASP A 57 -17.25 2.82 4.53
C ASP A 57 -15.97 3.48 3.98
N ARG A 58 -15.40 2.90 2.92
CA ARG A 58 -14.19 3.45 2.30
C ARG A 58 -13.00 3.37 3.26
N VAL A 59 -13.06 4.11 4.36
CA VAL A 59 -11.99 4.12 5.35
C VAL A 59 -11.66 2.71 5.83
N SER A 60 -12.68 1.89 6.01
CA SER A 60 -12.48 0.51 6.45
C SER A 60 -11.67 -0.26 5.43
N LEU A 61 -11.90 -0.01 4.15
CA LEU A 61 -11.16 -0.69 3.10
C LEU A 61 -9.68 -0.51 3.34
N LEU A 62 -9.29 0.66 3.84
CA LEU A 62 -7.89 0.92 4.14
C LEU A 62 -7.43 -0.05 5.21
N TYR A 63 -8.21 -0.19 6.27
CA TYR A 63 -7.87 -1.10 7.34
C TYR A 63 -7.59 -2.49 6.77
N ASP A 64 -8.32 -2.83 5.71
CA ASP A 64 -8.18 -4.13 5.08
C ASP A 64 -7.19 -4.11 3.91
N TRP A 65 -6.80 -2.92 3.42
CA TRP A 65 -5.86 -2.85 2.30
C TRP A 65 -4.46 -3.24 2.77
N LEU A 66 -3.98 -2.52 3.78
CA LEU A 66 -2.64 -2.74 4.32
C LEU A 66 -2.58 -4.01 5.16
N ASP A 67 -3.59 -4.22 6.01
CA ASP A 67 -3.63 -5.40 6.86
C ASP A 67 -3.41 -6.64 6.02
N GLU A 68 -3.91 -6.60 4.78
CA GLU A 68 -3.74 -7.70 3.85
C GLU A 68 -2.28 -7.82 3.46
N LEU A 69 -1.66 -6.68 3.16
CA LEU A 69 -0.26 -6.64 2.77
C LEU A 69 0.64 -7.04 3.94
N LEU A 70 0.20 -6.74 5.16
CA LEU A 70 0.97 -7.06 6.35
C LEU A 70 1.33 -8.54 6.38
N PHE A 71 0.33 -9.41 6.22
CA PHE A 71 0.54 -10.85 6.23
C PHE A 71 1.26 -11.29 4.95
N ILE A 72 0.81 -10.75 3.82
CA ILE A 72 1.41 -11.09 2.53
C ILE A 72 2.88 -10.69 2.47
N HIS A 73 3.22 -9.59 3.13
CA HIS A 73 4.59 -9.09 3.14
C HIS A 73 5.58 -10.20 3.50
N ASP A 74 5.34 -10.87 4.62
CA ASP A 74 6.21 -11.96 5.04
C ASP A 74 5.99 -13.18 4.18
N THR A 75 4.76 -13.37 3.72
CA THR A 75 4.45 -14.49 2.85
C THR A 75 5.23 -14.34 1.55
N GLU A 76 5.68 -13.12 1.28
CA GLU A 76 6.46 -12.83 0.11
C GLU A 76 7.13 -11.47 0.22
N PHE A 77 8.14 -11.42 1.08
CA PHE A 77 8.89 -10.19 1.29
C PHE A 77 9.49 -9.70 -0.01
N ILE A 78 8.77 -8.84 -0.70
CA ILE A 78 9.22 -8.31 -1.98
C ILE A 78 9.55 -6.81 -1.87
N LEU A 79 10.66 -6.41 -2.48
CA LEU A 79 11.07 -5.02 -2.45
C LEU A 79 10.09 -4.12 -3.18
N PHE A 80 10.11 -4.17 -4.52
CA PHE A 80 9.21 -3.35 -5.32
C PHE A 80 8.33 -4.23 -6.21
N SER A 81 7.10 -3.79 -6.42
CA SER A 81 6.15 -4.54 -7.23
C SER A 81 5.09 -3.62 -7.83
N LYS A 82 4.39 -4.10 -8.86
CA LYS A 82 3.36 -3.31 -9.51
C LYS A 82 2.07 -3.34 -8.70
N PHE A 83 1.34 -2.23 -8.70
CA PHE A 83 0.11 -2.13 -7.93
C PHE A 83 -1.10 -1.83 -8.82
N LYS A 84 -2.09 -2.71 -8.75
CA LYS A 84 -3.33 -2.57 -9.48
C LYS A 84 -4.49 -2.79 -8.52
N VAL A 85 -5.48 -1.90 -8.53
CA VAL A 85 -6.61 -2.03 -7.61
C VAL A 85 -7.94 -1.90 -8.32
N LYS A 86 -8.93 -2.59 -7.75
CA LYS A 86 -10.26 -2.63 -8.30
C LYS A 86 -11.32 -2.34 -7.22
N ILE A 87 -12.09 -1.27 -7.38
CA ILE A 87 -13.14 -0.97 -6.40
C ILE A 87 -14.52 -1.18 -7.00
N ASP A 88 -15.33 -2.01 -6.34
CA ASP A 88 -16.67 -2.30 -6.81
C ASP A 88 -17.70 -2.18 -5.70
N GLU A 89 -18.68 -1.31 -5.89
CA GLU A 89 -19.75 -1.14 -4.92
C GLU A 89 -20.74 -2.27 -5.08
N LYS A 90 -20.84 -3.10 -4.05
CA LYS A 90 -21.72 -4.24 -4.09
C LYS A 90 -23.17 -3.81 -3.92
N ASP A 91 -24.04 -4.78 -3.72
CA ASP A 91 -25.45 -4.51 -3.58
C ASP A 91 -25.75 -3.57 -2.40
N ASP A 92 -24.71 -3.00 -1.79
CA ASP A 92 -24.88 -2.09 -0.66
C ASP A 92 -23.52 -1.74 -0.07
N GLY A 93 -22.64 -2.72 -0.06
CA GLY A 93 -21.30 -2.50 0.47
C GLY A 93 -20.32 -2.13 -0.61
N LEU A 94 -19.04 -2.27 -0.31
CA LEU A 94 -17.99 -1.94 -1.26
C LEU A 94 -16.90 -3.02 -1.27
N HIS A 95 -16.36 -3.32 -2.45
CA HIS A 95 -15.32 -4.34 -2.59
C HIS A 95 -14.09 -3.81 -3.31
N LEU A 96 -12.91 -4.26 -2.88
CA LEU A 96 -11.66 -3.84 -3.50
C LEU A 96 -10.88 -5.05 -4.02
N THR A 97 -10.35 -4.94 -5.23
CA THR A 97 -9.57 -6.01 -5.82
C THR A 97 -8.21 -5.48 -6.23
N GLY A 98 -7.17 -6.05 -5.65
CA GLY A 98 -5.82 -5.61 -5.94
C GLY A 98 -4.91 -6.70 -6.47
N THR A 99 -3.97 -6.31 -7.33
CA THR A 99 -3.03 -7.25 -7.92
C THR A 99 -1.58 -6.79 -7.72
N ALA A 100 -0.69 -7.74 -7.47
CA ALA A 100 0.72 -7.41 -7.29
C ALA A 100 1.62 -8.37 -8.07
N MET A 101 2.56 -7.80 -8.81
CA MET A 101 3.51 -8.57 -9.62
C MET A 101 4.93 -8.08 -9.39
N GLY A 102 5.90 -8.94 -9.61
CA GLY A 102 7.29 -8.56 -9.42
C GLY A 102 7.78 -8.95 -8.04
N GLU A 103 7.34 -10.12 -7.60
CA GLU A 103 7.70 -10.64 -6.30
C GLU A 103 8.86 -11.63 -6.40
N GLU A 104 9.96 -11.31 -5.73
CA GLU A 104 11.15 -12.16 -5.75
C GLU A 104 12.33 -11.49 -5.07
N ILE A 105 12.39 -11.57 -3.74
CA ILE A 105 13.48 -10.97 -2.99
C ILE A 105 14.78 -11.74 -3.19
N LYS A 106 15.81 -11.06 -3.67
CA LYS A 106 17.11 -11.68 -3.91
C LYS A 106 18.13 -11.24 -2.86
N GLU A 107 18.99 -12.17 -2.47
CA GLU A 107 20.02 -11.89 -1.47
C GLU A 107 20.87 -10.70 -1.91
N GLY A 108 20.94 -9.68 -1.07
CA GLY A 108 21.72 -8.50 -1.39
C GLY A 108 20.89 -7.44 -2.09
N HIS A 109 19.62 -7.37 -1.73
CA HIS A 109 18.70 -6.40 -2.32
C HIS A 109 19.19 -4.98 -2.07
N GLU A 110 18.75 -4.04 -2.91
CA GLU A 110 19.14 -2.64 -2.80
C GLU A 110 19.11 -2.17 -1.35
N ARG A 111 20.10 -1.37 -0.97
CA ARG A 111 20.19 -0.85 0.38
C ARG A 111 19.46 0.48 0.53
N ARG A 112 18.71 0.61 1.62
CA ARG A 112 17.94 1.82 1.89
C ARG A 112 17.47 1.83 3.34
N ASP A 113 16.78 2.89 3.74
CA ASP A 113 16.28 2.99 5.10
C ASP A 113 14.89 2.38 5.21
N GLU A 114 14.73 1.46 6.16
CA GLU A 114 13.46 0.78 6.36
C GLU A 114 12.95 0.98 7.79
N VAL A 115 11.63 1.10 7.92
CA VAL A 115 11.01 1.26 9.23
C VAL A 115 11.13 -0.04 10.02
N LYS A 116 11.98 -0.03 11.05
CA LYS A 116 12.19 -1.21 11.88
C LYS A 116 10.89 -1.87 12.31
N ALA A 117 9.79 -1.11 12.28
CA ALA A 117 8.49 -1.64 12.68
C ALA A 117 7.35 -0.98 11.93
N VAL A 118 6.75 -1.73 10.99
CA VAL A 118 5.64 -1.21 10.21
C VAL A 118 4.34 -1.32 11.02
N THR A 119 3.84 -0.18 11.48
CA THR A 119 2.62 -0.14 12.26
C THR A 119 1.53 0.64 11.53
N PHE A 120 0.40 0.01 11.28
CA PHE A 120 -0.71 0.66 10.61
C PHE A 120 -1.28 1.76 11.50
N HIS A 121 -0.50 2.83 11.67
CA HIS A 121 -0.91 3.93 12.54
C HIS A 121 -1.96 4.84 11.90
N MET A 122 -1.76 5.19 10.63
CA MET A 122 -2.71 6.03 9.93
C MET A 122 -3.65 5.20 9.07
N MET A 123 -3.08 4.58 8.03
CA MET A 123 -3.83 3.72 7.12
C MET A 123 -5.28 4.18 6.95
N GLU A 124 -5.45 5.29 6.25
CA GLU A 124 -6.78 5.85 5.99
C GLU A 124 -6.71 6.85 4.85
N ILE A 125 -7.66 6.76 3.92
CA ILE A 125 -7.69 7.67 2.80
C ILE A 125 -8.76 8.74 2.96
N LEU A 126 -8.33 9.98 3.05
CA LEU A 126 -9.25 11.10 3.21
C LEU A 126 -9.40 11.85 1.89
N ASP A 127 -10.64 12.20 1.54
CA ASP A 127 -10.90 12.90 0.30
C ASP A 127 -10.94 14.42 0.51
N GLU A 128 -10.09 15.12 -0.22
CA GLU A 128 -10.02 16.57 -0.14
C GLU A 128 -10.22 17.21 -1.51
N ASP A 129 -11.19 18.11 -1.62
CA ASP A 129 -11.47 18.78 -2.89
C ASP A 129 -11.83 17.76 -3.98
N GLY A 130 -12.24 16.59 -3.54
CA GLY A 130 -12.58 15.53 -4.48
C GLY A 130 -11.39 14.65 -4.80
N LEU A 131 -10.25 14.95 -4.17
CA LEU A 131 -9.03 14.19 -4.38
C LEU A 131 -8.82 13.22 -3.22
N ILE A 132 -8.27 12.06 -3.52
CA ILE A 132 -8.01 11.05 -2.49
C ILE A 132 -6.55 11.01 -2.09
N LYS A 133 -6.30 10.92 -0.79
CA LYS A 133 -4.94 10.82 -0.29
C LYS A 133 -4.87 9.73 0.79
N ALA A 134 -3.81 8.93 0.74
CA ALA A 134 -3.63 7.85 1.72
C ALA A 134 -2.48 8.16 2.70
N ARG A 135 -2.60 7.68 3.94
CA ARG A 135 -1.57 7.95 4.95
C ARG A 135 -1.25 6.74 5.84
N VAL A 136 0.04 6.37 5.89
CA VAL A 136 0.47 5.29 6.76
C VAL A 136 1.67 5.71 7.62
N ILE A 137 1.46 5.79 8.92
CA ILE A 137 2.52 6.13 9.88
C ILE A 137 3.12 4.86 10.47
N LEU A 138 4.38 4.63 10.13
CA LEU A 138 5.11 3.46 10.57
C LEU A 138 6.19 3.85 11.57
N ASP A 139 6.54 2.92 12.44
CA ASP A 139 7.53 3.18 13.48
C ASP A 139 8.95 3.07 12.94
N LEU A 140 9.81 3.96 13.43
CA LEU A 140 11.21 4.05 13.03
C LEU A 140 11.76 2.69 12.56
N MET A 1 6.94 12.13 -10.47
CA MET A 1 5.53 11.67 -10.44
C MET A 1 5.39 10.40 -9.61
N LYS A 2 4.76 10.52 -8.44
CA LYS A 2 4.55 9.38 -7.56
C LYS A 2 3.23 9.50 -6.82
N GLY A 3 2.97 10.68 -6.26
CA GLY A 3 1.74 10.90 -5.53
C GLY A 3 1.87 10.63 -4.04
N PHE A 4 2.99 10.04 -3.63
CA PHE A 4 3.22 9.72 -2.22
C PHE A 4 4.13 10.76 -1.58
N GLU A 5 3.80 11.13 -0.34
CA GLU A 5 4.58 12.12 0.40
C GLU A 5 4.65 11.77 1.88
N PHE A 6 5.83 11.90 2.47
CA PHE A 6 6.02 11.58 3.89
C PHE A 6 6.39 12.82 4.68
N PHE A 7 5.95 12.87 5.94
CA PHE A 7 6.26 14.01 6.81
C PHE A 7 7.27 13.62 7.90
N ASP A 8 8.20 14.52 8.18
CA ASP A 8 9.25 14.28 9.17
C ASP A 8 8.67 13.97 10.55
N VAL A 9 8.69 12.69 10.91
CA VAL A 9 8.17 12.23 12.20
C VAL A 9 9.28 11.83 13.16
N THR A 10 8.98 11.95 14.44
CA THR A 10 9.91 11.57 15.50
C THR A 10 9.51 10.27 16.18
N ALA A 11 9.38 9.18 15.40
CA ALA A 11 8.99 7.87 15.95
C ALA A 11 8.19 7.08 14.94
N ASP A 12 7.07 7.63 14.50
CA ASP A 12 6.22 6.95 13.52
C ASP A 12 5.98 7.79 12.29
N ALA A 13 6.30 7.25 11.14
CA ALA A 13 6.14 7.99 9.90
C ALA A 13 4.96 7.50 9.08
N GLY A 14 4.04 8.40 8.80
CA GLY A 14 2.90 8.07 7.97
C GLY A 14 2.99 8.83 6.67
N PHE A 15 2.86 8.13 5.55
CA PHE A 15 2.99 8.76 4.26
C PHE A 15 1.63 8.93 3.59
N TRP A 16 1.52 9.96 2.78
CA TRP A 16 0.28 10.25 2.08
C TRP A 16 0.43 9.99 0.59
N ALA A 17 -0.43 9.16 0.05
CA ALA A 17 -0.42 8.84 -1.36
C ALA A 17 -1.73 9.21 -1.98
N TYR A 18 -1.68 9.66 -3.21
CA TYR A 18 -2.88 10.10 -3.89
C TYR A 18 -3.26 9.21 -5.06
N GLY A 19 -4.56 9.04 -5.24
CA GLY A 19 -5.08 8.23 -6.31
C GLY A 19 -5.34 8.99 -7.55
N HIS A 20 -6.04 8.31 -8.39
CA HIS A 20 -6.41 8.80 -9.66
C HIS A 20 -7.80 8.30 -10.02
N ASP A 21 -8.42 7.58 -9.07
CA ASP A 21 -9.76 7.03 -9.29
C ASP A 21 -10.24 6.28 -8.06
N LEU A 22 -9.79 6.69 -6.88
CA LEU A 22 -10.17 6.06 -5.63
C LEU A 22 -9.48 4.72 -5.50
N GLU A 23 -9.69 3.85 -6.47
CA GLU A 23 -9.06 2.53 -6.47
C GLU A 23 -7.55 2.69 -6.43
N GLU A 24 -7.05 3.48 -7.37
CA GLU A 24 -5.61 3.74 -7.50
C GLU A 24 -4.99 4.23 -6.20
N VAL A 25 -5.78 4.82 -5.32
CA VAL A 25 -5.23 5.35 -4.06
C VAL A 25 -4.88 4.25 -3.06
N PHE A 26 -5.62 3.15 -3.07
CA PHE A 26 -5.37 2.07 -2.15
C PHE A 26 -4.09 1.32 -2.53
N GLU A 27 -3.89 1.10 -3.83
CA GLU A 27 -2.70 0.41 -4.34
C GLU A 27 -1.46 1.22 -4.01
N ASN A 28 -1.60 2.54 -3.97
CA ASN A 28 -0.51 3.43 -3.64
C ASN A 28 0.02 3.16 -2.24
N ALA A 29 -0.84 2.64 -1.36
CA ALA A 29 -0.44 2.35 0.02
C ALA A 29 0.82 1.49 0.05
N ALA A 30 0.87 0.48 -0.82
CA ALA A 30 2.03 -0.40 -0.88
C ALA A 30 3.19 0.34 -1.53
N LEU A 31 2.87 1.23 -2.46
CA LEU A 31 3.89 2.02 -3.15
C LEU A 31 4.70 2.84 -2.16
N ALA A 32 4.11 3.12 -1.00
CA ALA A 32 4.78 3.91 0.04
C ALA A 32 5.94 3.13 0.66
N MET A 33 5.69 1.88 1.04
CA MET A 33 6.70 1.04 1.66
C MET A 33 7.97 1.00 0.81
N PHE A 34 7.79 1.18 -0.49
CA PHE A 34 8.93 1.16 -1.43
C PHE A 34 10.04 2.12 -0.99
N GLU A 35 9.65 3.27 -0.46
CA GLU A 35 10.62 4.25 0.00
C GLU A 35 11.61 3.63 0.97
N VAL A 36 11.16 2.63 1.70
CA VAL A 36 11.99 1.93 2.67
C VAL A 36 12.63 0.69 2.07
N MET A 37 11.81 -0.17 1.50
CA MET A 37 12.27 -1.41 0.89
C MET A 37 13.43 -1.17 -0.09
N THR A 38 13.20 -0.30 -1.07
CA THR A 38 14.21 0.02 -2.07
C THR A 38 14.84 -1.22 -2.69
N ASP A 39 15.74 -1.01 -3.66
CA ASP A 39 16.41 -2.12 -4.35
C ASP A 39 15.43 -2.98 -5.14
N THR A 40 14.20 -2.51 -5.24
CA THR A 40 13.15 -3.23 -5.97
C THR A 40 13.36 -3.13 -7.48
N SER A 41 14.11 -2.13 -7.92
CA SER A 41 14.39 -1.94 -9.34
C SER A 41 14.81 -3.24 -10.02
N LEU A 42 15.30 -4.20 -9.24
CA LEU A 42 15.74 -5.48 -9.77
C LEU A 42 14.53 -6.39 -10.06
N VAL A 43 13.47 -6.20 -9.29
CA VAL A 43 12.26 -6.99 -9.46
C VAL A 43 11.22 -6.24 -10.29
N GLU A 44 10.79 -6.85 -11.40
CA GLU A 44 9.82 -6.24 -12.28
C GLU A 44 8.50 -7.01 -12.26
N ALA A 45 8.50 -8.18 -12.89
CA ALA A 45 7.31 -9.01 -12.95
C ALA A 45 7.68 -10.49 -12.92
N ALA A 46 7.85 -11.02 -11.71
CA ALA A 46 8.22 -12.43 -11.54
C ALA A 46 6.98 -13.26 -11.23
N GLU A 47 6.09 -12.71 -10.42
CA GLU A 47 4.88 -13.40 -10.02
C GLU A 47 3.68 -12.45 -10.07
N GLU A 48 2.49 -13.01 -9.93
CA GLU A 48 1.27 -12.21 -9.95
C GLU A 48 0.27 -12.75 -8.93
N ARG A 49 -0.20 -11.88 -8.04
CA ARG A 49 -1.15 -12.30 -7.02
C ARG A 49 -2.37 -11.37 -7.01
N ARG A 50 -3.56 -11.96 -6.98
CA ARG A 50 -4.79 -11.20 -6.96
C ARG A 50 -5.39 -11.17 -5.55
N VAL A 51 -5.97 -10.03 -5.17
CA VAL A 51 -6.56 -9.88 -3.85
C VAL A 51 -7.93 -9.20 -3.93
N GLU A 52 -8.81 -9.58 -3.02
CA GLU A 52 -10.15 -9.01 -2.95
C GLU A 52 -10.39 -8.49 -1.54
N ILE A 53 -11.10 -7.39 -1.43
CA ILE A 53 -11.35 -6.81 -0.12
C ILE A 53 -12.76 -6.29 0.04
N THR A 54 -13.26 -6.32 1.27
CA THR A 54 -14.60 -5.83 1.58
C THR A 54 -14.54 -4.72 2.61
N SER A 55 -14.92 -3.52 2.19
CA SER A 55 -14.95 -2.35 3.04
C SER A 55 -16.36 -1.79 3.11
N GLU A 56 -16.64 -0.93 4.08
CA GLU A 56 -17.97 -0.36 4.21
C GLU A 56 -17.92 1.10 4.66
N ASP A 57 -16.86 1.80 4.26
CA ASP A 57 -16.72 3.21 4.63
C ASP A 57 -15.49 3.86 3.99
N ARG A 58 -14.94 3.23 2.94
CA ARG A 58 -13.77 3.76 2.25
C ARG A 58 -12.53 3.73 3.14
N VAL A 59 -12.61 4.42 4.28
CA VAL A 59 -11.49 4.48 5.23
C VAL A 59 -11.05 3.07 5.62
N SER A 60 -12.02 2.21 5.91
CA SER A 60 -11.72 0.83 6.29
C SER A 60 -11.00 0.11 5.15
N LEU A 61 -11.31 0.51 3.91
CA LEU A 61 -10.68 -0.09 2.75
C LEU A 61 -9.16 -0.02 2.86
N LEU A 62 -8.67 1.10 3.36
CA LEU A 62 -7.23 1.30 3.53
C LEU A 62 -6.72 0.45 4.70
N TYR A 63 -7.42 0.51 5.82
CA TYR A 63 -7.05 -0.24 7.01
C TYR A 63 -6.99 -1.73 6.72
N ASP A 64 -7.94 -2.21 5.92
CA ASP A 64 -8.01 -3.62 5.55
C ASP A 64 -7.04 -3.94 4.43
N TRP A 65 -6.56 -2.91 3.73
CA TRP A 65 -5.64 -3.09 2.62
C TRP A 65 -4.26 -3.50 3.12
N LEU A 66 -3.72 -2.71 4.03
CA LEU A 66 -2.39 -2.98 4.57
C LEU A 66 -2.44 -4.19 5.50
N ASP A 67 -3.53 -4.35 6.22
CA ASP A 67 -3.68 -5.49 7.11
C ASP A 67 -3.54 -6.78 6.30
N GLU A 68 -4.02 -6.72 5.05
CA GLU A 68 -3.94 -7.85 4.15
C GLU A 68 -2.48 -8.08 3.76
N LEU A 69 -1.84 -7.02 3.29
CA LEU A 69 -0.44 -7.06 2.89
C LEU A 69 0.44 -7.52 4.05
N LEU A 70 0.02 -7.18 5.27
CA LEU A 70 0.77 -7.54 6.47
C LEU A 70 1.07 -9.04 6.50
N PHE A 71 0.03 -9.86 6.35
CA PHE A 71 0.20 -11.31 6.35
C PHE A 71 0.92 -11.77 5.10
N ILE A 72 0.50 -11.23 3.96
CA ILE A 72 1.10 -11.58 2.67
C ILE A 72 2.59 -11.22 2.64
N HIS A 73 2.94 -10.14 3.34
CA HIS A 73 4.33 -9.67 3.38
C HIS A 73 5.29 -10.81 3.71
N ASP A 74 4.99 -11.55 4.78
CA ASP A 74 5.86 -12.65 5.18
C ASP A 74 5.72 -13.81 4.22
N THR A 75 4.51 -14.03 3.70
CA THR A 75 4.29 -15.09 2.75
C THR A 75 5.10 -14.80 1.49
N GLU A 76 5.49 -13.54 1.35
CA GLU A 76 6.28 -13.11 0.21
C GLU A 76 6.90 -11.75 0.49
N PHE A 77 7.95 -11.75 1.29
CA PHE A 77 8.66 -10.53 1.64
C PHE A 77 9.11 -9.82 0.38
N ILE A 78 8.28 -8.91 -0.11
CA ILE A 78 8.60 -8.17 -1.33
C ILE A 78 8.85 -6.70 -1.03
N LEU A 79 9.74 -6.10 -1.82
CA LEU A 79 10.11 -4.70 -1.65
C LEU A 79 9.05 -3.76 -2.24
N PHE A 80 9.11 -3.55 -3.55
CA PHE A 80 8.16 -2.68 -4.23
C PHE A 80 7.69 -3.31 -5.53
N SER A 81 6.43 -3.11 -5.83
CA SER A 81 5.84 -3.65 -7.03
C SER A 81 4.65 -2.80 -7.46
N LYS A 82 4.22 -2.96 -8.70
CA LYS A 82 3.10 -2.18 -9.20
C LYS A 82 1.79 -2.80 -8.71
N PHE A 83 1.01 -2.01 -8.01
CA PHE A 83 -0.24 -2.47 -7.45
C PHE A 83 -1.43 -1.96 -8.25
N LYS A 84 -2.22 -2.90 -8.75
CA LYS A 84 -3.42 -2.59 -9.50
C LYS A 84 -4.63 -2.78 -8.59
N VAL A 85 -5.57 -1.86 -8.62
CA VAL A 85 -6.71 -1.94 -7.72
C VAL A 85 -8.04 -1.71 -8.41
N LYS A 86 -9.04 -2.37 -7.85
CA LYS A 86 -10.41 -2.32 -8.33
C LYS A 86 -11.36 -2.01 -7.18
N ILE A 87 -12.35 -1.16 -7.42
CA ILE A 87 -13.32 -0.86 -6.37
C ILE A 87 -14.74 -1.06 -6.88
N ASP A 88 -15.51 -1.88 -6.18
CA ASP A 88 -16.88 -2.16 -6.57
C ASP A 88 -17.83 -2.06 -5.39
N GLU A 89 -18.89 -1.26 -5.55
CA GLU A 89 -19.88 -1.10 -4.50
C GLU A 89 -20.78 -2.33 -4.49
N LYS A 90 -20.72 -3.06 -3.40
CA LYS A 90 -21.51 -4.26 -3.26
C LYS A 90 -22.96 -3.92 -3.00
N ASP A 91 -23.74 -4.92 -2.64
CA ASP A 91 -25.15 -4.74 -2.39
C ASP A 91 -25.43 -3.62 -1.36
N ASP A 92 -24.37 -2.94 -0.89
CA ASP A 92 -24.53 -1.86 0.08
C ASP A 92 -23.18 -1.44 0.65
N GLY A 93 -22.25 -2.38 0.70
CA GLY A 93 -20.93 -2.09 1.24
C GLY A 93 -19.93 -1.66 0.18
N LEU A 94 -18.68 -2.05 0.39
CA LEU A 94 -17.60 -1.70 -0.51
C LEU A 94 -16.69 -2.91 -0.77
N HIS A 95 -16.31 -3.10 -2.04
CA HIS A 95 -15.43 -4.21 -2.40
C HIS A 95 -14.24 -3.70 -3.20
N LEU A 96 -13.06 -4.26 -2.95
CA LEU A 96 -11.86 -3.85 -3.67
C LEU A 96 -11.12 -5.04 -4.26
N THR A 97 -10.59 -4.86 -5.47
CA THR A 97 -9.84 -5.92 -6.12
C THR A 97 -8.46 -5.42 -6.51
N GLY A 98 -7.43 -6.04 -5.98
CA GLY A 98 -6.07 -5.63 -6.25
C GLY A 98 -5.18 -6.74 -6.77
N THR A 99 -4.23 -6.37 -7.62
CA THR A 99 -3.27 -7.33 -8.19
C THR A 99 -1.84 -6.87 -7.94
N ALA A 100 -0.96 -7.83 -7.64
CA ALA A 100 0.45 -7.50 -7.38
C ALA A 100 1.38 -8.46 -8.13
N MET A 101 2.37 -7.89 -8.80
CA MET A 101 3.35 -8.68 -9.55
C MET A 101 4.78 -8.26 -9.20
N GLY A 102 5.71 -9.20 -9.25
CA GLY A 102 7.09 -8.88 -8.91
C GLY A 102 7.48 -9.47 -7.58
N GLU A 103 7.18 -10.75 -7.39
CA GLU A 103 7.49 -11.44 -6.15
C GLU A 103 8.69 -12.37 -6.31
N GLU A 104 9.77 -12.06 -5.58
CA GLU A 104 10.99 -12.86 -5.63
C GLU A 104 12.09 -12.25 -4.78
N ILE A 105 11.71 -11.63 -3.67
CA ILE A 105 12.67 -10.99 -2.78
C ILE A 105 13.07 -11.91 -1.63
N LYS A 106 14.36 -11.92 -1.30
CA LYS A 106 14.88 -12.74 -0.22
C LYS A 106 14.77 -11.99 1.12
N GLU A 107 15.01 -12.71 2.21
CA GLU A 107 14.93 -12.11 3.54
C GLU A 107 15.95 -11.00 3.71
N GLY A 108 15.50 -9.85 4.21
CA GLY A 108 16.40 -8.73 4.42
C GLY A 108 17.24 -8.39 3.19
N HIS A 109 16.58 -8.33 2.04
CA HIS A 109 17.27 -8.03 0.79
C HIS A 109 17.46 -6.52 0.60
N GLU A 110 18.69 -6.05 0.83
CA GLU A 110 19.00 -4.63 0.67
C GLU A 110 18.12 -3.76 1.56
N ARG A 111 18.66 -3.37 2.72
CA ARG A 111 17.93 -2.53 3.65
C ARG A 111 18.52 -1.11 3.68
N ARG A 112 17.68 -0.11 3.42
CA ARG A 112 18.13 1.27 3.42
C ARG A 112 17.51 2.06 4.57
N ASP A 113 16.29 1.70 4.94
CA ASP A 113 15.58 2.37 6.02
C ASP A 113 15.27 1.38 7.14
N GLU A 114 15.02 1.91 8.35
CA GLU A 114 14.71 1.07 9.49
C GLU A 114 13.31 1.34 10.02
N VAL A 115 12.39 0.43 9.74
CA VAL A 115 11.01 0.56 10.19
C VAL A 115 10.70 -0.50 11.26
N LYS A 116 10.54 -0.05 12.50
CA LYS A 116 10.26 -0.95 13.60
C LYS A 116 8.98 -1.74 13.36
N ALA A 117 8.05 -1.17 12.58
CA ALA A 117 6.78 -1.84 12.31
C ALA A 117 5.83 -0.93 11.55
N VAL A 118 4.61 -1.43 11.34
CA VAL A 118 3.59 -0.66 10.63
C VAL A 118 2.43 -0.32 11.58
N THR A 119 2.32 0.95 11.93
CA THR A 119 1.26 1.40 12.82
C THR A 119 0.28 2.30 12.10
N PHE A 120 -0.89 1.76 11.78
CA PHE A 120 -1.94 2.51 11.07
C PHE A 120 -2.01 3.96 11.53
N HIS A 121 -1.45 4.87 10.73
CA HIS A 121 -1.49 6.30 11.05
C HIS A 121 -2.95 6.69 11.26
N MET A 122 -3.77 6.03 10.46
CA MET A 122 -5.21 6.21 10.45
C MET A 122 -5.79 5.33 9.35
N MET A 123 -4.99 5.14 8.28
CA MET A 123 -5.41 4.31 7.17
C MET A 123 -6.78 4.75 6.68
N GLU A 124 -6.85 6.01 6.28
CA GLU A 124 -8.09 6.57 5.79
C GLU A 124 -7.86 7.35 4.52
N ILE A 125 -8.72 7.13 3.53
CA ILE A 125 -8.58 7.82 2.27
C ILE A 125 -9.45 9.07 2.23
N LEU A 126 -8.80 10.23 2.21
CA LEU A 126 -9.51 11.49 2.16
C LEU A 126 -9.46 12.08 0.76
N ASP A 127 -10.59 12.60 0.27
CA ASP A 127 -10.63 13.16 -1.06
C ASP A 127 -10.55 14.68 -1.04
N GLU A 128 -9.55 15.23 -1.72
CA GLU A 128 -9.36 16.66 -1.81
C GLU A 128 -9.28 17.10 -3.28
N ASP A 129 -10.08 18.10 -3.65
CA ASP A 129 -10.07 18.58 -5.03
C ASP A 129 -10.43 17.46 -6.00
N GLY A 130 -11.08 16.43 -5.48
CA GLY A 130 -11.44 15.29 -6.31
C GLY A 130 -10.34 14.25 -6.33
N LEU A 131 -9.26 14.54 -5.60
CA LEU A 131 -8.11 13.65 -5.49
C LEU A 131 -8.23 12.80 -4.23
N ILE A 132 -7.74 11.57 -4.30
CA ILE A 132 -7.80 10.66 -3.16
C ILE A 132 -6.47 10.59 -2.45
N LYS A 133 -6.51 10.63 -1.12
CA LYS A 133 -5.28 10.53 -0.34
C LYS A 133 -5.46 9.55 0.83
N ALA A 134 -4.44 8.72 1.04
CA ALA A 134 -4.46 7.74 2.13
C ALA A 134 -3.21 7.87 3.01
N ARG A 135 -3.36 7.69 4.33
CA ARG A 135 -2.19 7.84 5.23
C ARG A 135 -1.92 6.64 6.14
N VAL A 136 -0.69 6.12 6.06
CA VAL A 136 -0.25 4.99 6.88
C VAL A 136 1.10 5.27 7.60
N ILE A 137 1.06 5.28 8.93
CA ILE A 137 2.23 5.51 9.79
C ILE A 137 2.98 4.21 10.06
N LEU A 138 4.31 4.33 10.08
CA LEU A 138 5.19 3.22 10.32
C LEU A 138 6.15 3.58 11.46
N ASP A 139 6.61 2.57 12.19
CA ASP A 139 7.50 2.82 13.33
C ASP A 139 8.95 3.00 12.91
N LEU A 140 9.60 3.98 13.55
CA LEU A 140 10.99 4.32 13.26
C LEU A 140 11.88 3.08 13.30
N MET A 1 6.68 10.90 -7.39
CA MET A 1 5.92 10.93 -6.11
C MET A 1 4.53 10.32 -6.26
N LYS A 2 3.90 10.59 -7.40
CA LYS A 2 2.57 10.06 -7.67
C LYS A 2 1.56 10.56 -6.65
N GLY A 3 1.75 11.80 -6.19
CA GLY A 3 0.86 12.38 -5.21
C GLY A 3 1.17 11.94 -3.79
N PHE A 4 2.29 11.25 -3.61
CA PHE A 4 2.69 10.76 -2.29
C PHE A 4 3.73 11.70 -1.67
N GLU A 5 3.61 11.94 -0.37
CA GLU A 5 4.53 12.82 0.35
C GLU A 5 4.72 12.34 1.79
N PHE A 6 5.87 12.68 2.37
CA PHE A 6 6.18 12.29 3.75
C PHE A 6 6.28 13.51 4.66
N PHE A 7 5.90 13.34 5.92
CA PHE A 7 5.97 14.44 6.89
C PHE A 7 7.07 14.16 7.91
N ASP A 8 7.40 15.17 8.72
CA ASP A 8 8.45 15.05 9.72
C ASP A 8 8.09 14.05 10.82
N VAL A 9 8.51 12.81 10.61
CA VAL A 9 8.26 11.74 11.58
C VAL A 9 9.55 11.36 12.31
N THR A 10 9.40 10.86 13.53
CA THR A 10 10.54 10.42 14.32
C THR A 10 10.23 9.10 15.03
N ALA A 11 10.71 7.98 14.44
CA ALA A 11 10.49 6.63 14.99
C ALA A 11 9.63 5.83 14.01
N ASP A 12 8.62 6.51 13.47
CA ASP A 12 7.73 5.90 12.49
C ASP A 12 7.72 6.78 11.25
N ALA A 13 7.11 6.33 10.17
CA ALA A 13 7.03 7.12 8.95
C ALA A 13 5.73 6.88 8.22
N GLY A 14 4.97 7.95 8.03
CA GLY A 14 3.70 7.87 7.33
C GLY A 14 3.68 8.80 6.15
N PHE A 15 3.29 8.30 4.99
CA PHE A 15 3.25 9.12 3.79
C PHE A 15 1.81 9.41 3.39
N TRP A 16 1.61 10.53 2.73
CA TRP A 16 0.30 10.92 2.27
C TRP A 16 0.24 10.86 0.76
N ALA A 17 -0.72 10.11 0.24
CA ALA A 17 -0.88 9.96 -1.20
C ALA A 17 -2.28 10.28 -1.61
N TYR A 18 -2.44 10.62 -2.87
CA TYR A 18 -3.74 10.99 -3.37
C TYR A 18 -4.25 9.99 -4.40
N GLY A 19 -5.57 10.01 -4.58
CA GLY A 19 -6.19 9.10 -5.52
C GLY A 19 -6.71 9.77 -6.75
N HIS A 20 -7.42 8.97 -7.49
CA HIS A 20 -8.00 9.37 -8.73
C HIS A 20 -9.40 8.77 -8.86
N ASP A 21 -9.80 8.04 -7.81
CA ASP A 21 -11.12 7.40 -7.75
C ASP A 21 -11.07 6.21 -6.80
N LEU A 22 -10.46 6.42 -5.64
CA LEU A 22 -10.32 5.37 -4.62
C LEU A 22 -9.33 4.30 -5.09
N GLU A 23 -9.63 3.71 -6.24
CA GLU A 23 -8.78 2.67 -6.81
C GLU A 23 -7.33 3.13 -6.90
N GLU A 24 -7.12 4.43 -7.11
CA GLU A 24 -5.77 4.97 -7.23
C GLU A 24 -5.05 5.03 -5.89
N VAL A 25 -5.72 5.55 -4.86
CA VAL A 25 -5.11 5.67 -3.53
C VAL A 25 -4.67 4.32 -2.98
N PHE A 26 -5.57 3.34 -2.99
CA PHE A 26 -5.24 2.01 -2.49
C PHE A 26 -3.94 1.53 -3.11
N GLU A 27 -3.75 1.84 -4.39
CA GLU A 27 -2.55 1.46 -5.12
C GLU A 27 -1.34 2.19 -4.54
N ASN A 28 -1.54 3.47 -4.23
CA ASN A 28 -0.49 4.30 -3.65
C ASN A 28 -0.19 3.87 -2.22
N ALA A 29 -1.18 3.31 -1.54
CA ALA A 29 -1.03 2.87 -0.16
C ALA A 29 0.17 1.93 -0.02
N ALA A 30 0.23 0.93 -0.90
CA ALA A 30 1.34 -0.02 -0.89
C ALA A 30 2.63 0.65 -1.34
N LEU A 31 2.49 1.69 -2.16
CA LEU A 31 3.65 2.42 -2.67
C LEU A 31 4.39 3.13 -1.53
N ALA A 32 3.64 3.76 -0.64
CA ALA A 32 4.23 4.48 0.49
C ALA A 32 5.04 3.52 1.37
N MET A 33 4.49 2.34 1.62
CA MET A 33 5.16 1.35 2.45
C MET A 33 6.35 0.75 1.71
N PHE A 34 6.13 0.33 0.46
CA PHE A 34 7.18 -0.26 -0.35
C PHE A 34 8.25 0.76 -0.68
N GLU A 35 7.84 2.02 -0.84
CA GLU A 35 8.78 3.09 -1.15
C GLU A 35 9.87 3.18 -0.09
N VAL A 36 9.52 2.81 1.15
CA VAL A 36 10.46 2.85 2.26
C VAL A 36 11.28 1.57 2.30
N MET A 37 10.66 0.45 1.92
CA MET A 37 11.33 -0.84 1.92
C MET A 37 12.21 -1.01 0.68
N THR A 38 11.82 -0.35 -0.41
CA THR A 38 12.58 -0.43 -1.65
C THR A 38 11.96 0.45 -2.73
N ASP A 39 12.36 0.23 -3.97
CA ASP A 39 11.83 1.01 -5.09
C ASP A 39 11.20 0.09 -6.13
N THR A 40 9.88 0.06 -6.16
CA THR A 40 9.14 -0.79 -7.11
C THR A 40 9.25 -0.23 -8.54
N SER A 41 9.55 1.07 -8.64
CA SER A 41 9.67 1.72 -9.94
C SER A 41 10.38 0.85 -10.97
N LEU A 42 11.26 -0.02 -10.51
CA LEU A 42 11.99 -0.91 -11.40
C LEU A 42 11.59 -2.38 -11.17
N VAL A 43 10.31 -2.67 -11.39
CA VAL A 43 9.80 -4.03 -11.22
C VAL A 43 9.88 -4.81 -12.53
N GLU A 44 10.36 -6.05 -12.44
CA GLU A 44 10.50 -6.90 -13.62
C GLU A 44 9.25 -7.76 -13.84
N ALA A 45 8.47 -7.95 -12.78
CA ALA A 45 7.26 -8.76 -12.86
C ALA A 45 7.59 -10.21 -13.22
N ALA A 46 7.35 -11.11 -12.28
CA ALA A 46 7.62 -12.53 -12.49
C ALA A 46 6.37 -13.35 -12.27
N GLU A 47 5.69 -13.07 -11.16
CA GLU A 47 4.46 -13.76 -10.81
C GLU A 47 3.33 -12.76 -10.66
N GLU A 48 2.11 -13.28 -10.51
CA GLU A 48 0.96 -12.41 -10.34
C GLU A 48 -0.04 -13.02 -9.36
N ARG A 49 -0.33 -12.28 -8.29
CA ARG A 49 -1.27 -12.75 -7.27
C ARG A 49 -2.44 -11.77 -7.14
N ARG A 50 -3.58 -12.25 -6.68
CA ARG A 50 -4.76 -11.41 -6.53
C ARG A 50 -5.29 -11.45 -5.11
N VAL A 51 -5.78 -10.29 -4.65
CA VAL A 51 -6.33 -10.16 -3.31
C VAL A 51 -7.71 -9.52 -3.38
N GLU A 52 -8.59 -9.88 -2.45
CA GLU A 52 -9.94 -9.33 -2.42
C GLU A 52 -10.24 -8.72 -1.06
N ILE A 53 -10.95 -7.60 -1.06
CA ILE A 53 -11.28 -6.92 0.17
C ILE A 53 -12.71 -6.39 0.15
N THR A 54 -13.34 -6.36 1.32
CA THR A 54 -14.70 -5.85 1.44
C THR A 54 -14.74 -4.69 2.44
N SER A 55 -15.05 -3.50 1.94
CA SER A 55 -15.13 -2.31 2.78
C SER A 55 -16.51 -1.69 2.70
N GLU A 56 -16.82 -0.83 3.66
CA GLU A 56 -18.10 -0.14 3.70
C GLU A 56 -18.00 1.16 4.48
N ASP A 57 -16.80 1.72 4.52
CA ASP A 57 -16.57 2.96 5.25
C ASP A 57 -15.32 3.68 4.75
N ARG A 58 -14.88 3.34 3.53
CA ARG A 58 -13.70 3.95 2.93
C ARG A 58 -12.43 3.60 3.70
N VAL A 59 -12.32 4.10 4.94
CA VAL A 59 -11.17 3.85 5.78
C VAL A 59 -10.88 2.36 5.91
N SER A 60 -11.94 1.56 5.97
CA SER A 60 -11.80 0.11 6.10
C SER A 60 -11.00 -0.47 4.94
N LEU A 61 -11.27 0.01 3.74
CA LEU A 61 -10.57 -0.48 2.55
C LEU A 61 -9.05 -0.36 2.74
N LEU A 62 -8.61 0.81 3.21
CA LEU A 62 -7.20 1.04 3.46
C LEU A 62 -6.73 0.22 4.65
N TYR A 63 -7.49 0.28 5.74
CA TYR A 63 -7.17 -0.45 6.95
C TYR A 63 -7.03 -1.94 6.68
N ASP A 64 -7.85 -2.44 5.76
CA ASP A 64 -7.82 -3.86 5.40
C ASP A 64 -6.92 -4.11 4.19
N TRP A 65 -6.59 -3.06 3.45
CA TRP A 65 -5.74 -3.19 2.27
C TRP A 65 -4.29 -3.46 2.67
N LEU A 66 -3.75 -2.60 3.52
CA LEU A 66 -2.37 -2.75 3.97
C LEU A 66 -2.23 -3.97 4.87
N ASP A 67 -3.17 -4.16 5.79
CA ASP A 67 -3.14 -5.31 6.68
C ASP A 67 -2.99 -6.59 5.86
N GLU A 68 -3.59 -6.58 4.67
CA GLU A 68 -3.51 -7.71 3.77
C GLU A 68 -2.07 -7.88 3.30
N LEU A 69 -1.39 -6.76 3.12
CA LEU A 69 0.00 -6.75 2.67
C LEU A 69 0.91 -7.26 3.78
N LEU A 70 0.52 -6.98 5.03
CA LEU A 70 1.29 -7.40 6.18
C LEU A 70 1.43 -8.92 6.26
N PHE A 71 0.31 -9.61 6.12
CA PHE A 71 0.29 -11.07 6.18
C PHE A 71 0.96 -11.69 4.95
N ILE A 72 0.53 -11.28 3.77
CA ILE A 72 1.08 -11.80 2.52
C ILE A 72 2.60 -11.62 2.47
N HIS A 73 3.09 -10.53 3.05
CA HIS A 73 4.53 -10.24 3.06
C HIS A 73 5.33 -11.46 3.51
N ASP A 74 5.00 -12.01 4.66
CA ASP A 74 5.71 -13.18 5.17
C ASP A 74 5.34 -14.41 4.37
N THR A 75 4.08 -14.51 3.96
CA THR A 75 3.66 -15.64 3.16
C THR A 75 4.40 -15.59 1.83
N GLU A 76 4.94 -14.42 1.51
CA GLU A 76 5.70 -14.24 0.30
C GLU A 76 6.57 -13.00 0.39
N PHE A 77 7.66 -13.13 1.11
CA PHE A 77 8.60 -12.03 1.29
C PHE A 77 9.12 -11.59 -0.07
N ILE A 78 8.51 -10.55 -0.61
CA ILE A 78 8.90 -10.02 -1.91
C ILE A 78 9.50 -8.62 -1.79
N LEU A 79 10.49 -8.34 -2.62
CA LEU A 79 11.17 -7.04 -2.60
C LEU A 79 10.34 -5.96 -3.28
N PHE A 80 10.24 -6.03 -4.60
CA PHE A 80 9.47 -5.05 -5.37
C PHE A 80 8.40 -5.72 -6.21
N SER A 81 7.24 -5.08 -6.32
CA SER A 81 6.14 -5.63 -7.10
C SER A 81 5.22 -4.52 -7.60
N LYS A 82 4.45 -4.82 -8.65
CA LYS A 82 3.52 -3.85 -9.21
C LYS A 82 2.22 -3.83 -8.40
N PHE A 83 1.56 -2.68 -8.37
CA PHE A 83 0.32 -2.55 -7.61
C PHE A 83 -0.86 -2.20 -8.52
N LYS A 84 -1.87 -3.05 -8.48
CA LYS A 84 -3.08 -2.85 -9.25
C LYS A 84 -4.28 -3.08 -8.32
N VAL A 85 -5.04 -2.03 -8.09
CA VAL A 85 -6.19 -2.13 -7.19
C VAL A 85 -7.51 -2.04 -7.94
N LYS A 86 -8.51 -2.71 -7.39
CA LYS A 86 -9.84 -2.75 -7.95
C LYS A 86 -10.89 -2.43 -6.88
N ILE A 87 -11.65 -1.36 -7.04
CA ILE A 87 -12.67 -1.03 -6.05
C ILE A 87 -14.04 -0.93 -6.72
N ASP A 88 -15.06 -1.42 -6.02
CA ASP A 88 -16.41 -1.42 -6.55
C ASP A 88 -17.41 -0.90 -5.53
N GLU A 89 -18.14 0.14 -5.89
CA GLU A 89 -19.16 0.70 -5.01
C GLU A 89 -20.44 -0.11 -5.15
N LYS A 90 -20.81 -0.79 -4.09
CA LYS A 90 -22.00 -1.61 -4.10
C LYS A 90 -23.20 -0.83 -3.58
N ASP A 91 -24.28 -1.53 -3.34
CA ASP A 91 -25.49 -0.90 -2.87
C ASP A 91 -25.29 -0.14 -1.56
N ASP A 92 -24.05 -0.05 -1.08
CA ASP A 92 -23.76 0.64 0.18
C ASP A 92 -22.30 0.43 0.57
N GLY A 93 -21.82 -0.77 0.33
CA GLY A 93 -20.44 -1.10 0.65
C GLY A 93 -19.59 -1.25 -0.60
N LEU A 94 -18.28 -1.31 -0.45
CA LEU A 94 -17.42 -1.44 -1.61
C LEU A 94 -16.31 -2.47 -1.37
N HIS A 95 -16.08 -3.31 -2.39
CA HIS A 95 -15.05 -4.34 -2.32
C HIS A 95 -13.83 -3.95 -3.16
N LEU A 96 -12.64 -4.28 -2.67
CA LEU A 96 -11.41 -3.95 -3.37
C LEU A 96 -10.68 -5.21 -3.84
N THR A 97 -10.11 -5.14 -5.04
CA THR A 97 -9.36 -6.26 -5.60
C THR A 97 -7.97 -5.78 -5.98
N GLY A 98 -6.96 -6.37 -5.37
CA GLY A 98 -5.59 -5.97 -5.64
C GLY A 98 -4.75 -7.08 -6.25
N THR A 99 -3.79 -6.70 -7.09
CA THR A 99 -2.91 -7.65 -7.74
C THR A 99 -1.44 -7.30 -7.52
N ALA A 100 -0.61 -8.32 -7.34
CA ALA A 100 0.82 -8.10 -7.14
C ALA A 100 1.66 -9.02 -8.03
N MET A 101 2.65 -8.43 -8.70
CA MET A 101 3.54 -9.18 -9.58
C MET A 101 5.00 -8.85 -9.27
N GLY A 102 5.89 -9.76 -9.62
CA GLY A 102 7.30 -9.55 -9.36
C GLY A 102 7.64 -9.94 -7.94
N GLU A 103 7.23 -11.15 -7.58
CA GLU A 103 7.44 -11.66 -6.23
C GLU A 103 8.75 -12.45 -6.13
N GLU A 104 9.67 -11.94 -5.32
CA GLU A 104 10.97 -12.59 -5.11
C GLU A 104 11.90 -11.69 -4.30
N ILE A 105 12.23 -12.11 -3.09
CA ILE A 105 13.12 -11.35 -2.22
C ILE A 105 14.58 -11.69 -2.48
N LYS A 106 15.43 -10.66 -2.50
CA LYS A 106 16.85 -10.85 -2.73
C LYS A 106 17.66 -10.29 -1.56
N GLU A 107 18.98 -10.27 -1.71
CA GLU A 107 19.86 -9.76 -0.66
C GLU A 107 20.18 -8.28 -0.86
N GLY A 108 19.70 -7.45 0.06
CA GLY A 108 19.94 -6.02 -0.01
C GLY A 108 19.68 -5.44 -1.39
N HIS A 109 18.59 -5.87 -2.01
CA HIS A 109 18.23 -5.37 -3.33
C HIS A 109 17.46 -4.05 -3.24
N GLU A 110 18.12 -2.97 -3.67
CA GLU A 110 17.50 -1.65 -3.64
C GLU A 110 17.07 -1.28 -2.22
N ARG A 111 18.00 -0.77 -1.44
CA ARG A 111 17.72 -0.38 -0.06
C ARG A 111 17.72 1.15 0.09
N ARG A 112 16.53 1.72 0.16
CA ARG A 112 16.39 3.17 0.32
C ARG A 112 16.29 3.54 1.80
N ASP A 113 15.29 2.98 2.46
CA ASP A 113 15.07 3.24 3.89
C ASP A 113 15.03 1.93 4.66
N GLU A 114 15.26 1.99 5.97
CA GLU A 114 15.25 0.80 6.80
C GLU A 114 14.05 0.78 7.74
N VAL A 115 13.05 -0.03 7.39
CA VAL A 115 11.85 -0.18 8.20
C VAL A 115 11.81 -1.58 8.82
N LYS A 116 12.01 -1.67 10.13
CA LYS A 116 12.00 -2.95 10.81
C LYS A 116 10.66 -3.22 11.50
N ALA A 117 9.61 -2.53 11.03
CA ALA A 117 8.29 -2.72 11.62
C ALA A 117 7.22 -1.89 10.91
N VAL A 118 6.20 -2.58 10.38
CA VAL A 118 5.09 -1.92 9.71
C VAL A 118 3.89 -1.83 10.64
N THR A 119 3.60 -0.62 11.10
CA THR A 119 2.49 -0.41 12.01
C THR A 119 1.40 0.44 11.36
N PHE A 120 0.17 -0.06 11.40
CA PHE A 120 -0.97 0.67 10.83
C PHE A 120 -1.27 1.90 11.67
N HIS A 121 -0.35 2.85 11.67
CA HIS A 121 -0.51 4.06 12.47
C HIS A 121 -1.75 4.85 12.08
N MET A 122 -1.99 5.01 10.78
CA MET A 122 -3.16 5.75 10.32
C MET A 122 -4.00 4.89 9.38
N MET A 123 -3.43 4.54 8.23
CA MET A 123 -4.13 3.73 7.24
C MET A 123 -5.56 4.24 7.04
N GLU A 124 -5.71 5.55 7.03
CA GLU A 124 -7.02 6.17 6.87
C GLU A 124 -7.06 6.97 5.57
N ILE A 125 -8.21 6.94 4.90
CA ILE A 125 -8.37 7.66 3.65
C ILE A 125 -9.34 8.83 3.80
N LEU A 126 -8.79 10.04 3.67
CA LEU A 126 -9.60 11.25 3.76
C LEU A 126 -9.78 11.85 2.38
N ASP A 127 -11.01 12.28 2.06
CA ASP A 127 -11.28 12.86 0.76
C ASP A 127 -11.50 14.37 0.84
N GLU A 128 -10.68 15.11 0.09
CA GLU A 128 -10.78 16.57 0.06
C GLU A 128 -10.94 17.06 -1.36
N ASP A 129 -11.92 17.95 -1.60
CA ASP A 129 -12.14 18.49 -2.94
C ASP A 129 -12.40 17.38 -3.95
N GLY A 130 -12.81 16.22 -3.45
CA GLY A 130 -13.05 15.09 -4.32
C GLY A 130 -11.80 14.25 -4.50
N LEU A 131 -10.72 14.69 -3.84
CA LEU A 131 -9.44 14.00 -3.89
C LEU A 131 -9.35 13.00 -2.75
N ILE A 132 -8.82 11.82 -3.02
CA ILE A 132 -8.68 10.79 -2.00
C ILE A 132 -7.26 10.74 -1.48
N LYS A 133 -7.08 10.91 -0.18
CA LYS A 133 -5.75 10.86 0.39
C LYS A 133 -5.62 9.69 1.36
N ALA A 134 -4.50 8.98 1.28
CA ALA A 134 -4.24 7.84 2.16
C ALA A 134 -2.99 8.10 3.00
N ARG A 135 -3.02 7.67 4.27
CA ARG A 135 -1.87 7.90 5.17
C ARG A 135 -1.55 6.70 6.04
N VAL A 136 -0.34 6.17 5.89
CA VAL A 136 0.11 5.06 6.73
C VAL A 136 1.50 5.34 7.32
N ILE A 137 1.57 5.47 8.64
CA ILE A 137 2.84 5.67 9.33
C ILE A 137 3.33 4.37 9.91
N LEU A 138 4.50 3.99 9.46
CA LEU A 138 5.14 2.75 9.88
C LEU A 138 6.29 2.99 10.83
N ASP A 139 6.58 2.01 11.67
CA ASP A 139 7.63 2.17 12.67
C ASP A 139 9.01 1.94 12.07
N LEU A 140 9.97 2.74 12.54
CA LEU A 140 11.36 2.72 12.08
C LEU A 140 11.82 1.30 11.72
N MET A 1 5.21 9.67 -10.81
CA MET A 1 3.91 9.02 -11.12
C MET A 1 3.46 8.10 -10.00
N LYS A 2 3.77 8.49 -8.76
CA LYS A 2 3.39 7.70 -7.59
C LYS A 2 2.35 8.43 -6.76
N GLY A 3 2.56 9.74 -6.57
CA GLY A 3 1.63 10.53 -5.79
C GLY A 3 1.78 10.33 -4.30
N PHE A 4 2.75 9.50 -3.89
CA PHE A 4 2.98 9.22 -2.48
C PHE A 4 4.13 10.07 -1.93
N GLU A 5 3.97 10.56 -0.71
CA GLU A 5 4.98 11.39 -0.06
C GLU A 5 4.97 11.15 1.46
N PHE A 6 6.15 10.87 2.01
CA PHE A 6 6.26 10.61 3.44
C PHE A 6 6.66 11.86 4.21
N PHE A 7 6.18 11.97 5.45
CA PHE A 7 6.49 13.10 6.31
C PHE A 7 7.44 12.66 7.42
N ASP A 8 7.99 13.63 8.15
CA ASP A 8 8.94 13.30 9.21
C ASP A 8 8.32 13.33 10.60
N VAL A 9 7.98 12.15 11.10
CA VAL A 9 7.41 12.00 12.44
C VAL A 9 8.45 11.40 13.36
N THR A 10 8.36 11.73 14.64
CA THR A 10 9.28 11.20 15.62
C THR A 10 8.69 9.97 16.30
N ALA A 11 9.16 8.77 15.92
CA ALA A 11 8.67 7.51 16.48
C ALA A 11 7.94 6.74 15.40
N ASP A 12 7.09 7.45 14.67
CA ASP A 12 6.31 6.87 13.59
C ASP A 12 6.55 7.59 12.26
N ALA A 13 6.05 7.02 11.17
CA ALA A 13 6.20 7.62 9.87
C ALA A 13 4.99 7.30 8.98
N GLY A 14 4.31 8.34 8.51
CA GLY A 14 3.15 8.14 7.65
C GLY A 14 3.38 8.69 6.26
N PHE A 15 2.86 8.00 5.27
CA PHE A 15 3.02 8.42 3.89
C PHE A 15 1.70 8.91 3.34
N TRP A 16 1.75 9.96 2.54
CA TRP A 16 0.55 10.52 1.94
C TRP A 16 0.55 10.27 0.45
N ALA A 17 -0.52 9.66 -0.05
CA ALA A 17 -0.64 9.37 -1.47
C ALA A 17 -1.91 9.94 -2.00
N TYR A 18 -1.98 10.06 -3.31
CA TYR A 18 -3.14 10.63 -3.94
C TYR A 18 -3.89 9.63 -4.81
N GLY A 19 -5.15 9.94 -5.06
CA GLY A 19 -6.01 9.09 -5.86
C GLY A 19 -6.29 9.64 -7.21
N HIS A 20 -7.43 9.25 -7.70
CA HIS A 20 -7.90 9.63 -9.00
C HIS A 20 -9.26 8.99 -9.27
N ASP A 21 -9.51 7.87 -8.59
CA ASP A 21 -10.78 7.16 -8.76
C ASP A 21 -10.99 6.13 -7.65
N LEU A 22 -10.44 6.42 -6.48
CA LEU A 22 -10.55 5.52 -5.32
C LEU A 22 -9.55 4.39 -5.44
N GLU A 23 -9.54 3.71 -6.58
CA GLU A 23 -8.60 2.63 -6.79
C GLU A 23 -7.20 3.21 -6.87
N GLU A 24 -7.08 4.44 -7.38
CA GLU A 24 -5.77 5.08 -7.48
C GLU A 24 -5.12 5.27 -6.11
N VAL A 25 -5.90 5.69 -5.12
CA VAL A 25 -5.37 5.92 -3.77
C VAL A 25 -5.08 4.60 -3.04
N PHE A 26 -6.01 3.67 -3.09
CA PHE A 26 -5.85 2.39 -2.41
C PHE A 26 -4.53 1.71 -2.77
N GLU A 27 -4.30 1.51 -4.06
CA GLU A 27 -3.07 0.86 -4.52
C GLU A 27 -1.86 1.70 -4.14
N ASN A 28 -2.02 3.01 -4.14
CA ASN A 28 -0.94 3.93 -3.80
C ASN A 28 -0.49 3.71 -2.36
N ALA A 29 -1.44 3.35 -1.50
CA ALA A 29 -1.15 3.11 -0.09
C ALA A 29 -0.11 2.00 0.07
N ALA A 30 -0.18 1.01 -0.81
CA ALA A 30 0.75 -0.11 -0.78
C ALA A 30 2.17 0.36 -1.10
N LEU A 31 2.28 1.26 -2.06
CA LEU A 31 3.58 1.80 -2.46
C LEU A 31 4.31 2.39 -1.27
N ALA A 32 3.56 2.99 -0.34
CA ALA A 32 4.15 3.59 0.85
C ALA A 32 4.91 2.55 1.66
N MET A 33 4.26 1.43 1.94
CA MET A 33 4.90 0.35 2.69
C MET A 33 5.96 -0.35 1.86
N PHE A 34 5.75 -0.37 0.55
CA PHE A 34 6.68 -1.02 -0.37
C PHE A 34 8.03 -0.29 -0.36
N GLU A 35 8.00 1.02 -0.55
CA GLU A 35 9.21 1.82 -0.57
C GLU A 35 10.03 1.59 0.70
N VAL A 36 9.32 1.30 1.80
CA VAL A 36 9.98 1.06 3.09
C VAL A 36 10.49 -0.38 3.17
N MET A 37 9.75 -1.30 2.57
CA MET A 37 10.12 -2.71 2.57
C MET A 37 11.54 -2.90 2.04
N THR A 38 11.90 -2.08 1.04
CA THR A 38 13.23 -2.17 0.44
C THR A 38 13.35 -1.17 -0.73
N ASP A 39 13.00 -1.61 -1.94
CA ASP A 39 13.08 -0.76 -3.12
C ASP A 39 12.72 -1.54 -4.38
N THR A 40 11.55 -1.26 -4.93
CA THR A 40 11.09 -1.94 -6.15
C THR A 40 11.88 -1.48 -7.38
N SER A 41 12.49 -0.30 -7.28
CA SER A 41 13.25 0.27 -8.39
C SER A 41 14.49 -0.57 -8.72
N LEU A 42 14.26 -1.81 -9.16
CA LEU A 42 15.34 -2.73 -9.53
C LEU A 42 14.81 -4.09 -9.94
N VAL A 43 13.56 -4.38 -9.58
CA VAL A 43 12.93 -5.65 -9.91
C VAL A 43 11.83 -5.45 -10.95
N GLU A 44 11.81 -6.30 -11.97
CA GLU A 44 10.82 -6.20 -13.04
C GLU A 44 9.49 -6.84 -12.62
N ALA A 45 9.40 -8.16 -12.75
CA ALA A 45 8.19 -8.89 -12.41
C ALA A 45 8.35 -10.37 -12.76
N ALA A 46 8.54 -11.19 -11.73
CA ALA A 46 8.71 -12.63 -11.94
C ALA A 46 7.46 -13.41 -11.55
N GLU A 47 6.73 -12.92 -10.56
CA GLU A 47 5.53 -13.59 -10.10
C GLU A 47 4.40 -12.60 -9.88
N GLU A 48 3.16 -13.07 -10.02
CA GLU A 48 2.01 -12.21 -9.82
C GLU A 48 0.97 -12.88 -8.93
N ARG A 49 0.34 -12.08 -8.07
CA ARG A 49 -0.68 -12.59 -7.16
C ARG A 49 -1.85 -11.61 -7.06
N ARG A 50 -3.02 -12.13 -6.69
CA ARG A 50 -4.21 -11.29 -6.56
C ARG A 50 -4.67 -11.22 -5.11
N VAL A 51 -5.15 -10.04 -4.71
CA VAL A 51 -5.64 -9.82 -3.36
C VAL A 51 -7.05 -9.24 -3.37
N GLU A 52 -7.86 -9.62 -2.39
CA GLU A 52 -9.22 -9.14 -2.29
C GLU A 52 -9.46 -8.53 -0.91
N ILE A 53 -10.27 -7.49 -0.86
CA ILE A 53 -10.56 -6.81 0.39
C ILE A 53 -12.02 -6.43 0.50
N THR A 54 -12.51 -6.36 1.74
CA THR A 54 -13.90 -5.99 1.99
C THR A 54 -13.98 -4.76 2.88
N SER A 55 -14.50 -3.68 2.32
CA SER A 55 -14.64 -2.42 3.07
C SER A 55 -16.11 -2.01 3.12
N GLU A 56 -16.41 -1.08 4.02
CA GLU A 56 -17.79 -0.60 4.16
C GLU A 56 -17.82 0.80 4.76
N ASP A 57 -16.77 1.58 4.50
CA ASP A 57 -16.70 2.94 5.02
C ASP A 57 -15.46 3.68 4.49
N ARG A 58 -14.97 3.25 3.34
CA ARG A 58 -13.80 3.87 2.72
C ARG A 58 -12.54 3.74 3.59
N VAL A 59 -12.55 4.40 4.73
CA VAL A 59 -11.42 4.36 5.66
C VAL A 59 -11.04 2.93 6.01
N SER A 60 -12.04 2.06 6.13
CA SER A 60 -11.79 0.66 6.47
C SER A 60 -10.95 -0.03 5.41
N LEU A 61 -11.25 0.23 4.14
CA LEU A 61 -10.49 -0.38 3.04
C LEU A 61 -9.00 -0.10 3.22
N LEU A 62 -8.64 1.17 3.36
CA LEU A 62 -7.25 1.54 3.55
C LEU A 62 -6.68 0.87 4.79
N TYR A 63 -7.50 0.77 5.83
CA TYR A 63 -7.08 0.15 7.08
C TYR A 63 -6.77 -1.34 6.87
N ASP A 64 -7.53 -1.97 5.98
CA ASP A 64 -7.33 -3.38 5.69
C ASP A 64 -6.47 -3.60 4.46
N TRP A 65 -6.23 -2.53 3.69
CA TRP A 65 -5.42 -2.63 2.49
C TRP A 65 -3.94 -2.82 2.83
N LEU A 66 -3.42 -1.93 3.66
CA LEU A 66 -2.02 -2.01 4.06
C LEU A 66 -1.77 -3.25 4.90
N ASP A 67 -2.63 -3.49 5.89
CA ASP A 67 -2.49 -4.68 6.74
C ASP A 67 -2.38 -5.91 5.86
N GLU A 68 -3.08 -5.88 4.72
CA GLU A 68 -3.04 -6.97 3.77
C GLU A 68 -1.64 -7.13 3.23
N LEU A 69 -1.00 -5.99 2.97
CA LEU A 69 0.37 -5.98 2.46
C LEU A 69 1.30 -6.64 3.46
N LEU A 70 0.98 -6.48 4.74
CA LEU A 70 1.78 -7.06 5.82
C LEU A 70 1.87 -8.57 5.68
N PHE A 71 0.71 -9.22 5.56
CA PHE A 71 0.66 -10.66 5.42
C PHE A 71 1.17 -11.10 4.04
N ILE A 72 0.70 -10.42 3.00
CA ILE A 72 1.10 -10.73 1.64
C ILE A 72 2.60 -10.62 1.47
N HIS A 73 3.21 -9.67 2.16
CA HIS A 73 4.66 -9.46 2.07
C HIS A 73 5.41 -10.74 2.42
N ASP A 74 5.11 -11.30 3.58
CA ASP A 74 5.76 -12.54 4.01
C ASP A 74 5.23 -13.71 3.23
N THR A 75 3.95 -13.64 2.86
CA THR A 75 3.35 -14.71 2.06
C THR A 75 4.04 -14.75 0.71
N GLU A 76 4.72 -13.67 0.37
CA GLU A 76 5.45 -13.59 -0.88
C GLU A 76 6.42 -12.42 -0.87
N PHE A 77 7.49 -12.59 -0.09
CA PHE A 77 8.53 -11.56 0.02
C PHE A 77 8.91 -11.03 -1.36
N ILE A 78 8.24 -9.96 -1.77
CA ILE A 78 8.48 -9.35 -3.08
C ILE A 78 9.11 -7.97 -2.93
N LEU A 79 10.14 -7.70 -3.73
CA LEU A 79 10.82 -6.42 -3.70
C LEU A 79 10.10 -5.38 -4.52
N PHE A 80 9.61 -5.79 -5.69
CA PHE A 80 8.88 -4.88 -6.57
C PHE A 80 7.47 -5.37 -6.82
N SER A 81 6.55 -4.44 -6.96
CA SER A 81 5.17 -4.80 -7.21
C SER A 81 4.41 -3.70 -7.94
N LYS A 82 3.71 -4.10 -9.01
CA LYS A 82 2.90 -3.16 -9.78
C LYS A 82 1.56 -3.00 -9.07
N PHE A 83 0.94 -1.84 -9.19
CA PHE A 83 -0.32 -1.63 -8.51
C PHE A 83 -1.52 -1.65 -9.45
N LYS A 84 -2.40 -2.59 -9.17
CA LYS A 84 -3.66 -2.75 -9.88
C LYS A 84 -4.75 -2.98 -8.84
N VAL A 85 -5.69 -2.07 -8.71
CA VAL A 85 -6.73 -2.24 -7.70
C VAL A 85 -8.14 -2.19 -8.29
N LYS A 86 -9.01 -2.93 -7.63
CA LYS A 86 -10.40 -3.04 -8.04
C LYS A 86 -11.33 -2.78 -6.87
N ILE A 87 -12.18 -1.76 -6.95
CA ILE A 87 -13.12 -1.48 -5.87
C ILE A 87 -14.54 -1.36 -6.40
N ASP A 88 -15.50 -1.84 -5.62
CA ASP A 88 -16.90 -1.79 -6.01
C ASP A 88 -17.72 -1.09 -4.95
N GLU A 89 -18.39 0.00 -5.32
CA GLU A 89 -19.22 0.73 -4.37
C GLU A 89 -20.70 0.48 -4.65
N LYS A 90 -21.31 -0.22 -3.72
CA LYS A 90 -22.72 -0.54 -3.78
C LYS A 90 -23.33 -0.25 -2.43
N ASP A 91 -24.55 -0.73 -2.21
CA ASP A 91 -25.29 -0.53 -0.95
C ASP A 91 -24.39 -0.14 0.23
N ASP A 92 -23.19 -0.71 0.31
CA ASP A 92 -22.27 -0.41 1.41
C ASP A 92 -21.16 -1.45 1.46
N GLY A 93 -21.51 -2.68 1.11
CA GLY A 93 -20.53 -3.76 1.11
C GLY A 93 -19.58 -3.66 -0.06
N LEU A 94 -18.59 -2.78 0.03
CA LEU A 94 -17.64 -2.60 -1.05
C LEU A 94 -16.40 -3.46 -0.84
N HIS A 95 -15.91 -4.04 -1.94
CA HIS A 95 -14.75 -4.90 -1.89
C HIS A 95 -13.67 -4.44 -2.86
N LEU A 96 -12.41 -4.59 -2.46
CA LEU A 96 -11.28 -4.18 -3.29
C LEU A 96 -10.49 -5.38 -3.80
N THR A 97 -10.04 -5.30 -5.04
CA THR A 97 -9.24 -6.37 -5.64
C THR A 97 -7.93 -5.78 -6.16
N GLY A 98 -6.83 -6.27 -5.62
CA GLY A 98 -5.51 -5.76 -6.00
C GLY A 98 -4.56 -6.84 -6.50
N THR A 99 -3.68 -6.46 -7.42
CA THR A 99 -2.70 -7.39 -7.99
C THR A 99 -1.26 -6.96 -7.70
N ALA A 100 -0.39 -7.93 -7.44
CA ALA A 100 1.01 -7.66 -7.16
C ALA A 100 1.92 -8.65 -7.90
N MET A 101 2.95 -8.13 -8.57
CA MET A 101 3.89 -8.97 -9.33
C MET A 101 5.34 -8.61 -8.98
N GLY A 102 6.26 -9.57 -9.14
CA GLY A 102 7.65 -9.28 -8.83
C GLY A 102 8.11 -9.95 -7.55
N GLU A 103 8.00 -11.26 -7.49
CA GLU A 103 8.42 -12.01 -6.32
C GLU A 103 9.75 -12.69 -6.54
N GLU A 104 10.76 -12.28 -5.77
CA GLU A 104 12.10 -12.83 -5.88
C GLU A 104 13.04 -12.12 -4.90
N ILE A 105 12.84 -12.36 -3.61
CA ILE A 105 13.66 -11.74 -2.58
C ILE A 105 15.06 -12.38 -2.54
N LYS A 106 16.09 -11.53 -2.59
CA LYS A 106 17.46 -12.01 -2.56
C LYS A 106 18.10 -11.70 -1.20
N GLU A 107 18.89 -12.65 -0.71
CA GLU A 107 19.57 -12.49 0.58
C GLU A 107 20.32 -11.16 0.65
N GLY A 108 19.77 -10.22 1.39
CA GLY A 108 20.40 -8.92 1.54
C GLY A 108 20.20 -8.04 0.31
N HIS A 109 19.08 -8.22 -0.37
CA HIS A 109 18.79 -7.43 -1.57
C HIS A 109 18.26 -6.05 -1.19
N GLU A 110 19.02 -5.01 -1.55
CA GLU A 110 18.62 -3.64 -1.25
C GLU A 110 18.51 -3.42 0.25
N ARG A 111 19.40 -2.58 0.78
CA ARG A 111 19.40 -2.28 2.21
C ARG A 111 18.91 -0.86 2.48
N ARG A 112 17.95 -0.73 3.38
CA ARG A 112 17.39 0.57 3.74
C ARG A 112 16.74 0.53 5.11
N ASP A 113 16.13 1.64 5.52
CA ASP A 113 15.47 1.72 6.81
C ASP A 113 14.01 1.28 6.70
N GLU A 114 13.62 0.34 7.57
CA GLU A 114 12.26 -0.17 7.58
C GLU A 114 11.61 0.03 8.93
N VAL A 115 10.31 0.32 8.93
CA VAL A 115 9.57 0.53 10.16
C VAL A 115 9.40 -0.79 10.92
N LYS A 116 10.12 -0.90 12.03
CA LYS A 116 10.07 -2.12 12.85
C LYS A 116 8.64 -2.47 13.26
N ALA A 117 7.74 -1.50 13.23
CA ALA A 117 6.36 -1.74 13.61
C ALA A 117 5.38 -0.99 12.71
N VAL A 118 4.44 -1.73 12.13
CA VAL A 118 3.43 -1.14 11.26
C VAL A 118 2.12 -0.93 12.02
N THR A 119 1.82 0.33 12.31
CA THR A 119 0.61 0.67 13.04
C THR A 119 -0.32 1.50 12.18
N PHE A 120 -1.59 1.10 12.10
CA PHE A 120 -2.57 1.85 11.32
C PHE A 120 -2.86 3.18 12.00
N HIS A 121 -1.88 4.09 11.98
CA HIS A 121 -2.04 5.38 12.62
C HIS A 121 -3.21 6.17 12.04
N MET A 122 -3.34 6.16 10.73
CA MET A 122 -4.42 6.86 10.06
C MET A 122 -5.16 5.93 9.12
N MET A 123 -4.47 5.46 8.08
CA MET A 123 -5.06 4.56 7.10
C MET A 123 -6.45 5.04 6.70
N GLU A 124 -6.55 6.32 6.36
CA GLU A 124 -7.81 6.91 5.96
C GLU A 124 -7.66 7.65 4.64
N ILE A 125 -8.71 7.63 3.82
CA ILE A 125 -8.68 8.29 2.54
C ILE A 125 -9.60 9.51 2.51
N LEU A 126 -8.99 10.69 2.40
CA LEU A 126 -9.76 11.95 2.35
C LEU A 126 -9.63 12.55 0.96
N ASP A 127 -10.65 13.30 0.54
CA ASP A 127 -10.63 13.90 -0.80
C ASP A 127 -10.48 15.42 -0.74
N GLU A 128 -9.42 15.91 -1.38
CA GLU A 128 -9.14 17.34 -1.45
C GLU A 128 -8.98 17.76 -2.91
N ASP A 129 -9.55 18.90 -3.29
CA ASP A 129 -9.44 19.38 -4.67
C ASP A 129 -10.04 18.37 -5.65
N GLY A 130 -10.89 17.50 -5.14
CA GLY A 130 -11.48 16.47 -5.97
C GLY A 130 -10.56 15.27 -6.08
N LEU A 131 -9.42 15.35 -5.40
CA LEU A 131 -8.43 14.27 -5.39
C LEU A 131 -8.48 13.56 -4.05
N ILE A 132 -8.23 12.26 -4.06
CA ILE A 132 -8.25 11.48 -2.82
C ILE A 132 -6.85 11.25 -2.33
N LYS A 133 -6.67 11.26 -1.01
CA LYS A 133 -5.36 11.02 -0.45
C LYS A 133 -5.43 10.02 0.70
N ALA A 134 -4.47 9.10 0.72
CA ALA A 134 -4.40 8.08 1.76
C ALA A 134 -3.18 8.32 2.66
N ARG A 135 -3.36 8.14 3.97
CA ARG A 135 -2.25 8.38 4.91
C ARG A 135 -2.10 7.28 5.96
N VAL A 136 -0.94 6.64 5.97
CA VAL A 136 -0.66 5.61 6.97
C VAL A 136 0.69 5.84 7.66
N ILE A 137 0.65 6.12 8.97
CA ILE A 137 1.85 6.31 9.77
C ILE A 137 2.19 5.04 10.51
N LEU A 138 3.46 4.71 10.49
CA LEU A 138 3.96 3.49 11.11
C LEU A 138 5.04 3.79 12.13
N ASP A 139 5.17 2.92 13.10
CA ASP A 139 6.14 3.11 14.19
C ASP A 139 7.54 2.68 13.78
N LEU A 140 8.51 3.47 14.26
CA LEU A 140 9.94 3.27 13.98
C LEU A 140 10.26 1.82 13.62
N MET A 1 4.66 14.02 -8.61
CA MET A 1 4.95 12.94 -9.58
C MET A 1 5.30 11.64 -8.86
N LYS A 2 4.64 11.39 -7.74
CA LYS A 2 4.89 10.19 -6.96
C LYS A 2 3.58 9.61 -6.40
N GLY A 3 2.73 10.48 -5.90
CA GLY A 3 1.45 10.05 -5.36
C GLY A 3 1.55 9.65 -3.90
N PHE A 4 2.77 9.53 -3.37
CA PHE A 4 2.98 9.16 -1.98
C PHE A 4 4.16 9.93 -1.37
N GLU A 5 4.02 10.38 -0.13
CA GLU A 5 5.10 11.12 0.53
C GLU A 5 5.11 10.87 2.05
N PHE A 6 6.28 11.02 2.66
CA PHE A 6 6.43 10.84 4.10
C PHE A 6 6.69 12.19 4.77
N PHE A 7 6.22 12.37 6.01
CA PHE A 7 6.40 13.67 6.67
C PHE A 7 7.19 13.60 8.00
N ASP A 8 7.97 14.67 8.21
CA ASP A 8 8.77 14.88 9.43
C ASP A 8 9.32 13.63 10.11
N VAL A 9 9.52 12.55 9.39
CA VAL A 9 10.06 11.33 10.01
C VAL A 9 11.53 11.08 9.66
N THR A 10 12.24 10.43 10.57
CA THR A 10 13.64 10.11 10.36
C THR A 10 13.78 9.25 9.12
N ALA A 11 12.82 8.37 8.91
CA ALA A 11 12.83 7.49 7.77
C ALA A 11 11.43 6.95 7.50
N ASP A 12 10.74 6.57 8.57
CA ASP A 12 9.38 6.02 8.41
C ASP A 12 8.33 6.72 9.24
N ALA A 13 7.36 7.27 8.55
CA ALA A 13 6.20 7.91 9.17
C ALA A 13 5.00 7.81 8.28
N GLY A 14 3.82 8.08 8.83
CA GLY A 14 2.64 8.05 8.02
C GLY A 14 2.89 8.72 6.69
N PHE A 15 2.51 8.07 5.62
CA PHE A 15 2.75 8.64 4.32
C PHE A 15 1.46 9.18 3.75
N TRP A 16 1.58 10.18 2.90
CA TRP A 16 0.41 10.76 2.30
C TRP A 16 0.37 10.38 0.83
N ALA A 17 -0.73 9.77 0.43
CA ALA A 17 -0.90 9.33 -0.93
C ALA A 17 -2.10 9.98 -1.53
N TYR A 18 -2.17 9.92 -2.83
CA TYR A 18 -3.26 10.55 -3.54
C TYR A 18 -3.86 9.66 -4.60
N GLY A 19 -5.12 9.91 -4.91
CA GLY A 19 -5.84 9.13 -5.90
C GLY A 19 -6.23 9.91 -7.10
N HIS A 20 -7.41 9.59 -7.55
CA HIS A 20 -7.99 10.16 -8.72
C HIS A 20 -9.30 9.45 -9.01
N ASP A 21 -9.37 8.19 -8.61
CA ASP A 21 -10.57 7.38 -8.81
C ASP A 21 -10.69 6.34 -7.71
N LEU A 22 -10.23 6.70 -6.51
CA LEU A 22 -10.27 5.80 -5.36
C LEU A 22 -9.19 4.73 -5.51
N GLU A 23 -9.27 3.97 -6.58
CA GLU A 23 -8.28 2.93 -6.85
C GLU A 23 -6.89 3.54 -6.92
N GLU A 24 -6.83 4.79 -7.38
CA GLU A 24 -5.57 5.51 -7.52
C GLU A 24 -4.89 5.76 -6.16
N VAL A 25 -5.65 6.25 -5.19
CA VAL A 25 -5.09 6.55 -3.87
C VAL A 25 -4.63 5.29 -3.14
N PHE A 26 -5.40 4.21 -3.26
CA PHE A 26 -5.05 2.96 -2.61
C PHE A 26 -3.77 2.38 -3.18
N GLU A 27 -3.66 2.41 -4.50
CA GLU A 27 -2.47 1.91 -5.19
C GLU A 27 -1.22 2.58 -4.66
N ASN A 28 -1.33 3.87 -4.38
CA ASN A 28 -0.21 4.64 -3.84
C ASN A 28 0.07 4.21 -2.40
N ALA A 29 -0.97 3.72 -1.73
CA ALA A 29 -0.85 3.27 -0.35
C ALA A 29 0.08 2.07 -0.26
N ALA A 30 0.05 1.22 -1.28
CA ALA A 30 0.91 0.04 -1.31
C ALA A 30 2.35 0.44 -1.58
N LEU A 31 2.54 1.61 -2.19
CA LEU A 31 3.87 2.11 -2.52
C LEU A 31 4.61 2.60 -1.28
N ALA A 32 3.87 3.13 -0.31
CA ALA A 32 4.48 3.65 0.92
C ALA A 32 5.35 2.59 1.60
N MET A 33 4.79 1.41 1.83
CA MET A 33 5.52 0.34 2.49
C MET A 33 6.59 -0.26 1.58
N PHE A 34 6.30 -0.36 0.29
CA PHE A 34 7.23 -0.92 -0.68
C PHE A 34 8.41 0.01 -0.94
N GLU A 35 8.14 1.32 -1.02
CA GLU A 35 9.19 2.30 -1.28
C GLU A 35 10.32 2.13 -0.27
N VAL A 36 9.96 1.73 0.95
CA VAL A 36 10.94 1.52 2.01
C VAL A 36 11.74 0.25 1.74
N MET A 37 11.09 -0.71 1.09
CA MET A 37 11.72 -1.98 0.76
C MET A 37 12.69 -1.81 -0.41
N THR A 38 12.33 -0.90 -1.32
CA THR A 38 13.15 -0.62 -2.49
C THR A 38 13.57 -1.91 -3.21
N ASP A 39 14.42 -1.76 -4.23
CA ASP A 39 14.91 -2.89 -5.01
C ASP A 39 13.92 -3.33 -6.08
N THR A 40 12.67 -2.89 -5.97
CA THR A 40 11.65 -3.24 -6.94
C THR A 40 11.87 -2.54 -8.28
N SER A 41 12.61 -1.44 -8.25
CA SER A 41 12.90 -0.68 -9.46
C SER A 41 13.84 -1.44 -10.40
N LEU A 42 14.29 -2.62 -9.98
CA LEU A 42 15.19 -3.42 -10.80
C LEU A 42 14.62 -4.83 -11.04
N VAL A 43 13.33 -5.00 -10.76
CA VAL A 43 12.68 -6.28 -10.94
C VAL A 43 11.54 -6.19 -11.96
N GLU A 44 11.48 -7.16 -12.86
CA GLU A 44 10.45 -7.19 -13.89
C GLU A 44 9.11 -7.68 -13.35
N ALA A 45 8.98 -9.01 -13.25
CA ALA A 45 7.76 -9.62 -12.76
C ALA A 45 7.84 -11.14 -12.86
N ALA A 46 8.05 -11.80 -11.73
CA ALA A 46 8.17 -13.26 -11.70
C ALA A 46 6.81 -13.93 -11.55
N GLU A 47 6.08 -13.56 -10.51
CA GLU A 47 4.77 -14.15 -10.24
C GLU A 47 3.74 -13.09 -9.97
N GLU A 48 2.52 -13.30 -10.45
CA GLU A 48 1.44 -12.35 -10.22
C GLU A 48 0.28 -13.01 -9.48
N ARG A 49 -0.06 -12.45 -8.34
CA ARG A 49 -1.16 -12.96 -7.53
C ARG A 49 -2.21 -11.89 -7.29
N ARG A 50 -3.47 -12.28 -7.26
CA ARG A 50 -4.56 -11.34 -7.06
C ARG A 50 -5.08 -11.42 -5.62
N VAL A 51 -5.42 -10.26 -5.07
CA VAL A 51 -5.94 -10.18 -3.71
C VAL A 51 -7.35 -9.59 -3.71
N GLU A 52 -8.17 -10.05 -2.77
CA GLU A 52 -9.53 -9.56 -2.65
C GLU A 52 -9.79 -9.08 -1.25
N ILE A 53 -10.57 -8.02 -1.12
CA ILE A 53 -10.86 -7.47 0.18
C ILE A 53 -12.31 -7.04 0.31
N THR A 54 -12.86 -7.18 1.51
CA THR A 54 -14.24 -6.79 1.76
C THR A 54 -14.31 -5.72 2.85
N SER A 55 -14.72 -4.53 2.45
CA SER A 55 -14.86 -3.40 3.36
C SER A 55 -16.31 -2.92 3.37
N GLU A 56 -16.68 -2.12 4.36
CA GLU A 56 -18.03 -1.60 4.44
C GLU A 56 -18.05 -0.27 5.18
N ASP A 57 -17.25 0.68 4.70
CA ASP A 57 -17.19 1.99 5.33
C ASP A 57 -16.21 2.94 4.61
N ARG A 58 -15.74 2.53 3.43
CA ARG A 58 -14.80 3.36 2.66
C ARG A 58 -13.48 3.53 3.42
N VAL A 59 -13.52 4.29 4.50
CA VAL A 59 -12.32 4.53 5.31
C VAL A 59 -11.69 3.20 5.74
N SER A 60 -12.53 2.26 6.15
CA SER A 60 -12.05 0.95 6.58
C SER A 60 -11.41 0.23 5.41
N LEU A 61 -11.92 0.44 4.20
CA LEU A 61 -11.36 -0.18 3.02
C LEU A 61 -9.87 0.14 2.95
N LEU A 62 -9.52 1.34 3.39
CA LEU A 62 -8.14 1.77 3.39
C LEU A 62 -7.34 0.90 4.36
N TYR A 63 -7.87 0.74 5.56
CA TYR A 63 -7.22 -0.08 6.58
C TYR A 63 -6.94 -1.49 6.07
N ASP A 64 -7.84 -1.99 5.23
CA ASP A 64 -7.70 -3.33 4.68
C ASP A 64 -6.70 -3.38 3.53
N TRP A 65 -6.25 -2.22 3.05
CA TRP A 65 -5.30 -2.20 1.94
C TRP A 65 -3.91 -2.63 2.38
N LEU A 66 -3.39 -1.97 3.41
CA LEU A 66 -2.07 -2.25 3.92
C LEU A 66 -2.02 -3.56 4.69
N ASP A 67 -3.02 -3.78 5.54
CA ASP A 67 -3.07 -5.02 6.33
C ASP A 67 -2.89 -6.22 5.41
N GLU A 68 -3.39 -6.08 4.19
CA GLU A 68 -3.27 -7.13 3.18
C GLU A 68 -1.81 -7.26 2.75
N LEU A 69 -1.16 -6.11 2.61
CA LEU A 69 0.24 -6.08 2.22
C LEU A 69 1.13 -6.55 3.36
N LEU A 70 0.69 -6.29 4.58
CA LEU A 70 1.45 -6.68 5.77
C LEU A 70 1.53 -8.19 5.91
N PHE A 71 0.38 -8.86 5.86
CA PHE A 71 0.32 -10.30 5.99
C PHE A 71 0.88 -11.00 4.75
N ILE A 72 0.39 -10.59 3.58
CA ILE A 72 0.83 -11.18 2.32
C ILE A 72 2.35 -11.16 2.17
N HIS A 73 2.98 -10.11 2.70
CA HIS A 73 4.43 -9.97 2.60
C HIS A 73 5.14 -11.24 3.05
N ASP A 74 4.80 -11.71 4.25
CA ASP A 74 5.40 -12.95 4.76
C ASP A 74 4.82 -14.14 4.04
N THR A 75 3.56 -14.06 3.68
CA THR A 75 2.92 -15.13 2.95
C THR A 75 3.60 -15.29 1.60
N GLU A 76 4.31 -14.24 1.19
CA GLU A 76 5.04 -14.26 -0.06
C GLU A 76 6.07 -13.14 -0.11
N PHE A 77 7.13 -13.32 0.66
CA PHE A 77 8.22 -12.36 0.70
C PHE A 77 8.61 -11.92 -0.71
N ILE A 78 8.02 -10.82 -1.16
CA ILE A 78 8.29 -10.30 -2.50
C ILE A 78 9.02 -8.97 -2.44
N LEU A 79 10.17 -8.91 -3.12
CA LEU A 79 10.98 -7.70 -3.15
C LEU A 79 10.35 -6.64 -4.05
N PHE A 80 9.81 -7.08 -5.19
CA PHE A 80 9.17 -6.17 -6.13
C PHE A 80 7.71 -6.53 -6.33
N SER A 81 6.87 -5.52 -6.46
CA SER A 81 5.46 -5.76 -6.66
C SER A 81 4.77 -4.60 -7.38
N LYS A 82 4.03 -4.94 -8.43
CA LYS A 82 3.28 -3.94 -9.18
C LYS A 82 1.93 -3.74 -8.50
N PHE A 83 1.50 -2.49 -8.37
CA PHE A 83 0.25 -2.24 -7.68
C PHE A 83 -0.89 -1.87 -8.62
N LYS A 84 -1.92 -2.69 -8.56
CA LYS A 84 -3.14 -2.49 -9.31
C LYS A 84 -4.30 -2.72 -8.35
N VAL A 85 -5.07 -1.68 -8.07
CA VAL A 85 -6.16 -1.84 -7.12
C VAL A 85 -7.52 -1.70 -7.77
N LYS A 86 -8.48 -2.42 -7.19
CA LYS A 86 -9.85 -2.44 -7.69
C LYS A 86 -10.84 -2.20 -6.55
N ILE A 87 -11.80 -1.31 -6.76
CA ILE A 87 -12.81 -1.05 -5.75
C ILE A 87 -14.21 -1.16 -6.34
N ASP A 88 -15.09 -1.93 -5.68
CA ASP A 88 -16.44 -2.12 -6.16
C ASP A 88 -17.47 -1.94 -5.05
N GLU A 89 -18.39 -0.99 -5.25
CA GLU A 89 -19.45 -0.74 -4.27
C GLU A 89 -20.77 -1.29 -4.78
N LYS A 90 -21.27 -2.28 -4.09
CA LYS A 90 -22.54 -2.91 -4.44
C LYS A 90 -23.42 -3.03 -3.22
N ASP A 91 -24.51 -3.76 -3.35
CA ASP A 91 -25.44 -3.95 -2.24
C ASP A 91 -24.80 -4.74 -1.10
N ASP A 92 -23.48 -4.93 -1.16
CA ASP A 92 -22.77 -5.66 -0.11
C ASP A 92 -21.91 -4.73 0.73
N GLY A 93 -21.63 -3.54 0.20
CA GLY A 93 -20.82 -2.57 0.90
C GLY A 93 -19.64 -2.10 0.09
N LEU A 94 -18.46 -2.58 0.46
CA LEU A 94 -17.23 -2.20 -0.21
C LEU A 94 -16.33 -3.40 -0.47
N HIS A 95 -15.82 -3.50 -1.69
CA HIS A 95 -14.92 -4.59 -2.06
C HIS A 95 -13.65 -4.03 -2.68
N LEU A 96 -12.52 -4.67 -2.39
CA LEU A 96 -11.23 -4.22 -2.91
C LEU A 96 -10.49 -5.37 -3.58
N THR A 97 -10.04 -5.14 -4.82
CA THR A 97 -9.28 -6.16 -5.55
C THR A 97 -7.93 -5.59 -6.00
N GLY A 98 -6.86 -6.21 -5.53
CA GLY A 98 -5.53 -5.75 -5.89
C GLY A 98 -4.65 -6.84 -6.49
N THR A 99 -3.74 -6.44 -7.38
CA THR A 99 -2.84 -7.39 -8.04
C THR A 99 -1.37 -7.08 -7.75
N ALA A 100 -0.57 -8.14 -7.59
CA ALA A 100 0.86 -7.99 -7.32
C ALA A 100 1.69 -9.03 -8.07
N MET A 101 2.77 -8.58 -8.71
CA MET A 101 3.66 -9.47 -9.46
C MET A 101 5.10 -9.34 -8.97
N GLY A 102 5.86 -10.43 -9.00
CA GLY A 102 7.23 -10.37 -8.52
C GLY A 102 7.39 -11.14 -7.24
N GLU A 103 7.53 -12.45 -7.35
CA GLU A 103 7.68 -13.31 -6.18
C GLU A 103 9.03 -14.00 -6.16
N GLU A 104 9.41 -14.50 -4.98
CA GLU A 104 10.69 -15.20 -4.78
C GLU A 104 11.77 -14.22 -4.31
N ILE A 105 11.88 -14.06 -3.00
CA ILE A 105 12.87 -13.17 -2.41
C ILE A 105 14.27 -13.76 -2.51
N LYS A 106 15.24 -12.92 -2.85
CA LYS A 106 16.62 -13.36 -2.97
C LYS A 106 17.41 -13.05 -1.70
N GLU A 107 18.25 -13.99 -1.29
CA GLU A 107 19.06 -13.81 -0.08
C GLU A 107 19.95 -12.58 -0.20
N GLY A 108 19.87 -11.71 0.80
CA GLY A 108 20.68 -10.49 0.79
C GLY A 108 20.46 -9.66 -0.46
N HIS A 109 19.21 -9.61 -0.92
CA HIS A 109 18.87 -8.85 -2.12
C HIS A 109 18.66 -7.37 -1.78
N GLU A 110 19.65 -6.55 -2.10
CA GLU A 110 19.58 -5.11 -1.84
C GLU A 110 19.42 -4.84 -0.35
N ARG A 111 20.33 -4.03 0.19
CA ARG A 111 20.29 -3.69 1.61
C ARG A 111 19.88 -2.23 1.81
N ARG A 112 18.78 -2.04 2.54
CA ARG A 112 18.28 -0.70 2.81
C ARG A 112 17.61 -0.65 4.19
N ASP A 113 17.08 0.52 4.55
CA ASP A 113 16.42 0.68 5.84
C ASP A 113 14.93 0.36 5.71
N GLU A 114 14.45 -0.52 6.58
CA GLU A 114 13.04 -0.91 6.57
C GLU A 114 12.40 -0.63 7.93
N VAL A 115 11.14 -0.21 7.90
CA VAL A 115 10.40 0.08 9.12
C VAL A 115 10.12 -1.21 9.90
N LYS A 116 10.72 -1.33 11.07
CA LYS A 116 10.54 -2.52 11.90
C LYS A 116 9.29 -2.40 12.78
N ALA A 117 8.37 -1.52 12.40
CA ALA A 117 7.15 -1.33 13.17
C ALA A 117 6.07 -0.63 12.36
N VAL A 118 5.26 -1.42 11.67
CA VAL A 118 4.18 -0.88 10.87
C VAL A 118 2.91 -0.77 11.70
N THR A 119 2.53 0.46 12.02
CA THR A 119 1.36 0.70 12.85
C THR A 119 0.24 1.39 12.07
N PHE A 120 -0.97 0.84 12.15
CA PHE A 120 -2.13 1.42 11.48
C PHE A 120 -2.56 2.66 12.24
N HIS A 121 -1.70 3.68 12.24
CA HIS A 121 -1.99 4.90 12.97
C HIS A 121 -3.24 5.61 12.46
N MET A 122 -3.39 5.72 11.14
CA MET A 122 -4.55 6.37 10.57
C MET A 122 -5.31 5.41 9.66
N MET A 123 -4.64 4.97 8.60
CA MET A 123 -5.25 4.04 7.65
C MET A 123 -6.64 4.53 7.26
N GLU A 124 -6.71 5.79 6.83
CA GLU A 124 -7.97 6.39 6.43
C GLU A 124 -7.80 7.18 5.15
N ILE A 125 -8.91 7.49 4.49
CA ILE A 125 -8.87 8.23 3.23
C ILE A 125 -9.57 9.57 3.36
N LEU A 126 -8.83 10.64 3.14
CA LEU A 126 -9.40 11.99 3.21
C LEU A 126 -9.58 12.54 1.80
N ASP A 127 -10.73 13.16 1.56
CA ASP A 127 -11.01 13.71 0.23
C ASP A 127 -10.72 15.20 0.15
N GLU A 128 -9.85 15.57 -0.78
CA GLU A 128 -9.48 16.97 -0.99
C GLU A 128 -9.73 17.37 -2.44
N ASP A 129 -10.60 18.36 -2.66
CA ASP A 129 -10.89 18.81 -4.02
C ASP A 129 -11.44 17.67 -4.87
N GLY A 130 -11.98 16.66 -4.21
CA GLY A 130 -12.52 15.52 -4.92
C GLY A 130 -11.48 14.42 -5.09
N LEU A 131 -10.27 14.68 -4.58
CA LEU A 131 -9.18 13.71 -4.67
C LEU A 131 -9.04 12.96 -3.35
N ILE A 132 -8.67 11.69 -3.43
CA ILE A 132 -8.52 10.87 -2.23
C ILE A 132 -7.06 10.72 -1.83
N LYS A 133 -6.82 10.74 -0.52
CA LYS A 133 -5.48 10.57 0.00
C LYS A 133 -5.49 9.58 1.16
N ALA A 134 -4.51 8.69 1.19
CA ALA A 134 -4.40 7.67 2.23
C ALA A 134 -3.23 7.93 3.17
N ARG A 135 -3.43 7.75 4.49
CA ARG A 135 -2.35 8.01 5.45
C ARG A 135 -2.24 7.01 6.60
N VAL A 136 -1.08 6.37 6.72
CA VAL A 136 -0.82 5.43 7.82
C VAL A 136 0.52 5.76 8.48
N ILE A 137 0.51 6.18 9.75
CA ILE A 137 1.75 6.49 10.46
C ILE A 137 2.36 5.22 11.01
N LEU A 138 3.66 5.07 10.80
CA LEU A 138 4.38 3.87 11.22
C LEU A 138 5.58 4.22 12.10
N ASP A 139 5.92 3.29 12.96
CA ASP A 139 7.04 3.48 13.87
C ASP A 139 8.35 3.11 13.18
N LEU A 140 9.19 4.12 12.94
CA LEU A 140 10.48 3.92 12.27
C LEU A 140 11.16 2.63 12.74
N MET A 1 4.78 15.82 -9.88
CA MET A 1 3.42 15.56 -9.36
C MET A 1 3.19 14.05 -9.14
N LYS A 2 3.63 13.56 -7.99
CA LYS A 2 3.49 12.15 -7.67
C LYS A 2 2.23 11.91 -6.84
N GLY A 3 1.84 12.91 -6.06
CA GLY A 3 0.66 12.78 -5.23
C GLY A 3 0.96 12.24 -3.85
N PHE A 4 2.20 11.81 -3.63
CA PHE A 4 2.61 11.26 -2.34
C PHE A 4 3.50 12.23 -1.57
N GLU A 5 3.28 12.30 -0.26
CA GLU A 5 4.06 13.17 0.62
C GLU A 5 4.20 12.53 2.00
N PHE A 6 5.42 12.55 2.54
CA PHE A 6 5.67 11.94 3.84
C PHE A 6 6.05 12.97 4.90
N PHE A 7 5.66 12.67 6.15
CA PHE A 7 5.99 13.55 7.27
C PHE A 7 7.03 12.88 8.15
N ASP A 8 7.98 13.67 8.64
CA ASP A 8 9.06 13.15 9.46
C ASP A 8 8.66 12.90 10.90
N VAL A 9 8.46 11.63 11.24
CA VAL A 9 8.12 11.22 12.60
C VAL A 9 9.33 10.55 13.24
N THR A 10 9.44 10.66 14.54
CA THR A 10 10.54 10.04 15.25
C THR A 10 10.17 8.61 15.63
N ALA A 11 10.79 7.63 14.96
CA ALA A 11 10.52 6.19 15.20
C ALA A 11 9.68 5.64 14.06
N ASP A 12 8.68 6.40 13.67
CA ASP A 12 7.77 6.02 12.59
C ASP A 12 7.75 7.08 11.49
N ALA A 13 7.15 6.73 10.36
CA ALA A 13 6.99 7.63 9.24
C ALA A 13 5.72 7.31 8.49
N GLY A 14 4.80 8.25 8.39
CA GLY A 14 3.56 8.00 7.65
C GLY A 14 3.47 8.88 6.44
N PHE A 15 3.22 8.29 5.29
CA PHE A 15 3.15 9.05 4.05
C PHE A 15 1.72 9.17 3.56
N TRP A 16 1.44 10.31 2.93
CA TRP A 16 0.13 10.58 2.39
C TRP A 16 0.19 10.59 0.87
N ALA A 17 -0.66 9.78 0.25
CA ALA A 17 -0.70 9.70 -1.20
C ALA A 17 -2.10 9.93 -1.69
N TYR A 18 -2.20 10.34 -2.94
CA TYR A 18 -3.50 10.63 -3.51
C TYR A 18 -3.74 9.88 -4.81
N GLY A 19 -5.02 9.76 -5.16
CA GLY A 19 -5.40 9.05 -6.37
C GLY A 19 -6.10 9.90 -7.36
N HIS A 20 -6.73 9.18 -8.23
CA HIS A 20 -7.47 9.72 -9.30
C HIS A 20 -8.75 8.91 -9.48
N ASP A 21 -8.95 7.95 -8.58
CA ASP A 21 -10.14 7.08 -8.63
C ASP A 21 -10.19 6.12 -7.46
N LEU A 22 -9.72 6.59 -6.31
CA LEU A 22 -9.70 5.79 -5.07
C LEU A 22 -8.72 4.63 -5.16
N GLU A 23 -8.90 3.78 -6.15
CA GLU A 23 -8.00 2.63 -6.31
C GLU A 23 -6.58 3.12 -6.58
N GLU A 24 -6.48 4.27 -7.24
CA GLU A 24 -5.20 4.87 -7.57
C GLU A 24 -4.37 5.14 -6.32
N VAL A 25 -5.00 5.67 -5.27
CA VAL A 25 -4.28 5.97 -4.04
C VAL A 25 -3.96 4.69 -3.26
N PHE A 26 -4.90 3.75 -3.27
CA PHE A 26 -4.70 2.49 -2.56
C PHE A 26 -3.42 1.81 -3.03
N GLU A 27 -3.18 1.83 -4.34
CA GLU A 27 -1.98 1.24 -4.92
C GLU A 27 -0.75 1.89 -4.29
N ASN A 28 -0.85 3.20 -4.04
CA ASN A 28 0.24 3.95 -3.44
C ASN A 28 0.44 3.57 -1.98
N ALA A 29 -0.62 3.11 -1.34
CA ALA A 29 -0.56 2.71 0.07
C ALA A 29 0.57 1.71 0.29
N ALA A 30 0.71 0.76 -0.63
CA ALA A 30 1.75 -0.25 -0.54
C ALA A 30 3.02 0.21 -1.26
N LEU A 31 2.86 1.15 -2.19
CA LEU A 31 3.98 1.67 -2.95
C LEU A 31 4.79 2.68 -2.13
N ALA A 32 4.08 3.47 -1.33
CA ALA A 32 4.73 4.47 -0.48
C ALA A 32 5.74 3.82 0.45
N MET A 33 5.30 2.75 1.13
CA MET A 33 6.16 2.03 2.06
C MET A 33 7.21 1.23 1.32
N PHE A 34 6.84 0.69 0.16
CA PHE A 34 7.76 -0.10 -0.64
C PHE A 34 8.82 0.78 -1.29
N GLU A 35 8.42 1.98 -1.69
CA GLU A 35 9.33 2.93 -2.34
C GLU A 35 10.50 3.25 -1.41
N VAL A 36 10.22 3.27 -0.11
CA VAL A 36 11.24 3.58 0.89
C VAL A 36 11.98 2.31 1.31
N MET A 37 11.28 1.18 1.29
CA MET A 37 11.86 -0.10 1.67
C MET A 37 12.71 -0.67 0.53
N THR A 38 12.33 -0.35 -0.70
CA THR A 38 13.05 -0.83 -1.88
C THR A 38 12.73 0.03 -3.10
N ASP A 39 13.15 -0.44 -4.26
CA ASP A 39 12.90 0.28 -5.51
C ASP A 39 12.10 -0.57 -6.50
N THR A 40 10.80 -0.34 -6.55
CA THR A 40 9.93 -1.09 -7.45
C THR A 40 10.14 -0.67 -8.90
N SER A 41 10.68 0.53 -9.10
CA SER A 41 10.95 1.04 -10.44
C SER A 41 11.70 0.00 -11.28
N LEU A 42 12.38 -0.92 -10.61
CA LEU A 42 13.13 -1.97 -11.30
C LEU A 42 12.41 -3.30 -11.19
N VAL A 43 11.09 -3.26 -11.30
CA VAL A 43 10.28 -4.48 -11.21
C VAL A 43 10.05 -5.08 -12.59
N GLU A 44 10.60 -6.27 -12.80
CA GLU A 44 10.45 -6.97 -14.07
C GLU A 44 9.20 -7.84 -14.09
N ALA A 45 8.54 -7.96 -12.94
CA ALA A 45 7.33 -8.77 -12.84
C ALA A 45 7.64 -10.24 -13.09
N ALA A 46 7.70 -11.03 -12.03
CA ALA A 46 8.00 -12.45 -12.12
C ALA A 46 6.77 -13.28 -11.78
N GLU A 47 5.83 -12.67 -11.07
CA GLU A 47 4.61 -13.35 -10.65
C GLU A 47 3.46 -12.38 -10.56
N GLU A 48 2.26 -12.92 -10.41
CA GLU A 48 1.07 -12.10 -10.28
C GLU A 48 0.09 -12.71 -9.29
N ARG A 49 -0.28 -11.94 -8.26
CA ARG A 49 -1.22 -12.42 -7.26
C ARG A 49 -2.45 -11.52 -7.21
N ARG A 50 -3.58 -12.09 -6.80
CA ARG A 50 -4.83 -11.34 -6.70
C ARG A 50 -5.41 -11.40 -5.30
N VAL A 51 -5.99 -10.29 -4.86
CA VAL A 51 -6.60 -10.22 -3.53
C VAL A 51 -7.98 -9.58 -3.61
N GLU A 52 -8.87 -9.99 -2.72
CA GLU A 52 -10.23 -9.45 -2.68
C GLU A 52 -10.54 -8.93 -1.29
N ILE A 53 -11.26 -7.83 -1.23
CA ILE A 53 -11.58 -7.23 0.06
C ILE A 53 -13.01 -6.71 0.11
N THR A 54 -13.56 -6.69 1.31
CA THR A 54 -14.91 -6.18 1.52
C THR A 54 -14.92 -5.02 2.51
N SER A 55 -15.26 -3.84 2.02
CA SER A 55 -15.31 -2.64 2.86
C SER A 55 -16.71 -2.04 2.83
N GLU A 56 -17.00 -1.16 3.78
CA GLU A 56 -18.32 -0.54 3.84
C GLU A 56 -18.24 0.84 4.49
N ASP A 57 -17.20 1.60 4.15
CA ASP A 57 -17.03 2.93 4.70
C ASP A 57 -15.81 3.65 4.11
N ARG A 58 -15.35 3.20 2.95
CA ARG A 58 -14.20 3.82 2.29
C ARG A 58 -12.94 3.69 3.14
N VAL A 59 -12.91 4.42 4.26
CA VAL A 59 -11.77 4.39 5.17
C VAL A 59 -11.44 2.96 5.59
N SER A 60 -12.47 2.19 5.93
CA SER A 60 -12.27 0.80 6.34
C SER A 60 -11.57 0.02 5.25
N LEU A 61 -11.93 0.30 4.00
CA LEU A 61 -11.32 -0.38 2.86
C LEU A 61 -9.80 -0.20 2.90
N LEU A 62 -9.37 1.00 3.33
CA LEU A 62 -7.96 1.32 3.43
C LEU A 62 -7.34 0.56 4.59
N TYR A 63 -8.05 0.55 5.71
CA TYR A 63 -7.57 -0.14 6.92
C TYR A 63 -7.38 -1.63 6.64
N ASP A 64 -8.26 -2.18 5.80
CA ASP A 64 -8.20 -3.59 5.46
C ASP A 64 -7.27 -3.83 4.26
N TRP A 65 -7.09 -2.79 3.44
CA TRP A 65 -6.23 -2.90 2.27
C TRP A 65 -4.80 -3.24 2.67
N LEU A 66 -4.23 -2.45 3.58
CA LEU A 66 -2.87 -2.68 4.03
C LEU A 66 -2.78 -3.89 4.94
N ASP A 67 -3.77 -4.06 5.82
CA ASP A 67 -3.79 -5.20 6.73
C ASP A 67 -3.61 -6.50 5.93
N GLU A 68 -4.14 -6.49 4.72
CA GLU A 68 -4.03 -7.64 3.83
C GLU A 68 -2.58 -7.81 3.39
N LEU A 69 -1.90 -6.68 3.20
CA LEU A 69 -0.50 -6.69 2.79
C LEU A 69 0.38 -7.16 3.94
N LEU A 70 -0.04 -6.86 5.16
CA LEU A 70 0.71 -7.24 6.36
C LEU A 70 0.95 -8.74 6.42
N PHE A 71 -0.12 -9.52 6.25
CA PHE A 71 -0.02 -10.98 6.31
C PHE A 71 0.70 -11.55 5.09
N ILE A 72 0.26 -11.17 3.90
CA ILE A 72 0.86 -11.65 2.66
C ILE A 72 2.37 -11.40 2.63
N HIS A 73 2.79 -10.28 3.23
CA HIS A 73 4.20 -9.92 3.25
C HIS A 73 5.06 -11.10 3.72
N ASP A 74 4.72 -11.68 4.86
CA ASP A 74 5.47 -12.81 5.38
C ASP A 74 5.17 -14.06 4.57
N THR A 75 3.96 -14.13 4.03
CA THR A 75 3.59 -15.26 3.19
C THR A 75 4.46 -15.27 1.95
N GLU A 76 5.06 -14.12 1.65
CA GLU A 76 5.94 -13.98 0.51
C GLU A 76 6.75 -12.70 0.60
N PHE A 77 7.68 -12.68 1.56
CA PHE A 77 8.53 -11.52 1.77
C PHE A 77 9.14 -11.06 0.46
N ILE A 78 8.47 -10.14 -0.21
CA ILE A 78 8.94 -9.62 -1.49
C ILE A 78 9.37 -8.17 -1.38
N LEU A 79 10.61 -7.90 -1.76
CA LEU A 79 11.18 -6.56 -1.70
C LEU A 79 10.26 -5.52 -2.33
N PHE A 80 10.33 -5.40 -3.66
CA PHE A 80 9.50 -4.43 -4.37
C PHE A 80 8.63 -5.11 -5.43
N SER A 81 7.41 -4.62 -5.58
CA SER A 81 6.47 -5.18 -6.54
C SER A 81 5.44 -4.14 -6.97
N LYS A 82 4.79 -4.38 -8.10
CA LYS A 82 3.77 -3.47 -8.61
C LYS A 82 2.44 -3.72 -7.90
N PHE A 83 1.68 -2.66 -7.66
CA PHE A 83 0.41 -2.78 -6.96
C PHE A 83 -0.74 -2.18 -7.76
N LYS A 84 -1.74 -3.02 -8.01
CA LYS A 84 -2.94 -2.61 -8.75
C LYS A 84 -4.17 -2.96 -7.92
N VAL A 85 -4.91 -1.95 -7.50
CA VAL A 85 -6.10 -2.17 -6.69
C VAL A 85 -7.37 -1.87 -7.46
N LYS A 86 -8.43 -2.58 -7.11
CA LYS A 86 -9.71 -2.43 -7.76
C LYS A 86 -10.81 -2.20 -6.73
N ILE A 87 -11.49 -1.06 -6.81
CA ILE A 87 -12.57 -0.77 -5.87
C ILE A 87 -13.93 -0.83 -6.56
N ASP A 88 -14.83 -1.66 -6.03
CA ASP A 88 -16.16 -1.80 -6.62
C ASP A 88 -17.25 -1.74 -5.55
N GLU A 89 -18.19 -0.82 -5.72
CA GLU A 89 -19.30 -0.70 -4.80
C GLU A 89 -20.30 -1.79 -5.08
N LYS A 90 -20.47 -2.69 -4.13
CA LYS A 90 -21.36 -3.80 -4.28
C LYS A 90 -22.80 -3.36 -4.14
N ASP A 91 -23.71 -4.32 -4.04
CA ASP A 91 -25.12 -4.02 -3.93
C ASP A 91 -25.44 -3.12 -2.73
N ASP A 92 -24.40 -2.63 -2.03
CA ASP A 92 -24.59 -1.76 -0.87
C ASP A 92 -23.27 -1.54 -0.15
N GLY A 93 -22.41 -2.56 -0.17
CA GLY A 93 -21.13 -2.46 0.48
C GLY A 93 -20.01 -2.12 -0.47
N LEU A 94 -18.80 -2.56 -0.14
CA LEU A 94 -17.64 -2.29 -0.96
C LEU A 94 -16.76 -3.53 -1.11
N HIS A 95 -16.35 -3.79 -2.35
CA HIS A 95 -15.48 -4.93 -2.63
C HIS A 95 -14.26 -4.47 -3.41
N LEU A 96 -13.08 -4.70 -2.85
CA LEU A 96 -11.84 -4.28 -3.50
C LEU A 96 -11.04 -5.48 -4.02
N THR A 97 -10.47 -5.30 -5.20
CA THR A 97 -9.65 -6.34 -5.82
C THR A 97 -8.25 -5.79 -6.11
N GLY A 98 -7.25 -6.41 -5.51
CA GLY A 98 -5.88 -5.96 -5.69
C GLY A 98 -4.99 -7.01 -6.33
N THR A 99 -4.01 -6.56 -7.10
CA THR A 99 -3.08 -7.45 -7.78
C THR A 99 -1.63 -7.04 -7.52
N ALA A 100 -0.75 -8.02 -7.37
CA ALA A 100 0.67 -7.73 -7.14
C ALA A 100 1.57 -8.63 -7.98
N MET A 101 2.53 -8.02 -8.65
CA MET A 101 3.48 -8.74 -9.51
C MET A 101 4.91 -8.31 -9.21
N GLY A 102 5.87 -9.18 -9.51
CA GLY A 102 7.26 -8.86 -9.25
C GLY A 102 7.67 -9.32 -7.87
N GLU A 103 7.12 -10.45 -7.46
CA GLU A 103 7.39 -11.03 -6.16
C GLU A 103 8.51 -12.07 -6.24
N GLU A 104 9.62 -11.78 -5.57
CA GLU A 104 10.78 -12.68 -5.54
C GLU A 104 11.89 -12.08 -4.69
N ILE A 105 11.99 -12.53 -3.45
CA ILE A 105 13.02 -12.03 -2.54
C ILE A 105 14.39 -12.56 -2.92
N LYS A 106 15.36 -11.65 -2.99
CA LYS A 106 16.73 -12.03 -3.35
C LYS A 106 17.67 -11.84 -2.17
N GLU A 107 18.78 -12.57 -2.17
CA GLU A 107 19.76 -12.49 -1.10
C GLU A 107 20.27 -11.05 -0.93
N GLY A 108 20.29 -10.31 -2.03
CA GLY A 108 20.74 -8.93 -1.99
C GLY A 108 19.64 -7.94 -2.33
N HIS A 109 18.56 -7.98 -1.56
CA HIS A 109 17.43 -7.09 -1.79
C HIS A 109 17.87 -5.63 -1.69
N GLU A 110 17.31 -4.78 -2.55
CA GLU A 110 17.65 -3.36 -2.57
C GLU A 110 17.38 -2.71 -1.20
N ARG A 111 18.43 -2.16 -0.60
CA ARG A 111 18.31 -1.51 0.69
C ARG A 111 18.44 0.00 0.56
N ARG A 112 17.32 0.70 0.61
CA ARG A 112 17.31 2.16 0.49
C ARG A 112 17.31 2.81 1.86
N ASP A 113 16.17 2.75 2.55
CA ASP A 113 16.04 3.34 3.87
C ASP A 113 15.85 2.25 4.93
N GLU A 114 16.14 2.59 6.18
CA GLU A 114 16.00 1.64 7.28
C GLU A 114 14.60 1.68 7.87
N VAL A 115 13.79 0.68 7.52
CA VAL A 115 12.43 0.58 8.03
C VAL A 115 12.28 -0.58 8.99
N LYS A 116 12.10 -0.27 10.26
CA LYS A 116 11.96 -1.29 11.29
C LYS A 116 10.68 -2.10 11.08
N ALA A 117 9.67 -1.49 10.46
CA ALA A 117 8.41 -2.19 10.22
C ALA A 117 7.35 -1.23 9.69
N VAL A 118 6.12 -1.74 9.59
CA VAL A 118 5.01 -0.94 9.11
C VAL A 118 3.93 -0.81 10.18
N THR A 119 3.74 0.41 10.69
CA THR A 119 2.74 0.64 11.74
C THR A 119 1.62 1.55 11.25
N PHE A 120 0.46 0.95 10.97
CA PHE A 120 -0.71 1.68 10.51
C PHE A 120 -0.85 3.03 11.20
N HIS A 121 -0.44 4.10 10.51
CA HIS A 121 -0.54 5.46 11.08
C HIS A 121 -1.98 5.69 11.51
N MET A 122 -2.85 5.16 10.67
CA MET A 122 -4.29 5.25 10.83
C MET A 122 -4.93 4.55 9.65
N MET A 123 -4.27 4.64 8.49
CA MET A 123 -4.74 4.00 7.28
C MET A 123 -6.18 4.43 6.99
N GLU A 124 -6.36 5.73 6.90
CA GLU A 124 -7.68 6.29 6.62
C GLU A 124 -7.66 7.05 5.31
N ILE A 125 -8.67 6.82 4.49
CA ILE A 125 -8.75 7.49 3.20
C ILE A 125 -9.63 8.72 3.28
N LEU A 126 -9.00 9.89 3.14
CA LEU A 126 -9.72 11.15 3.18
C LEU A 126 -9.88 11.72 1.78
N ASP A 127 -11.07 12.22 1.45
CA ASP A 127 -11.31 12.78 0.13
C ASP A 127 -11.39 14.30 0.17
N GLU A 128 -10.52 14.96 -0.57
CA GLU A 128 -10.50 16.41 -0.65
C GLU A 128 -10.62 16.89 -2.09
N ASP A 129 -11.57 17.77 -2.36
CA ASP A 129 -11.76 18.29 -3.72
C ASP A 129 -12.02 17.15 -4.70
N GLY A 130 -12.47 16.02 -4.18
CA GLY A 130 -12.74 14.87 -5.02
C GLY A 130 -11.52 13.97 -5.12
N LEU A 131 -10.44 14.36 -4.45
CA LEU A 131 -9.20 13.60 -4.45
C LEU A 131 -9.11 12.75 -3.19
N ILE A 132 -8.53 11.57 -3.29
CA ILE A 132 -8.40 10.68 -2.16
C ILE A 132 -7.02 10.74 -1.55
N LYS A 133 -6.96 10.63 -0.23
CA LYS A 133 -5.70 10.61 0.46
C LYS A 133 -5.68 9.51 1.52
N ALA A 134 -4.57 8.78 1.57
CA ALA A 134 -4.42 7.69 2.55
C ALA A 134 -3.14 7.89 3.37
N ARG A 135 -3.22 7.64 4.68
CA ARG A 135 -2.05 7.82 5.56
C ARG A 135 -1.55 6.53 6.21
N VAL A 136 -0.29 6.19 5.93
CA VAL A 136 0.33 4.98 6.51
C VAL A 136 1.72 5.25 7.13
N ILE A 137 1.80 5.06 8.46
CA ILE A 137 3.04 5.21 9.24
C ILE A 137 3.86 3.92 9.19
N LEU A 138 5.17 4.10 9.07
CA LEU A 138 6.11 3.00 9.01
C LEU A 138 7.20 3.22 10.03
N ASP A 139 7.80 2.17 10.53
CA ASP A 139 8.83 2.32 11.56
C ASP A 139 10.17 2.68 10.95
N LEU A 140 10.61 3.90 11.23
CA LEU A 140 11.88 4.43 10.74
C LEU A 140 12.04 5.90 11.14
N MET A 1 3.27 13.13 -10.87
CA MET A 1 4.71 13.26 -10.54
C MET A 1 5.11 12.28 -9.43
N LYS A 2 4.42 12.37 -8.30
CA LYS A 2 4.71 11.51 -7.17
C LYS A 2 3.41 10.94 -6.59
N GLY A 3 2.59 11.82 -6.03
CA GLY A 3 1.33 11.40 -5.45
C GLY A 3 1.50 10.83 -4.04
N PHE A 4 2.69 10.99 -3.47
CA PHE A 4 2.97 10.50 -2.13
C PHE A 4 3.85 11.49 -1.36
N GLU A 5 3.54 11.67 -0.08
CA GLU A 5 4.31 12.58 0.77
C GLU A 5 4.33 12.08 2.20
N PHE A 6 5.52 12.02 2.79
CA PHE A 6 5.67 11.55 4.17
C PHE A 6 6.06 12.67 5.11
N PHE A 7 5.60 12.60 6.36
CA PHE A 7 5.92 13.60 7.36
C PHE A 7 6.86 13.00 8.41
N ASP A 8 7.82 13.80 8.84
CA ASP A 8 8.81 13.35 9.82
C ASP A 8 8.24 13.21 11.23
N VAL A 9 8.05 11.97 11.66
CA VAL A 9 7.54 11.69 12.99
C VAL A 9 8.65 11.17 13.88
N THR A 10 8.53 11.42 15.18
CA THR A 10 9.54 10.95 16.11
C THR A 10 9.17 9.57 16.64
N ALA A 11 9.87 8.53 16.14
CA ALA A 11 9.63 7.14 16.52
C ALA A 11 9.01 6.39 15.34
N ASP A 12 8.03 7.02 14.73
CA ASP A 12 7.33 6.47 13.58
C ASP A 12 7.48 7.38 12.37
N ALA A 13 7.07 6.87 11.22
CA ALA A 13 7.12 7.62 9.98
C ALA A 13 5.94 7.23 9.10
N GLY A 14 5.12 8.22 8.75
CA GLY A 14 3.96 7.93 7.93
C GLY A 14 3.99 8.64 6.59
N PHE A 15 3.63 7.91 5.54
CA PHE A 15 3.60 8.45 4.21
C PHE A 15 2.17 8.69 3.77
N TRP A 16 1.98 9.61 2.85
CA TRP A 16 0.65 9.92 2.35
C TRP A 16 0.49 9.46 0.92
N ALA A 17 -0.68 8.92 0.60
CA ALA A 17 -0.96 8.45 -0.75
C ALA A 17 -2.12 9.19 -1.32
N TYR A 18 -1.96 9.56 -2.58
CA TYR A 18 -2.97 10.34 -3.26
C TYR A 18 -3.62 9.54 -4.39
N GLY A 19 -4.86 9.90 -4.68
CA GLY A 19 -5.59 9.22 -5.74
C GLY A 19 -6.21 10.14 -6.71
N HIS A 20 -6.97 9.50 -7.55
CA HIS A 20 -7.66 10.15 -8.60
C HIS A 20 -8.99 9.45 -8.87
N ASP A 21 -9.27 8.39 -8.12
CA ASP A 21 -10.52 7.63 -8.31
C ASP A 21 -10.64 6.48 -7.31
N LEU A 22 -10.12 6.69 -6.09
CA LEU A 22 -10.17 5.67 -5.05
C LEU A 22 -9.20 4.54 -5.34
N GLU A 23 -9.35 3.91 -6.50
CA GLU A 23 -8.47 2.82 -6.89
C GLU A 23 -7.02 3.28 -6.90
N GLU A 24 -6.84 4.56 -7.22
CA GLU A 24 -5.52 5.17 -7.31
C GLU A 24 -4.83 5.24 -5.94
N VAL A 25 -5.54 5.71 -4.92
CA VAL A 25 -4.96 5.82 -3.57
C VAL A 25 -4.55 4.46 -3.03
N PHE A 26 -5.47 3.50 -3.03
CA PHE A 26 -5.19 2.16 -2.54
C PHE A 26 -3.90 1.63 -3.15
N GLU A 27 -3.69 1.96 -4.42
CA GLU A 27 -2.50 1.55 -5.14
C GLU A 27 -1.29 2.31 -4.60
N ASN A 28 -1.49 3.59 -4.34
CA ASN A 28 -0.45 4.45 -3.82
C ASN A 28 -0.12 4.10 -2.36
N ALA A 29 -1.10 3.55 -1.65
CA ALA A 29 -0.92 3.17 -0.25
C ALA A 29 0.30 2.29 -0.07
N ALA A 30 0.40 1.24 -0.89
CA ALA A 30 1.53 0.33 -0.82
C ALA A 30 2.79 0.98 -1.37
N LEU A 31 2.61 1.91 -2.30
CA LEU A 31 3.74 2.61 -2.91
C LEU A 31 4.64 3.24 -1.85
N ALA A 32 4.05 3.66 -0.73
CA ALA A 32 4.81 4.28 0.34
C ALA A 32 5.75 3.28 1.02
N MET A 33 5.18 2.16 1.46
CA MET A 33 5.95 1.12 2.15
C MET A 33 6.86 0.36 1.18
N PHE A 34 6.34 0.05 0.01
CA PHE A 34 7.12 -0.72 -0.98
C PHE A 34 8.31 0.09 -1.50
N GLU A 35 8.14 1.42 -1.59
CA GLU A 35 9.21 2.28 -2.08
C GLU A 35 10.40 2.27 -1.12
N VAL A 36 10.11 2.09 0.16
CA VAL A 36 11.16 2.06 1.18
C VAL A 36 11.53 0.65 1.58
N MET A 37 10.54 -0.23 1.61
CA MET A 37 10.76 -1.62 1.98
C MET A 37 11.83 -2.27 1.10
N THR A 38 12.06 -1.70 -0.08
CA THR A 38 13.05 -2.23 -1.00
C THR A 38 13.05 -1.45 -2.31
N ASP A 39 14.07 -1.72 -3.14
CA ASP A 39 14.19 -1.05 -4.44
C ASP A 39 13.61 -1.93 -5.54
N THR A 40 12.31 -1.78 -5.78
CA THR A 40 11.62 -2.56 -6.80
C THR A 40 12.00 -2.09 -8.21
N SER A 41 12.48 -0.87 -8.31
CA SER A 41 12.86 -0.30 -9.61
C SER A 41 14.00 -1.08 -10.25
N LEU A 42 13.67 -2.24 -10.81
CA LEU A 42 14.65 -3.10 -11.49
C LEU A 42 14.06 -4.47 -11.85
N VAL A 43 12.85 -4.75 -11.36
CA VAL A 43 12.18 -6.02 -11.64
C VAL A 43 10.89 -5.79 -12.44
N GLU A 44 10.69 -6.61 -13.46
CA GLU A 44 9.51 -6.50 -14.31
C GLU A 44 8.28 -7.13 -13.65
N ALA A 45 8.17 -8.45 -13.77
CA ALA A 45 7.05 -9.19 -13.19
C ALA A 45 7.16 -10.68 -13.49
N ALA A 46 7.60 -11.45 -12.51
CA ALA A 46 7.76 -12.89 -12.68
C ALA A 46 6.65 -13.67 -11.99
N GLU A 47 5.76 -12.97 -11.30
CA GLU A 47 4.68 -13.62 -10.57
C GLU A 47 3.44 -12.75 -10.52
N GLU A 48 2.33 -13.35 -10.10
CA GLU A 48 1.09 -12.60 -9.96
C GLU A 48 0.30 -13.05 -8.74
N ARG A 49 -0.32 -12.09 -8.06
CA ARG A 49 -1.12 -12.38 -6.88
C ARG A 49 -2.36 -11.49 -6.86
N ARG A 50 -3.48 -12.06 -6.42
CA ARG A 50 -4.73 -11.29 -6.36
C ARG A 50 -5.27 -11.21 -4.94
N VAL A 51 -5.84 -10.05 -4.60
CA VAL A 51 -6.39 -9.83 -3.28
C VAL A 51 -7.80 -9.24 -3.36
N GLU A 52 -8.66 -9.64 -2.43
CA GLU A 52 -10.03 -9.15 -2.39
C GLU A 52 -10.35 -8.57 -1.03
N ILE A 53 -11.06 -7.46 -1.01
CA ILE A 53 -11.39 -6.81 0.26
C ILE A 53 -12.81 -6.28 0.27
N THR A 54 -13.41 -6.21 1.46
CA THR A 54 -14.77 -5.70 1.61
C THR A 54 -14.79 -4.51 2.57
N SER A 55 -15.13 -3.34 2.03
CA SER A 55 -15.21 -2.13 2.82
C SER A 55 -16.61 -1.53 2.74
N GLU A 56 -16.93 -0.63 3.65
CA GLU A 56 -18.24 -0.01 3.66
C GLU A 56 -18.17 1.46 4.02
N ASP A 57 -17.05 2.11 3.68
CA ASP A 57 -16.88 3.51 3.98
C ASP A 57 -15.58 4.07 3.40
N ARG A 58 -15.10 3.45 2.33
CA ARG A 58 -13.86 3.89 1.68
C ARG A 58 -12.66 3.74 2.61
N VAL A 59 -12.62 4.53 3.67
CA VAL A 59 -11.52 4.49 4.62
C VAL A 59 -11.28 3.08 5.16
N SER A 60 -12.36 2.38 5.47
CA SER A 60 -12.26 1.03 5.99
C SER A 60 -11.46 0.13 5.04
N LEU A 61 -11.68 0.29 3.74
CA LEU A 61 -10.95 -0.50 2.75
C LEU A 61 -9.46 -0.36 2.98
N LEU A 62 -8.98 0.88 3.03
CA LEU A 62 -7.56 1.13 3.26
C LEU A 62 -7.09 0.39 4.51
N TYR A 63 -7.92 0.41 5.54
CA TYR A 63 -7.61 -0.26 6.80
C TYR A 63 -7.31 -1.73 6.58
N ASP A 64 -8.00 -2.34 5.63
CA ASP A 64 -7.81 -3.75 5.33
C ASP A 64 -6.87 -3.95 4.15
N TRP A 65 -6.80 -2.96 3.27
CA TRP A 65 -5.94 -3.03 2.10
C TRP A 65 -4.48 -3.21 2.50
N LEU A 66 -4.00 -2.34 3.37
CA LEU A 66 -2.62 -2.40 3.82
C LEU A 66 -2.41 -3.58 4.75
N ASP A 67 -3.33 -3.78 5.69
CA ASP A 67 -3.22 -4.91 6.61
C ASP A 67 -3.01 -6.20 5.83
N GLU A 68 -3.61 -6.25 4.64
CA GLU A 68 -3.48 -7.41 3.77
C GLU A 68 -2.04 -7.51 3.27
N LEU A 69 -1.45 -6.34 3.00
CA LEU A 69 -0.07 -6.28 2.52
C LEU A 69 0.90 -6.68 3.62
N LEU A 70 0.53 -6.37 4.86
CA LEU A 70 1.36 -6.67 6.02
C LEU A 70 1.66 -8.17 6.12
N PHE A 71 0.62 -8.99 6.05
CA PHE A 71 0.77 -10.44 6.14
C PHE A 71 1.42 -11.03 4.90
N ILE A 72 0.87 -10.71 3.73
CA ILE A 72 1.41 -11.21 2.47
C ILE A 72 2.90 -10.92 2.33
N HIS A 73 3.34 -9.78 2.85
CA HIS A 73 4.75 -9.39 2.76
C HIS A 73 5.66 -10.51 3.22
N ASP A 74 5.40 -11.03 4.42
CA ASP A 74 6.20 -12.12 4.96
C ASP A 74 5.88 -13.41 4.25
N THR A 75 4.65 -13.53 3.78
CA THR A 75 4.24 -14.72 3.05
C THR A 75 5.06 -14.84 1.76
N GLU A 76 5.67 -13.72 1.37
CA GLU A 76 6.50 -13.69 0.19
C GLU A 76 7.29 -12.40 0.11
N PHE A 77 8.20 -12.22 1.08
CA PHE A 77 9.05 -11.03 1.11
C PHE A 77 9.80 -10.88 -0.21
N ILE A 78 9.23 -10.10 -1.10
CA ILE A 78 9.82 -9.87 -2.42
C ILE A 78 10.33 -8.44 -2.58
N LEU A 79 11.45 -8.31 -3.28
CA LEU A 79 12.08 -7.01 -3.51
C LEU A 79 11.17 -6.07 -4.30
N PHE A 80 10.56 -6.58 -5.36
CA PHE A 80 9.69 -5.76 -6.21
C PHE A 80 8.27 -6.30 -6.25
N SER A 81 7.31 -5.39 -6.30
CA SER A 81 5.90 -5.76 -6.37
C SER A 81 5.09 -4.67 -7.05
N LYS A 82 4.26 -5.07 -8.02
CA LYS A 82 3.41 -4.13 -8.74
C LYS A 82 2.07 -4.02 -8.04
N PHE A 83 1.42 -2.86 -8.14
CA PHE A 83 0.13 -2.67 -7.49
C PHE A 83 -0.96 -2.25 -8.48
N LYS A 84 -2.00 -3.06 -8.51
CA LYS A 84 -3.16 -2.80 -9.35
C LYS A 84 -4.39 -2.99 -8.48
N VAL A 85 -5.15 -1.92 -8.25
CA VAL A 85 -6.32 -2.01 -7.39
C VAL A 85 -7.63 -1.88 -8.16
N LYS A 86 -8.64 -2.56 -7.63
CA LYS A 86 -9.96 -2.59 -8.20
C LYS A 86 -11.00 -2.29 -7.13
N ILE A 87 -12.02 -1.51 -7.47
CA ILE A 87 -13.08 -1.21 -6.50
C ILE A 87 -14.43 -1.60 -7.06
N ASP A 88 -15.15 -2.44 -6.32
CA ASP A 88 -16.46 -2.91 -6.75
C ASP A 88 -17.48 -2.83 -5.62
N GLU A 89 -18.57 -2.11 -5.86
CA GLU A 89 -19.62 -1.99 -4.87
C GLU A 89 -20.74 -2.97 -5.18
N LYS A 90 -20.90 -3.93 -4.29
CA LYS A 90 -21.92 -4.96 -4.44
C LYS A 90 -22.89 -4.93 -3.27
N ASP A 91 -23.73 -5.96 -3.18
CA ASP A 91 -24.71 -6.05 -2.10
C ASP A 91 -24.02 -6.20 -0.74
N ASP A 92 -22.70 -6.03 -0.70
CA ASP A 92 -21.97 -6.13 0.55
C ASP A 92 -21.23 -4.83 0.83
N GLY A 93 -21.90 -3.72 0.53
CA GLY A 93 -21.29 -2.42 0.73
C GLY A 93 -20.32 -2.10 -0.39
N LEU A 94 -19.05 -2.21 -0.10
CA LEU A 94 -18.01 -1.93 -1.09
C LEU A 94 -16.91 -3.00 -1.02
N HIS A 95 -16.40 -3.39 -2.18
CA HIS A 95 -15.34 -4.41 -2.25
C HIS A 95 -14.16 -3.91 -3.08
N LEU A 96 -12.95 -4.29 -2.68
CA LEU A 96 -11.75 -3.88 -3.39
C LEU A 96 -10.96 -5.10 -3.88
N THR A 97 -10.45 -5.02 -5.10
CA THR A 97 -9.67 -6.12 -5.67
C THR A 97 -8.30 -5.60 -6.13
N GLY A 98 -7.26 -6.16 -5.55
CA GLY A 98 -5.91 -5.73 -5.89
C GLY A 98 -5.04 -6.86 -6.42
N THR A 99 -4.11 -6.52 -7.31
CA THR A 99 -3.21 -7.49 -7.92
C THR A 99 -1.75 -7.12 -7.70
N ALA A 100 -0.91 -8.13 -7.48
CA ALA A 100 0.52 -7.90 -7.28
C ALA A 100 1.36 -8.88 -8.09
N MET A 101 2.36 -8.37 -8.79
CA MET A 101 3.24 -9.20 -9.61
C MET A 101 4.71 -8.91 -9.32
N GLY A 102 5.56 -9.89 -9.58
CA GLY A 102 6.98 -9.71 -9.33
C GLY A 102 7.43 -10.44 -8.09
N GLU A 103 7.27 -11.76 -8.10
CA GLU A 103 7.65 -12.58 -6.96
C GLU A 103 9.06 -13.14 -7.15
N GLU A 104 9.98 -12.73 -6.28
CA GLU A 104 11.37 -13.19 -6.34
C GLU A 104 12.25 -12.35 -5.42
N ILE A 105 12.53 -12.87 -4.22
CA ILE A 105 13.36 -12.16 -3.26
C ILE A 105 14.83 -12.48 -3.49
N LYS A 106 15.64 -11.43 -3.60
CA LYS A 106 17.07 -11.59 -3.83
C LYS A 106 17.84 -11.60 -2.51
N GLU A 107 19.04 -12.19 -2.53
CA GLU A 107 19.87 -12.26 -1.34
C GLU A 107 20.20 -10.86 -0.82
N GLY A 108 20.75 -10.03 -1.70
CA GLY A 108 21.10 -8.68 -1.32
C GLY A 108 19.98 -7.71 -1.57
N HIS A 109 18.82 -7.97 -0.97
CA HIS A 109 17.66 -7.12 -1.13
C HIS A 109 17.96 -5.69 -0.67
N GLU A 110 18.09 -4.78 -1.63
CA GLU A 110 18.37 -3.38 -1.32
C GLU A 110 17.28 -2.79 -0.42
N ARG A 111 17.69 -2.31 0.75
CA ARG A 111 16.74 -1.71 1.69
C ARG A 111 16.91 -0.21 1.77
N ARG A 112 15.81 0.52 1.70
CA ARG A 112 15.84 1.98 1.77
C ARG A 112 15.69 2.45 3.22
N ASP A 113 14.47 2.38 3.73
CA ASP A 113 14.20 2.79 5.11
C ASP A 113 14.07 1.58 6.01
N GLU A 114 14.25 1.78 7.31
CA GLU A 114 14.15 0.68 8.27
C GLU A 114 13.01 0.91 9.25
N VAL A 115 11.97 0.08 9.14
CA VAL A 115 10.79 0.16 10.01
C VAL A 115 10.74 -1.06 10.92
N LYS A 116 10.94 -0.84 12.22
CA LYS A 116 10.92 -1.91 13.20
C LYS A 116 9.57 -2.59 13.28
N ALA A 117 8.50 -1.88 12.89
CA ALA A 117 7.16 -2.45 12.95
C ALA A 117 6.10 -1.54 12.36
N VAL A 118 4.89 -2.10 12.21
CA VAL A 118 3.75 -1.38 11.68
C VAL A 118 2.64 -1.33 12.74
N THR A 119 2.42 -0.14 13.30
CA THR A 119 1.41 0.04 14.34
C THR A 119 0.28 0.96 13.88
N PHE A 120 -0.96 0.50 14.07
CA PHE A 120 -2.17 1.26 13.69
C PHE A 120 -1.90 2.77 13.73
N HIS A 121 -1.38 3.26 12.62
CA HIS A 121 -1.04 4.68 12.47
C HIS A 121 -2.27 5.53 12.22
N MET A 122 -3.11 5.01 11.34
CA MET A 122 -4.36 5.64 10.93
C MET A 122 -4.87 4.83 9.76
N MET A 123 -4.03 4.76 8.72
CA MET A 123 -4.34 3.96 7.55
C MET A 123 -5.79 4.13 7.10
N GLU A 124 -6.13 5.36 6.72
CA GLU A 124 -7.47 5.66 6.26
C GLU A 124 -7.41 6.64 5.10
N ILE A 125 -8.31 6.48 4.14
CA ILE A 125 -8.34 7.37 2.99
C ILE A 125 -9.35 8.49 3.16
N LEU A 126 -8.84 9.71 3.25
CA LEU A 126 -9.70 10.88 3.41
C LEU A 126 -9.81 11.63 2.09
N ASP A 127 -11.02 12.06 1.75
CA ASP A 127 -11.23 12.77 0.49
C ASP A 127 -11.35 14.27 0.70
N GLU A 128 -10.47 15.01 0.02
CA GLU A 128 -10.48 16.46 0.11
C GLU A 128 -10.59 17.07 -1.29
N ASP A 129 -11.56 17.97 -1.48
CA ASP A 129 -11.74 18.61 -2.78
C ASP A 129 -12.02 17.58 -3.86
N GLY A 130 -12.46 16.40 -3.45
CA GLY A 130 -12.73 15.33 -4.39
C GLY A 130 -11.51 14.46 -4.63
N LEU A 131 -10.41 14.77 -3.94
CA LEU A 131 -9.18 14.01 -4.07
C LEU A 131 -9.03 13.05 -2.89
N ILE A 132 -8.46 11.88 -3.15
CA ILE A 132 -8.28 10.88 -2.10
C ILE A 132 -6.86 10.87 -1.58
N LYS A 133 -6.73 10.79 -0.26
CA LYS A 133 -5.42 10.73 0.37
C LYS A 133 -5.40 9.63 1.45
N ALA A 134 -4.31 8.87 1.48
CA ALA A 134 -4.15 7.78 2.45
C ALA A 134 -3.00 8.10 3.42
N ARG A 135 -3.11 7.62 4.66
CA ARG A 135 -2.06 7.91 5.67
C ARG A 135 -1.54 6.67 6.37
N VAL A 136 -0.24 6.43 6.23
CA VAL A 136 0.41 5.32 6.91
C VAL A 136 1.68 5.74 7.66
N ILE A 137 1.62 5.64 8.99
CA ILE A 137 2.73 5.94 9.92
C ILE A 137 3.29 4.63 10.48
N LEU A 138 4.54 4.35 10.16
CA LEU A 138 5.18 3.12 10.60
C LEU A 138 6.19 3.37 11.72
N ASP A 139 6.39 2.35 12.54
CA ASP A 139 7.27 2.45 13.69
C ASP A 139 8.74 2.26 13.30
N LEU A 140 9.51 3.36 13.43
CA LEU A 140 10.94 3.39 13.12
C LEU A 140 11.31 2.45 11.99
N MET A 1 6.34 12.41 -9.56
CA MET A 1 4.97 12.90 -9.82
C MET A 1 3.94 11.81 -9.59
N LYS A 2 4.23 10.91 -8.66
CA LYS A 2 3.33 9.81 -8.34
C LYS A 2 2.20 10.29 -7.42
N GLY A 3 2.43 11.38 -6.71
CA GLY A 3 1.41 11.92 -5.82
C GLY A 3 1.59 11.45 -4.39
N PHE A 4 2.74 10.84 -4.10
CA PHE A 4 3.03 10.34 -2.76
C PHE A 4 4.01 11.27 -2.03
N GLU A 5 3.77 11.48 -0.74
CA GLU A 5 4.62 12.33 0.07
C GLU A 5 4.68 11.80 1.51
N PHE A 6 5.83 11.93 2.15
CA PHE A 6 6.00 11.44 3.51
C PHE A 6 6.25 12.58 4.50
N PHE A 7 5.77 12.40 5.73
CA PHE A 7 5.96 13.39 6.77
C PHE A 7 6.96 12.87 7.80
N ASP A 8 7.82 13.75 8.29
CA ASP A 8 8.85 13.37 9.25
C ASP A 8 8.32 13.21 10.67
N VAL A 9 8.07 11.97 11.06
CA VAL A 9 7.60 11.66 12.41
C VAL A 9 8.72 11.03 13.21
N THR A 10 8.68 11.23 14.52
CA THR A 10 9.70 10.65 15.39
C THR A 10 9.20 9.32 15.95
N ALA A 11 9.75 8.21 15.44
CA ALA A 11 9.36 6.85 15.87
C ALA A 11 8.62 6.16 14.74
N ASP A 12 7.73 6.91 14.11
CA ASP A 12 6.93 6.42 13.00
C ASP A 12 7.11 7.29 11.76
N ALA A 13 6.61 6.81 10.64
CA ALA A 13 6.66 7.54 9.39
C ALA A 13 5.44 7.19 8.55
N GLY A 14 4.61 8.18 8.23
CA GLY A 14 3.44 7.91 7.42
C GLY A 14 3.51 8.63 6.09
N PHE A 15 3.15 7.93 5.03
CA PHE A 15 3.18 8.51 3.71
C PHE A 15 1.78 8.82 3.22
N TRP A 16 1.67 9.87 2.43
CA TRP A 16 0.40 10.28 1.88
C TRP A 16 0.45 10.26 0.36
N ALA A 17 -0.48 9.53 -0.25
CA ALA A 17 -0.54 9.42 -1.70
C ALA A 17 -1.88 9.87 -2.19
N TYR A 18 -1.90 10.41 -3.39
CA TYR A 18 -3.12 10.92 -3.96
C TYR A 18 -3.56 10.09 -5.17
N GLY A 19 -4.87 9.99 -5.34
CA GLY A 19 -5.43 9.22 -6.43
C GLY A 19 -6.04 10.05 -7.48
N HIS A 20 -6.75 9.32 -8.28
CA HIS A 20 -7.43 9.84 -9.40
C HIS A 20 -8.73 9.07 -9.60
N ASP A 21 -9.04 8.17 -8.65
CA ASP A 21 -10.26 7.37 -8.74
C ASP A 21 -10.43 6.46 -7.52
N LEU A 22 -9.87 6.87 -6.39
CA LEU A 22 -9.97 6.12 -5.13
C LEU A 22 -9.07 4.90 -5.15
N GLU A 23 -9.22 4.04 -6.15
CA GLU A 23 -8.38 2.86 -6.25
C GLU A 23 -6.93 3.28 -6.44
N GLU A 24 -6.75 4.41 -7.11
CA GLU A 24 -5.43 4.96 -7.38
C GLU A 24 -4.63 5.19 -6.08
N VAL A 25 -5.30 5.69 -5.03
CA VAL A 25 -4.60 5.93 -3.77
C VAL A 25 -4.28 4.63 -3.05
N PHE A 26 -5.25 3.73 -3.01
CA PHE A 26 -5.07 2.44 -2.35
C PHE A 26 -3.78 1.77 -2.81
N GLU A 27 -3.57 1.78 -4.12
CA GLU A 27 -2.37 1.16 -4.70
C GLU A 27 -1.11 1.74 -4.06
N ASN A 28 -1.08 3.06 -3.91
CA ASN A 28 0.05 3.76 -3.31
C ASN A 28 0.14 3.47 -1.81
N ALA A 29 -1.00 3.18 -1.20
CA ALA A 29 -1.05 2.90 0.23
C ALA A 29 -0.06 1.80 0.62
N ALA A 30 0.27 0.95 -0.35
CA ALA A 30 1.21 -0.14 -0.11
C ALA A 30 2.58 0.19 -0.70
N LEU A 31 2.60 1.03 -1.73
CA LEU A 31 3.84 1.43 -2.38
C LEU A 31 4.71 2.27 -1.44
N ALA A 32 4.08 3.19 -0.72
CA ALA A 32 4.79 4.06 0.21
C ALA A 32 5.66 3.25 1.18
N MET A 33 5.05 2.26 1.81
CA MET A 33 5.77 1.42 2.77
C MET A 33 6.77 0.51 2.06
N PHE A 34 6.34 -0.14 0.99
CA PHE A 34 7.20 -1.03 0.23
C PHE A 34 8.39 -0.28 -0.34
N GLU A 35 8.17 0.99 -0.69
CA GLU A 35 9.24 1.83 -1.25
C GLU A 35 10.38 1.97 -0.25
N VAL A 36 10.03 2.11 1.02
CA VAL A 36 11.03 2.25 2.07
C VAL A 36 11.52 0.89 2.56
N MET A 37 10.59 -0.05 2.71
CA MET A 37 10.92 -1.39 3.17
C MET A 37 11.99 -2.02 2.27
N THR A 38 12.08 -1.54 1.03
CA THR A 38 13.04 -2.05 0.07
C THR A 38 12.78 -1.47 -1.32
N ASP A 39 13.85 -1.30 -2.10
CA ASP A 39 13.73 -0.76 -3.45
C ASP A 39 13.13 -1.79 -4.39
N THR A 40 11.80 -1.81 -4.46
CA THR A 40 11.08 -2.75 -5.31
C THR A 40 11.30 -2.41 -6.79
N SER A 41 11.55 -1.13 -7.07
CA SER A 41 11.76 -0.68 -8.44
C SER A 41 12.85 -1.51 -9.15
N LEU A 42 13.68 -2.19 -8.36
CA LEU A 42 14.75 -3.01 -8.92
C LEU A 42 14.20 -4.29 -9.55
N VAL A 43 12.91 -4.54 -9.34
CA VAL A 43 12.26 -5.74 -9.88
C VAL A 43 11.13 -5.37 -10.85
N GLU A 44 11.09 -6.05 -11.99
CA GLU A 44 10.07 -5.79 -13.01
C GLU A 44 8.74 -6.46 -12.65
N ALA A 45 8.64 -7.75 -12.92
CA ALA A 45 7.42 -8.51 -12.65
C ALA A 45 7.54 -9.93 -13.20
N ALA A 46 7.75 -10.89 -12.31
CA ALA A 46 7.91 -12.28 -12.70
C ALA A 46 6.61 -13.06 -12.54
N GLU A 47 5.79 -12.65 -11.57
CA GLU A 47 4.53 -13.34 -11.31
C GLU A 47 3.39 -12.35 -11.13
N GLU A 48 2.17 -12.87 -11.09
CA GLU A 48 0.99 -12.03 -10.90
C GLU A 48 -0.04 -12.73 -10.02
N ARG A 49 -0.48 -12.04 -8.98
CA ARG A 49 -1.47 -12.59 -8.05
C ARG A 49 -2.59 -11.58 -7.83
N ARG A 50 -3.79 -12.08 -7.56
CA ARG A 50 -4.94 -11.21 -7.33
C ARG A 50 -5.47 -11.34 -5.91
N VAL A 51 -5.90 -10.23 -5.36
CA VAL A 51 -6.44 -10.19 -4.00
C VAL A 51 -7.82 -9.57 -3.99
N GLU A 52 -8.67 -9.99 -3.06
CA GLU A 52 -10.02 -9.47 -2.95
C GLU A 52 -10.26 -8.96 -1.54
N ILE A 53 -11.02 -7.87 -1.43
CA ILE A 53 -11.31 -7.29 -0.13
C ILE A 53 -12.76 -6.82 -0.05
N THR A 54 -13.30 -6.81 1.17
CA THR A 54 -14.66 -6.37 1.39
C THR A 54 -14.69 -5.17 2.33
N SER A 55 -15.11 -4.03 1.80
CA SER A 55 -15.19 -2.80 2.58
C SER A 55 -16.62 -2.28 2.60
N GLU A 56 -16.91 -1.39 3.53
CA GLU A 56 -18.25 -0.82 3.63
C GLU A 56 -18.21 0.57 4.24
N ASP A 57 -17.06 1.24 4.13
CA ASP A 57 -16.90 2.58 4.68
C ASP A 57 -15.67 3.29 4.11
N ARG A 58 -15.13 2.77 3.00
CA ARG A 58 -13.96 3.38 2.36
C ARG A 58 -12.73 3.29 3.28
N VAL A 59 -12.77 4.00 4.40
CA VAL A 59 -11.67 4.02 5.35
C VAL A 59 -11.26 2.61 5.78
N SER A 60 -12.23 1.78 6.12
CA SER A 60 -11.96 0.42 6.55
C SER A 60 -11.19 -0.36 5.49
N LEU A 61 -11.48 -0.08 4.22
CA LEU A 61 -10.80 -0.77 3.14
C LEU A 61 -9.29 -0.65 3.27
N LEU A 62 -8.81 0.58 3.45
CA LEU A 62 -7.38 0.83 3.62
C LEU A 62 -6.83 0.03 4.80
N TYR A 63 -7.64 -0.06 5.85
CA TYR A 63 -7.24 -0.79 7.06
C TYR A 63 -6.98 -2.26 6.74
N ASP A 64 -7.75 -2.81 5.82
CA ASP A 64 -7.59 -4.22 5.43
C ASP A 64 -6.76 -4.37 4.17
N TRP A 65 -6.70 -3.31 3.36
CA TRP A 65 -5.95 -3.35 2.12
C TRP A 65 -4.46 -3.59 2.39
N LEU A 66 -3.89 -2.75 3.24
CA LEU A 66 -2.48 -2.85 3.59
C LEU A 66 -2.24 -4.05 4.50
N ASP A 67 -3.13 -4.25 5.47
CA ASP A 67 -2.99 -5.38 6.38
C ASP A 67 -2.81 -6.66 5.59
N GLU A 68 -3.45 -6.72 4.43
CA GLU A 68 -3.33 -7.88 3.56
C GLU A 68 -1.93 -7.96 2.98
N LEU A 69 -1.42 -6.82 2.53
CA LEU A 69 -0.08 -6.74 1.96
C LEU A 69 0.98 -6.88 3.05
N LEU A 70 0.66 -6.38 4.24
CA LEU A 70 1.58 -6.43 5.36
C LEU A 70 1.90 -7.86 5.78
N PHE A 71 0.86 -8.66 6.00
CA PHE A 71 1.03 -10.05 6.42
C PHE A 71 1.87 -10.84 5.42
N ILE A 72 1.49 -10.79 4.15
CA ILE A 72 2.21 -11.51 3.10
C ILE A 72 3.63 -10.99 2.94
N HIS A 73 3.79 -9.67 2.92
CA HIS A 73 5.10 -9.06 2.76
C HIS A 73 6.08 -9.63 3.79
N ASP A 74 5.66 -9.67 5.04
CA ASP A 74 6.50 -10.17 6.13
C ASP A 74 6.64 -11.69 6.09
N THR A 75 5.62 -12.39 5.58
CA THR A 75 5.68 -13.84 5.52
C THR A 75 6.79 -14.34 4.61
N GLU A 76 7.51 -13.40 3.98
CA GLU A 76 8.60 -13.74 3.07
C GLU A 76 8.06 -14.14 1.72
N PHE A 77 7.10 -13.37 1.24
CA PHE A 77 6.48 -13.64 -0.06
C PHE A 77 7.27 -13.03 -1.20
N ILE A 78 7.14 -11.72 -1.39
CA ILE A 78 7.82 -11.03 -2.47
C ILE A 78 8.53 -9.76 -1.97
N LEU A 79 9.59 -9.39 -2.67
CA LEU A 79 10.36 -8.18 -2.32
C LEU A 79 9.76 -6.97 -3.02
N PHE A 80 9.37 -7.16 -4.28
CA PHE A 80 8.76 -6.10 -5.06
C PHE A 80 7.37 -6.50 -5.50
N SER A 81 6.46 -5.53 -5.55
CA SER A 81 5.10 -5.83 -5.97
C SER A 81 4.40 -4.61 -6.56
N LYS A 82 3.80 -4.81 -7.73
CA LYS A 82 3.05 -3.76 -8.38
C LYS A 82 1.63 -3.76 -7.83
N PHE A 83 1.15 -2.63 -7.38
CA PHE A 83 -0.18 -2.58 -6.78
C PHE A 83 -1.23 -1.96 -7.69
N LYS A 84 -2.26 -2.74 -7.95
CA LYS A 84 -3.40 -2.32 -8.75
C LYS A 84 -4.65 -2.70 -7.98
N VAL A 85 -5.42 -1.71 -7.54
CA VAL A 85 -6.62 -1.99 -6.76
C VAL A 85 -7.89 -1.64 -7.52
N LYS A 86 -8.95 -2.37 -7.21
CA LYS A 86 -10.23 -2.20 -7.87
C LYS A 86 -11.34 -1.99 -6.83
N ILE A 87 -12.00 -0.84 -6.87
CA ILE A 87 -13.08 -0.57 -5.92
C ILE A 87 -14.44 -0.64 -6.58
N ASP A 88 -15.43 -1.14 -5.85
CA ASP A 88 -16.79 -1.25 -6.37
C ASP A 88 -17.78 -0.68 -5.35
N GLU A 89 -18.55 0.33 -5.76
CA GLU A 89 -19.52 0.93 -4.87
C GLU A 89 -20.93 0.50 -5.24
N LYS A 90 -21.51 -0.26 -4.32
CA LYS A 90 -22.86 -0.77 -4.47
C LYS A 90 -23.62 -0.50 -3.19
N ASP A 91 -24.78 -1.13 -3.06
CA ASP A 91 -25.65 -1.00 -1.87
C ASP A 91 -25.04 -0.17 -0.73
N ASP A 92 -23.78 -0.42 -0.41
CA ASP A 92 -23.10 0.31 0.66
C ASP A 92 -21.79 -0.40 1.00
N GLY A 93 -21.84 -1.72 0.94
CA GLY A 93 -20.65 -2.51 1.22
C GLY A 93 -19.82 -2.70 -0.03
N LEU A 94 -18.77 -1.89 -0.16
CA LEU A 94 -17.91 -1.95 -1.34
C LEU A 94 -16.70 -2.86 -1.15
N HIS A 95 -16.54 -3.79 -2.09
CA HIS A 95 -15.42 -4.74 -2.06
C HIS A 95 -14.34 -4.29 -3.03
N LEU A 96 -13.08 -4.51 -2.64
CA LEU A 96 -11.95 -4.10 -3.47
C LEU A 96 -11.21 -5.28 -4.07
N THR A 97 -10.78 -5.11 -5.32
CA THR A 97 -10.03 -6.14 -6.02
C THR A 97 -8.65 -5.61 -6.39
N GLY A 98 -7.61 -6.24 -5.88
CA GLY A 98 -6.25 -5.78 -6.14
C GLY A 98 -5.36 -6.84 -6.78
N THR A 99 -4.42 -6.38 -7.59
CA THR A 99 -3.48 -7.26 -8.29
C THR A 99 -2.03 -6.98 -7.88
N ALA A 100 -1.23 -8.03 -7.78
CA ALA A 100 0.18 -7.88 -7.42
C ALA A 100 1.06 -8.75 -8.31
N MET A 101 2.14 -8.16 -8.82
CA MET A 101 3.07 -8.88 -9.69
C MET A 101 4.52 -8.68 -9.24
N GLY A 102 5.38 -9.63 -9.58
CA GLY A 102 6.77 -9.51 -9.18
C GLY A 102 7.06 -10.31 -7.93
N GLU A 103 6.75 -11.60 -7.98
CA GLU A 103 6.95 -12.47 -6.84
C GLU A 103 8.30 -13.17 -6.89
N GLU A 104 9.15 -12.85 -5.91
CA GLU A 104 10.50 -13.43 -5.82
C GLU A 104 11.29 -12.77 -4.70
N ILE A 105 10.85 -12.96 -3.46
CA ILE A 105 11.53 -12.38 -2.31
C ILE A 105 12.85 -13.09 -2.04
N LYS A 106 13.89 -12.31 -1.76
CA LYS A 106 15.21 -12.87 -1.47
C LYS A 106 15.69 -12.40 -0.10
N GLU A 107 16.37 -13.30 0.62
CA GLU A 107 16.89 -12.98 1.94
C GLU A 107 17.74 -11.71 1.90
N GLY A 108 17.19 -10.62 2.43
CA GLY A 108 17.91 -9.35 2.43
C GLY A 108 18.14 -8.83 1.02
N HIS A 109 17.15 -8.99 0.16
CA HIS A 109 17.25 -8.54 -1.23
C HIS A 109 17.06 -7.02 -1.32
N GLU A 110 18.16 -6.32 -1.60
CA GLU A 110 18.12 -4.86 -1.72
C GLU A 110 17.66 -4.21 -0.42
N ARG A 111 18.55 -3.44 0.20
CA ARG A 111 18.24 -2.76 1.45
C ARG A 111 18.11 -1.25 1.23
N ARG A 112 17.10 -0.65 1.85
CA ARG A 112 16.86 0.78 1.73
C ARG A 112 16.47 1.38 3.08
N ASP A 113 15.31 1.00 3.58
CA ASP A 113 14.82 1.49 4.86
C ASP A 113 14.40 0.33 5.75
N GLU A 114 14.62 0.46 7.06
CA GLU A 114 14.29 -0.60 8.00
C GLU A 114 13.28 -0.11 9.05
N VAL A 115 12.03 -0.52 8.89
CA VAL A 115 10.97 -0.16 9.83
C VAL A 115 10.74 -1.31 10.81
N LYS A 116 10.89 -1.03 12.10
CA LYS A 116 10.71 -2.05 13.13
C LYS A 116 9.27 -2.53 13.22
N ALA A 117 8.35 -1.86 12.51
CA ALA A 117 6.95 -2.26 12.55
C ALA A 117 6.08 -1.36 11.66
N VAL A 118 4.86 -1.81 11.41
CA VAL A 118 3.91 -1.05 10.60
C VAL A 118 2.68 -0.67 11.42
N THR A 119 2.57 0.62 11.73
CA THR A 119 1.43 1.10 12.52
C THR A 119 0.57 2.06 11.70
N PHE A 120 -0.59 1.57 11.25
CA PHE A 120 -1.52 2.39 10.46
C PHE A 120 -1.66 3.80 11.05
N HIS A 121 -1.14 4.80 10.34
CA HIS A 121 -1.23 6.18 10.81
C HIS A 121 -2.69 6.50 11.06
N MET A 122 -3.47 6.03 10.11
CA MET A 122 -4.91 6.16 10.09
C MET A 122 -5.44 5.19 9.04
N MET A 123 -4.67 5.03 7.96
CA MET A 123 -5.03 4.12 6.90
C MET A 123 -6.43 4.41 6.44
N GLU A 124 -6.60 5.54 5.77
CA GLU A 124 -7.90 5.96 5.27
C GLU A 124 -7.73 6.94 4.13
N ILE A 125 -8.66 6.90 3.18
CA ILE A 125 -8.60 7.79 2.04
C ILE A 125 -9.48 9.02 2.25
N LEU A 126 -8.86 10.17 2.36
CA LEU A 126 -9.58 11.42 2.53
C LEU A 126 -9.63 12.18 1.21
N ASP A 127 -10.80 12.72 0.88
CA ASP A 127 -10.95 13.44 -0.39
C ASP A 127 -10.79 14.95 -0.21
N GLU A 128 -9.82 15.50 -0.93
CA GLU A 128 -9.57 16.94 -0.91
C GLU A 128 -9.61 17.51 -2.33
N ASP A 129 -10.41 18.54 -2.55
CA ASP A 129 -10.51 19.14 -3.88
C ASP A 129 -10.99 18.12 -4.90
N GLY A 130 -11.62 17.07 -4.42
CA GLY A 130 -12.09 16.01 -5.30
C GLY A 130 -11.02 14.96 -5.52
N LEU A 131 -9.87 15.18 -4.89
CA LEU A 131 -8.74 14.27 -4.99
C LEU A 131 -8.73 13.32 -3.79
N ILE A 132 -8.29 12.09 -4.00
CA ILE A 132 -8.23 11.11 -2.92
C ILE A 132 -6.84 10.98 -2.36
N LYS A 133 -6.74 10.93 -1.03
CA LYS A 133 -5.46 10.78 -0.39
C LYS A 133 -5.52 9.73 0.71
N ALA A 134 -4.50 8.88 0.77
CA ALA A 134 -4.41 7.82 1.78
C ALA A 134 -3.18 8.04 2.66
N ARG A 135 -3.27 7.73 3.96
CA ARG A 135 -2.13 7.95 4.87
C ARG A 135 -1.77 6.74 5.74
N VAL A 136 -0.52 6.26 5.61
CA VAL A 136 -0.04 5.13 6.40
C VAL A 136 1.30 5.38 7.12
N ILE A 137 1.27 5.37 8.45
CA ILE A 137 2.45 5.53 9.33
C ILE A 137 3.13 4.20 9.55
N LEU A 138 4.44 4.23 9.57
CA LEU A 138 5.25 3.04 9.76
C LEU A 138 6.25 3.26 10.87
N ASP A 139 6.63 2.20 11.56
CA ASP A 139 7.54 2.32 12.70
C ASP A 139 9.01 2.39 12.25
N LEU A 140 9.74 3.31 12.88
CA LEU A 140 11.15 3.52 12.59
C LEU A 140 11.90 2.22 12.36
N MET A 1 4.96 15.71 -2.03
CA MET A 1 4.67 16.25 -3.39
C MET A 1 4.73 15.14 -4.44
N LYS A 2 4.37 15.50 -5.67
CA LYS A 2 4.38 14.55 -6.77
C LYS A 2 3.40 13.41 -6.52
N GLY A 3 2.37 13.68 -5.73
CA GLY A 3 1.37 12.67 -5.43
C GLY A 3 1.64 11.92 -4.14
N PHE A 4 2.83 12.12 -3.57
CA PHE A 4 3.18 11.46 -2.31
C PHE A 4 3.98 12.38 -1.40
N GLU A 5 3.69 12.34 -0.11
CA GLU A 5 4.40 13.17 0.87
C GLU A 5 4.49 12.43 2.21
N PHE A 6 5.67 12.47 2.82
CA PHE A 6 5.88 11.77 4.09
C PHE A 6 6.15 12.74 5.24
N PHE A 7 5.70 12.37 6.44
CA PHE A 7 5.91 13.19 7.63
C PHE A 7 6.92 12.50 8.54
N ASP A 8 7.80 13.30 9.14
CA ASP A 8 8.85 12.75 10.01
C ASP A 8 8.36 12.51 11.44
N VAL A 9 8.12 11.24 11.77
CA VAL A 9 7.69 10.87 13.11
C VAL A 9 8.84 10.18 13.83
N THR A 10 8.86 10.31 15.16
CA THR A 10 9.90 9.67 15.94
C THR A 10 9.47 8.25 16.30
N ALA A 11 10.14 7.25 15.70
CA ALA A 11 9.82 5.84 15.92
C ALA A 11 9.10 5.29 14.71
N ASP A 12 8.15 6.07 14.23
CA ASP A 12 7.35 5.71 13.06
C ASP A 12 7.45 6.79 11.98
N ALA A 13 6.97 6.47 10.80
CA ALA A 13 6.95 7.39 9.69
C ALA A 13 5.75 7.09 8.80
N GLY A 14 4.85 8.06 8.62
CA GLY A 14 3.70 7.82 7.77
C GLY A 14 3.77 8.61 6.49
N PHE A 15 3.45 7.96 5.39
CA PHE A 15 3.50 8.60 4.09
C PHE A 15 2.11 8.91 3.59
N TRP A 16 2.03 9.88 2.69
CA TRP A 16 0.76 10.28 2.11
C TRP A 16 0.71 9.88 0.65
N ALA A 17 -0.37 9.25 0.25
CA ALA A 17 -0.55 8.83 -1.12
C ALA A 17 -1.75 9.48 -1.71
N TYR A 18 -1.68 9.71 -3.00
CA TYR A 18 -2.73 10.38 -3.71
C TYR A 18 -3.44 9.45 -4.68
N GLY A 19 -4.65 9.83 -5.05
CA GLY A 19 -5.44 9.00 -5.94
C GLY A 19 -5.66 9.59 -7.29
N HIS A 20 -6.47 8.86 -8.01
CA HIS A 20 -6.84 9.19 -9.36
C HIS A 20 -8.24 8.67 -9.68
N ASP A 21 -8.87 8.05 -8.68
CA ASP A 21 -10.21 7.50 -8.82
C ASP A 21 -10.52 6.54 -7.66
N LEU A 22 -10.05 6.92 -6.48
CA LEU A 22 -10.24 6.11 -5.27
C LEU A 22 -9.39 4.85 -5.32
N GLU A 23 -9.54 4.09 -6.39
CA GLU A 23 -8.76 2.87 -6.56
C GLU A 23 -7.28 3.18 -6.46
N GLU A 24 -6.88 4.27 -7.10
CA GLU A 24 -5.47 4.68 -7.12
C GLU A 24 -4.84 4.81 -5.73
N VAL A 25 -5.53 5.46 -4.79
CA VAL A 25 -4.97 5.65 -3.44
C VAL A 25 -4.72 4.32 -2.71
N PHE A 26 -5.66 3.39 -2.84
CA PHE A 26 -5.53 2.10 -2.16
C PHE A 26 -4.20 1.42 -2.51
N GLU A 27 -3.92 1.26 -3.78
CA GLU A 27 -2.69 0.62 -4.23
C GLU A 27 -1.50 1.52 -3.96
N ASN A 28 -1.71 2.83 -4.04
CA ASN A 28 -0.65 3.80 -3.79
C ASN A 28 -0.13 3.66 -2.36
N ALA A 29 -1.01 3.21 -1.46
CA ALA A 29 -0.64 3.02 -0.07
C ALA A 29 0.58 2.11 0.06
N ALA A 30 0.56 1.01 -0.69
CA ALA A 30 1.67 0.06 -0.67
C ALA A 30 2.91 0.68 -1.30
N LEU A 31 2.71 1.63 -2.20
CA LEU A 31 3.81 2.30 -2.88
C LEU A 31 4.74 2.98 -1.88
N ALA A 32 4.18 3.87 -1.05
CA ALA A 32 4.96 4.59 -0.05
C ALA A 32 5.72 3.62 0.85
N MET A 33 5.05 2.54 1.26
CA MET A 33 5.66 1.54 2.13
C MET A 33 6.72 0.73 1.39
N PHE A 34 6.38 0.24 0.21
CA PHE A 34 7.30 -0.56 -0.59
C PHE A 34 8.49 0.29 -1.05
N GLU A 35 8.21 1.51 -1.48
CA GLU A 35 9.26 2.41 -1.94
C GLU A 35 10.36 2.56 -0.91
N VAL A 36 9.99 2.44 0.37
CA VAL A 36 10.95 2.56 1.46
C VAL A 36 11.45 1.19 1.91
N MET A 37 10.54 0.22 1.95
CA MET A 37 10.89 -1.13 2.37
C MET A 37 11.97 -1.72 1.47
N THR A 38 11.88 -1.42 0.17
CA THR A 38 12.86 -1.91 -0.79
C THR A 38 12.53 -1.44 -2.21
N ASP A 39 13.26 -1.95 -3.19
CA ASP A 39 13.05 -1.58 -4.58
C ASP A 39 13.12 -2.80 -5.49
N THR A 40 12.34 -2.80 -6.56
CA THR A 40 12.32 -3.91 -7.51
C THR A 40 13.72 -4.13 -8.08
N SER A 41 14.40 -3.03 -8.39
CA SER A 41 15.76 -3.10 -8.95
C SER A 41 15.76 -3.66 -10.36
N LEU A 42 15.32 -4.91 -10.51
CA LEU A 42 15.29 -5.55 -11.82
C LEU A 42 14.16 -6.57 -11.93
N VAL A 43 13.04 -6.29 -11.26
CA VAL A 43 11.89 -7.19 -11.29
C VAL A 43 10.94 -6.82 -12.42
N GLU A 44 10.82 -7.72 -13.39
CA GLU A 44 9.94 -7.49 -14.55
C GLU A 44 8.57 -8.10 -14.32
N ALA A 45 8.26 -8.43 -13.07
CA ALA A 45 6.98 -9.04 -12.71
C ALA A 45 6.99 -10.54 -13.04
N ALA A 46 7.67 -11.31 -12.20
CA ALA A 46 7.77 -12.75 -12.39
C ALA A 46 6.51 -13.45 -11.90
N GLU A 47 6.04 -13.06 -10.73
CA GLU A 47 4.85 -13.66 -10.14
C GLU A 47 3.71 -12.65 -10.04
N GLU A 48 2.54 -13.13 -9.70
CA GLU A 48 1.37 -12.28 -9.55
C GLU A 48 0.51 -12.72 -8.37
N ARG A 49 -0.02 -11.75 -7.65
CA ARG A 49 -0.86 -12.04 -6.49
C ARG A 49 -2.09 -11.13 -6.45
N ARG A 50 -3.27 -11.73 -6.43
CA ARG A 50 -4.51 -10.97 -6.40
C ARG A 50 -5.16 -11.05 -5.01
N VAL A 51 -5.75 -9.94 -4.58
CA VAL A 51 -6.40 -9.88 -3.28
C VAL A 51 -7.81 -9.31 -3.39
N GLU A 52 -8.70 -9.81 -2.54
CA GLU A 52 -10.09 -9.33 -2.53
C GLU A 52 -10.47 -8.87 -1.13
N ILE A 53 -11.10 -7.71 -1.03
CA ILE A 53 -11.47 -7.17 0.26
C ILE A 53 -12.84 -6.53 0.25
N THR A 54 -13.55 -6.61 1.36
CA THR A 54 -14.87 -5.98 1.46
C THR A 54 -14.92 -4.98 2.61
N SER A 55 -15.04 -3.71 2.26
CA SER A 55 -15.15 -2.63 3.24
C SER A 55 -16.44 -1.85 3.03
N GLU A 56 -16.85 -1.07 4.01
CA GLU A 56 -18.08 -0.29 3.88
C GLU A 56 -17.91 1.10 4.49
N ASP A 57 -16.91 1.85 4.01
CA ASP A 57 -16.67 3.20 4.52
C ASP A 57 -15.49 3.87 3.83
N ARG A 58 -15.15 3.41 2.63
CA ARG A 58 -14.04 3.98 1.87
C ARG A 58 -12.72 3.83 2.64
N VAL A 59 -12.55 4.64 3.69
CA VAL A 59 -11.34 4.60 4.50
C VAL A 59 -11.07 3.19 5.02
N SER A 60 -12.14 2.52 5.45
CA SER A 60 -12.02 1.15 5.97
C SER A 60 -11.37 0.26 4.91
N LEU A 61 -11.77 0.44 3.66
CA LEU A 61 -11.21 -0.34 2.56
C LEU A 61 -9.68 -0.21 2.57
N LEU A 62 -9.20 0.96 2.95
CA LEU A 62 -7.77 1.22 3.03
C LEU A 62 -7.17 0.50 4.23
N TYR A 63 -7.81 0.65 5.39
CA TYR A 63 -7.35 0.02 6.62
C TYR A 63 -7.20 -1.49 6.44
N ASP A 64 -8.13 -2.09 5.72
CA ASP A 64 -8.11 -3.53 5.50
C ASP A 64 -7.26 -3.88 4.27
N TRP A 65 -6.94 -2.89 3.45
CA TRP A 65 -6.14 -3.11 2.26
C TRP A 65 -4.69 -3.38 2.61
N LEU A 66 -4.09 -2.47 3.38
CA LEU A 66 -2.70 -2.62 3.78
C LEU A 66 -2.53 -3.75 4.78
N ASP A 67 -3.44 -3.84 5.74
CA ASP A 67 -3.38 -4.90 6.75
C ASP A 67 -3.22 -6.25 6.06
N GLU A 68 -3.82 -6.38 4.89
CA GLU A 68 -3.73 -7.59 4.11
C GLU A 68 -2.30 -7.79 3.62
N LEU A 69 -1.68 -6.69 3.23
CA LEU A 69 -0.30 -6.70 2.75
C LEU A 69 0.65 -7.12 3.87
N LEU A 70 0.29 -6.75 5.10
CA LEU A 70 1.12 -7.08 6.25
C LEU A 70 1.41 -8.58 6.31
N PHE A 71 0.36 -9.38 6.25
CA PHE A 71 0.51 -10.83 6.29
C PHE A 71 1.12 -11.35 4.99
N ILE A 72 0.64 -10.83 3.87
CA ILE A 72 1.14 -11.24 2.56
C ILE A 72 2.63 -10.95 2.42
N HIS A 73 3.09 -9.87 3.03
CA HIS A 73 4.50 -9.49 2.97
C HIS A 73 5.40 -10.66 3.32
N ASP A 74 5.16 -11.29 4.46
CA ASP A 74 5.95 -12.44 4.89
C ASP A 74 5.59 -13.65 4.06
N THR A 75 4.33 -13.74 3.66
CA THR A 75 3.89 -14.84 2.83
C THR A 75 4.61 -14.77 1.50
N GLU A 76 5.15 -13.60 1.20
CA GLU A 76 5.89 -13.38 -0.02
C GLU A 76 6.71 -12.10 0.05
N PHE A 77 7.77 -12.15 0.84
CA PHE A 77 8.65 -10.99 1.01
C PHE A 77 9.23 -10.58 -0.33
N ILE A 78 8.55 -9.65 -0.99
CA ILE A 78 9.00 -9.17 -2.29
C ILE A 78 9.44 -7.70 -2.21
N LEU A 79 10.54 -7.38 -2.88
CA LEU A 79 11.06 -6.01 -2.88
C LEU A 79 10.00 -5.01 -3.34
N PHE A 80 9.89 -4.82 -4.64
CA PHE A 80 8.90 -3.89 -5.19
C PHE A 80 8.05 -4.59 -6.25
N SER A 81 6.84 -4.07 -6.45
CA SER A 81 5.92 -4.67 -7.41
C SER A 81 4.93 -3.64 -7.93
N LYS A 82 4.27 -3.97 -9.04
CA LYS A 82 3.30 -3.06 -9.65
C LYS A 82 1.97 -3.15 -8.91
N PHE A 83 1.35 -2.00 -8.69
CA PHE A 83 0.10 -1.92 -7.95
C PHE A 83 -1.10 -1.65 -8.85
N LYS A 84 -2.05 -2.57 -8.77
CA LYS A 84 -3.29 -2.49 -9.52
C LYS A 84 -4.44 -2.77 -8.56
N VAL A 85 -5.41 -1.86 -8.48
CA VAL A 85 -6.52 -2.01 -7.56
C VAL A 85 -7.87 -1.91 -8.24
N LYS A 86 -8.82 -2.61 -7.66
CA LYS A 86 -10.18 -2.67 -8.15
C LYS A 86 -11.17 -2.35 -7.05
N ILE A 87 -12.22 -1.59 -7.37
CA ILE A 87 -13.24 -1.25 -6.38
C ILE A 87 -14.62 -1.63 -6.90
N ASP A 88 -15.33 -2.46 -6.13
CA ASP A 88 -16.66 -2.90 -6.52
C ASP A 88 -17.63 -2.80 -5.34
N GLU A 89 -18.71 -2.06 -5.54
CA GLU A 89 -19.72 -1.91 -4.50
C GLU A 89 -20.84 -2.91 -4.73
N LYS A 90 -20.95 -3.83 -3.80
CA LYS A 90 -21.97 -4.88 -3.87
C LYS A 90 -22.88 -4.82 -2.66
N ASP A 91 -23.71 -5.84 -2.50
CA ASP A 91 -24.63 -5.91 -1.37
C ASP A 91 -23.88 -6.00 -0.04
N ASP A 92 -22.56 -5.82 -0.07
CA ASP A 92 -21.76 -5.89 1.15
C ASP A 92 -20.98 -4.59 1.32
N GLY A 93 -21.62 -3.47 0.99
CA GLY A 93 -20.97 -2.19 1.09
C GLY A 93 -20.06 -1.92 -0.08
N LEU A 94 -18.77 -2.07 0.14
CA LEU A 94 -17.78 -1.84 -0.90
C LEU A 94 -16.72 -2.94 -0.89
N HIS A 95 -16.19 -3.28 -2.07
CA HIS A 95 -15.17 -4.32 -2.20
C HIS A 95 -13.95 -3.82 -2.96
N LEU A 96 -12.76 -4.28 -2.56
CA LEU A 96 -11.52 -3.88 -3.21
C LEU A 96 -10.76 -5.10 -3.75
N THR A 97 -10.24 -4.97 -4.97
CA THR A 97 -9.47 -6.03 -5.58
C THR A 97 -8.11 -5.49 -6.00
N GLY A 98 -7.06 -6.07 -5.45
CA GLY A 98 -5.70 -5.61 -5.75
C GLY A 98 -4.80 -6.70 -6.31
N THR A 99 -3.87 -6.29 -7.17
CA THR A 99 -2.94 -7.22 -7.80
C THR A 99 -1.49 -6.77 -7.62
N ALA A 100 -0.59 -7.73 -7.41
CA ALA A 100 0.83 -7.43 -7.26
C ALA A 100 1.68 -8.46 -7.98
N MET A 101 2.66 -8.01 -8.76
CA MET A 101 3.55 -8.89 -9.51
C MET A 101 5.00 -8.50 -9.29
N GLY A 102 5.92 -9.46 -9.45
CA GLY A 102 7.32 -9.18 -9.27
C GLY A 102 7.83 -9.74 -7.96
N GLU A 103 7.61 -11.02 -7.75
CA GLU A 103 8.02 -11.68 -6.52
C GLU A 103 9.33 -12.44 -6.72
N GLU A 104 10.35 -12.03 -5.97
CA GLU A 104 11.67 -12.67 -6.04
C GLU A 104 12.67 -11.98 -5.12
N ILE A 105 12.63 -12.33 -3.83
CA ILE A 105 13.54 -11.74 -2.87
C ILE A 105 14.96 -12.26 -3.06
N LYS A 106 15.94 -11.37 -2.96
CA LYS A 106 17.34 -11.76 -3.13
C LYS A 106 18.10 -11.61 -1.81
N GLU A 107 19.04 -12.52 -1.56
CA GLU A 107 19.83 -12.49 -0.33
C GLU A 107 20.37 -11.08 -0.09
N GLY A 108 20.96 -10.50 -1.12
CA GLY A 108 21.50 -9.15 -0.99
C GLY A 108 20.52 -8.12 -1.51
N HIS A 109 19.31 -8.13 -0.97
CA HIS A 109 18.26 -7.20 -1.37
C HIS A 109 18.71 -5.75 -1.17
N GLU A 110 18.15 -4.85 -1.99
CA GLU A 110 18.47 -3.43 -1.91
C GLU A 110 17.99 -2.83 -0.60
N ARG A 111 18.87 -2.08 0.06
CA ARG A 111 18.52 -1.44 1.33
C ARG A 111 18.38 0.06 1.15
N ARG A 112 17.34 0.63 1.77
CA ARG A 112 17.09 2.06 1.69
C ARG A 112 16.94 2.68 3.08
N ASP A 113 15.91 2.24 3.80
CA ASP A 113 15.66 2.75 5.15
C ASP A 113 15.40 1.59 6.11
N GLU A 114 15.76 1.79 7.38
CA GLU A 114 15.56 0.77 8.40
C GLU A 114 14.17 0.87 9.01
N VAL A 115 13.29 -0.04 8.60
CA VAL A 115 11.92 -0.05 9.11
C VAL A 115 11.70 -1.22 10.07
N LYS A 116 11.48 -0.91 11.33
CA LYS A 116 11.26 -1.93 12.34
C LYS A 116 9.96 -2.69 12.09
N ALA A 117 9.02 -2.04 11.40
CA ALA A 117 7.74 -2.67 11.10
C ALA A 117 6.78 -1.69 10.41
N VAL A 118 5.56 -2.16 10.14
CA VAL A 118 4.54 -1.35 9.50
C VAL A 118 3.35 -1.15 10.44
N THR A 119 3.18 0.07 10.92
CA THR A 119 2.07 0.38 11.83
C THR A 119 1.11 1.38 11.19
N PHE A 120 -0.05 0.88 10.76
CA PHE A 120 -1.09 1.71 10.14
C PHE A 120 -1.23 3.04 10.87
N HIS A 121 -0.76 4.12 10.26
CA HIS A 121 -0.89 5.46 10.87
C HIS A 121 -2.36 5.70 11.16
N MET A 122 -3.14 5.22 10.22
CA MET A 122 -4.58 5.30 10.22
C MET A 122 -5.06 4.57 8.98
N MET A 123 -4.26 4.66 7.90
CA MET A 123 -4.57 3.99 6.66
C MET A 123 -5.98 4.30 6.23
N GLU A 124 -6.23 5.58 5.97
CA GLU A 124 -7.53 6.04 5.55
C GLU A 124 -7.40 6.97 4.37
N ILE A 125 -8.35 6.88 3.45
CA ILE A 125 -8.33 7.73 2.27
C ILE A 125 -9.21 8.95 2.46
N LEU A 126 -8.58 10.11 2.50
CA LEU A 126 -9.31 11.36 2.68
C LEU A 126 -9.41 12.10 1.36
N ASP A 127 -10.59 12.64 1.06
CA ASP A 127 -10.81 13.34 -0.19
C ASP A 127 -10.69 14.85 -0.03
N GLU A 128 -9.78 15.45 -0.79
CA GLU A 128 -9.57 16.89 -0.75
C GLU A 128 -9.72 17.49 -2.15
N ASP A 129 -10.68 18.38 -2.31
CA ASP A 129 -10.91 19.01 -3.62
C ASP A 129 -11.25 17.97 -4.67
N GLY A 130 -11.77 16.83 -4.22
CA GLY A 130 -12.12 15.75 -5.13
C GLY A 130 -10.98 14.77 -5.35
N LEU A 131 -9.86 15.02 -4.68
CA LEU A 131 -8.69 14.15 -4.79
C LEU A 131 -8.60 13.25 -3.57
N ILE A 132 -8.13 12.02 -3.77
CA ILE A 132 -8.00 11.06 -2.67
C ILE A 132 -6.57 10.97 -2.16
N LYS A 133 -6.43 10.95 -0.84
CA LYS A 133 -5.12 10.82 -0.22
C LYS A 133 -5.16 9.77 0.89
N ALA A 134 -4.12 8.94 0.96
CA ALA A 134 -4.03 7.90 1.98
C ALA A 134 -2.83 8.14 2.90
N ARG A 135 -2.96 7.74 4.17
CA ARG A 135 -1.87 7.94 5.15
C ARG A 135 -1.44 6.65 5.86
N VAL A 136 -0.16 6.29 5.70
CA VAL A 136 0.38 5.07 6.34
C VAL A 136 1.70 5.29 7.11
N ILE A 137 1.65 5.07 8.43
CA ILE A 137 2.82 5.16 9.33
C ILE A 137 3.57 3.84 9.35
N LEU A 138 4.89 3.95 9.38
CA LEU A 138 5.78 2.81 9.38
C LEU A 138 6.80 2.98 10.48
N ASP A 139 7.31 1.88 11.02
CA ASP A 139 8.25 2.00 12.14
C ASP A 139 9.66 2.30 11.64
N LEU A 140 10.13 3.50 11.97
CA LEU A 140 11.47 3.96 11.60
C LEU A 140 11.64 5.44 11.95
#